data_2LOW
#
_entry.id   2LOW
#
_entity_poly.entity_id   1
_entity_poly.type   'polypeptide(L)'
_entity_poly.pdbx_seq_one_letter_code
;MEEGGDFDNYYGADNQSECEYTDWKSSGALIPAIYMLVFLLGTTGNGLVLWTVFRKKGHHHHHH
;
_entity_poly.pdbx_strand_id   A
#
# COMPACT_ATOMS: atom_id res chain seq x y z
N MET A 1 -5.97 23.15 -5.12
CA MET A 1 -5.87 22.06 -6.13
C MET A 1 -4.43 21.90 -6.57
N GLU A 2 -3.59 22.86 -6.21
CA GLU A 2 -2.18 22.81 -6.57
C GLU A 2 -1.31 23.37 -5.44
N GLU A 3 -0.92 22.50 -4.52
CA GLU A 3 -0.09 22.93 -3.40
C GLU A 3 1.17 23.63 -3.90
N GLY A 4 1.80 24.40 -3.01
CA GLY A 4 3.01 25.13 -3.37
C GLY A 4 2.68 26.34 -4.24
N GLY A 5 2.88 27.53 -3.69
CA GLY A 5 2.60 28.76 -4.41
C GLY A 5 3.69 29.04 -5.45
N ASP A 6 4.01 28.03 -6.24
CA ASP A 6 5.04 28.18 -7.27
C ASP A 6 5.09 26.94 -8.16
N PHE A 7 3.97 26.62 -8.79
CA PHE A 7 3.90 25.45 -9.67
C PHE A 7 3.99 25.88 -11.13
N ASP A 8 5.00 25.37 -11.83
CA ASP A 8 5.18 25.71 -13.24
C ASP A 8 4.36 24.77 -14.12
N ASN A 9 4.35 23.49 -13.78
CA ASN A 9 3.60 22.51 -14.55
C ASN A 9 3.82 22.72 -16.04
N TYR A 10 3.04 22.01 -16.86
CA TYR A 10 3.15 22.12 -18.31
C TYR A 10 4.58 21.85 -18.77
N TYR A 11 4.75 20.78 -19.55
CA TYR A 11 6.07 20.42 -20.06
C TYR A 11 7.11 20.53 -18.95
N GLY A 12 6.72 20.11 -17.75
CA GLY A 12 7.63 20.17 -16.60
C GLY A 12 7.16 19.25 -15.49
N ALA A 13 5.84 19.06 -15.41
CA ALA A 13 5.27 18.20 -14.39
C ALA A 13 5.05 16.79 -14.93
N ASP A 14 4.89 16.69 -16.24
CA ASP A 14 4.68 15.40 -16.89
C ASP A 14 5.91 14.99 -17.68
N ASN A 15 6.78 15.95 -17.96
CA ASN A 15 7.99 15.68 -18.71
C ASN A 15 8.75 14.50 -18.11
N GLN A 16 8.46 14.21 -16.84
CA GLN A 16 9.12 13.11 -16.16
C GLN A 16 8.33 11.82 -16.35
N SER A 17 7.04 11.95 -16.60
CA SER A 17 6.18 10.79 -16.81
C SER A 17 6.29 10.28 -18.24
N GLU A 18 6.59 11.20 -19.15
CA GLU A 18 6.73 10.85 -20.56
C GLU A 18 7.70 9.69 -20.73
N CYS A 19 8.56 9.50 -19.74
CA CYS A 19 9.55 8.43 -19.78
C CYS A 19 8.97 7.14 -19.21
N GLU A 20 8.05 7.29 -18.27
CA GLU A 20 7.43 6.13 -17.63
C GLU A 20 6.18 5.71 -18.41
N TYR A 21 5.61 6.65 -19.15
CA TYR A 21 4.41 6.37 -19.93
C TYR A 21 4.62 5.12 -20.79
N THR A 22 5.84 4.94 -21.27
CA THR A 22 6.15 3.78 -22.11
C THR A 22 6.26 2.52 -21.26
N ASP A 23 6.50 2.71 -19.96
CA ASP A 23 6.63 1.57 -19.06
C ASP A 23 5.28 1.24 -18.42
N TRP A 24 4.66 2.24 -17.80
CA TRP A 24 3.36 2.04 -17.15
C TRP A 24 2.43 1.26 -18.08
N LYS A 25 2.33 1.70 -19.33
CA LYS A 25 1.46 1.05 -20.29
C LYS A 25 1.79 -0.44 -20.38
N SER A 26 3.02 -0.80 -20.01
CA SER A 26 3.45 -2.19 -20.06
C SER A 26 3.26 -2.85 -18.70
N SER A 27 3.74 -2.18 -17.64
CA SER A 27 3.63 -2.72 -16.29
C SER A 27 2.38 -2.18 -15.61
N GLY A 28 1.41 -1.75 -16.41
CA GLY A 28 0.16 -1.21 -15.88
C GLY A 28 -1.04 -1.83 -16.57
N ALA A 29 -0.90 -3.08 -16.99
CA ALA A 29 -1.97 -3.80 -17.67
C ALA A 29 -2.12 -5.20 -17.10
N LEU A 30 -1.08 -5.68 -16.43
CA LEU A 30 -1.10 -7.01 -15.84
C LEU A 30 -0.63 -6.98 -14.39
N ILE A 31 -0.05 -5.87 -13.97
CA ILE A 31 0.43 -5.73 -12.60
C ILE A 31 -0.69 -5.27 -11.65
N PRO A 32 -1.58 -4.43 -12.11
CA PRO A 32 -2.70 -3.93 -11.25
C PRO A 32 -3.59 -5.07 -10.75
N ALA A 33 -3.69 -6.13 -11.55
CA ALA A 33 -4.51 -7.27 -11.17
C ALA A 33 -4.08 -7.82 -9.82
N ILE A 34 -2.91 -8.44 -9.78
CA ILE A 34 -2.39 -9.01 -8.55
C ILE A 34 -2.45 -7.98 -7.42
N TYR A 35 -1.94 -6.79 -7.69
CA TYR A 35 -1.95 -5.73 -6.70
C TYR A 35 -3.32 -5.63 -6.02
N MET A 36 -4.36 -5.44 -6.83
CA MET A 36 -5.70 -5.34 -6.29
C MET A 36 -6.10 -6.63 -5.59
N LEU A 37 -6.14 -7.72 -6.35
CA LEU A 37 -6.51 -9.01 -5.77
C LEU A 37 -5.76 -9.26 -4.48
N VAL A 38 -4.64 -8.56 -4.30
CA VAL A 38 -3.84 -8.71 -3.08
C VAL A 38 -4.11 -7.57 -2.11
N PHE A 39 -4.55 -6.44 -2.65
CA PHE A 39 -4.84 -5.27 -1.82
C PHE A 39 -6.19 -5.43 -1.13
N LEU A 40 -7.23 -5.62 -1.93
CA LEU A 40 -8.58 -5.78 -1.38
C LEU A 40 -8.68 -7.08 -0.59
N LEU A 41 -7.56 -7.79 -0.47
CA LEU A 41 -7.54 -9.05 0.26
C LEU A 41 -6.94 -8.84 1.65
N GLY A 42 -5.67 -8.44 1.70
CA GLY A 42 -5.00 -8.22 2.97
C GLY A 42 -5.08 -6.75 3.38
N THR A 43 -5.91 -5.99 2.67
CA THR A 43 -6.08 -4.57 2.98
C THR A 43 -7.56 -4.19 2.98
N THR A 44 -8.40 -5.14 3.37
CA THR A 44 -9.84 -4.90 3.42
C THR A 44 -10.43 -5.43 4.72
N GLY A 45 -10.12 -6.69 5.04
CA GLY A 45 -10.61 -7.30 6.26
C GLY A 45 -9.53 -7.35 7.33
N ASN A 46 -8.28 -7.10 6.91
CA ASN A 46 -7.16 -7.12 7.84
C ASN A 46 -7.12 -5.82 8.65
N GLY A 47 -7.12 -4.69 7.96
CA GLY A 47 -7.09 -3.39 8.63
C GLY A 47 -8.26 -3.25 9.58
N LEU A 48 -9.46 -3.57 9.09
CA LEU A 48 -10.66 -3.47 9.90
C LEU A 48 -10.51 -4.32 11.17
N VAL A 49 -10.11 -5.57 11.00
CA VAL A 49 -9.94 -6.47 12.14
C VAL A 49 -8.88 -5.91 13.09
N LEU A 50 -7.63 -5.93 12.65
CA LEU A 50 -6.53 -5.42 13.48
C LEU A 50 -6.92 -4.09 14.11
N TRP A 51 -7.78 -3.35 13.43
CA TRP A 51 -8.22 -2.05 13.94
C TRP A 51 -9.28 -2.23 15.03
N THR A 52 -10.28 -3.04 14.73
CA THR A 52 -11.34 -3.29 15.70
C THR A 52 -10.78 -3.94 16.96
N VAL A 53 -9.95 -4.96 16.77
CA VAL A 53 -9.36 -5.66 17.90
C VAL A 53 -8.51 -4.71 18.74
N PHE A 54 -7.67 -3.94 18.06
CA PHE A 54 -6.80 -2.99 18.75
C PHE A 54 -7.63 -2.08 19.66
N ARG A 55 -8.95 -2.11 19.48
CA ARG A 55 -9.84 -1.28 20.28
C ARG A 55 -10.56 -2.12 21.32
N LYS A 56 -10.49 -3.45 21.17
CA LYS A 56 -11.14 -4.36 22.10
C LYS A 56 -10.12 -4.97 23.05
N LYS A 57 -8.89 -5.12 22.56
CA LYS A 57 -7.82 -5.69 23.38
C LYS A 57 -6.94 -4.60 23.96
N GLY A 58 -6.85 -3.48 23.25
CA GLY A 58 -6.04 -2.36 23.71
C GLY A 58 -6.75 -1.58 24.80
N HIS A 59 -8.07 -1.61 24.77
CA HIS A 59 -8.86 -0.90 25.77
C HIS A 59 -8.53 -1.40 27.18
N HIS A 60 -7.86 -2.54 27.25
CA HIS A 60 -7.48 -3.11 28.53
C HIS A 60 -6.05 -3.64 28.49
N HIS A 61 -5.90 -4.92 28.16
CA HIS A 61 -4.57 -5.54 28.10
C HIS A 61 -4.57 -6.67 27.08
N HIS A 62 -5.35 -7.71 27.36
CA HIS A 62 -5.43 -8.86 26.47
C HIS A 62 -6.58 -9.77 26.86
N HIS A 63 -7.59 -9.86 25.99
CA HIS A 63 -8.75 -10.70 26.27
C HIS A 63 -9.29 -10.42 27.66
N HIS A 64 -9.32 -9.14 28.03
CA HIS A 64 -9.82 -8.74 29.33
C HIS A 64 -9.33 -9.70 30.41
N MET A 1 -11.40 5.47 1.73
CA MET A 1 -12.21 4.50 2.51
C MET A 1 -11.32 3.77 3.52
N GLU A 2 -10.42 2.94 3.00
CA GLU A 2 -9.51 2.19 3.86
C GLU A 2 -8.81 3.14 4.84
N GLU A 3 -9.35 3.24 6.05
CA GLU A 3 -8.77 4.11 7.07
C GLU A 3 -7.33 3.72 7.34
N GLY A 4 -6.73 4.33 8.35
CA GLY A 4 -5.35 4.05 8.70
C GLY A 4 -4.39 4.57 7.64
N GLY A 5 -4.52 5.86 7.32
CA GLY A 5 -3.66 6.47 6.31
C GLY A 5 -2.23 6.64 6.83
N ASP A 6 -1.49 5.55 6.91
CA ASP A 6 -0.12 5.59 7.39
C ASP A 6 0.49 4.19 7.42
N PHE A 7 0.76 3.65 6.24
CA PHE A 7 1.33 2.32 6.13
C PHE A 7 2.85 2.37 6.37
N ASP A 8 3.48 1.21 6.31
CA ASP A 8 4.93 1.14 6.53
C ASP A 8 5.68 1.73 5.33
N ASN A 9 4.95 2.44 4.48
CA ASN A 9 5.55 3.05 3.30
C ASN A 9 6.91 3.66 3.65
N TYR A 10 6.88 4.87 4.19
CA TYR A 10 8.12 5.56 4.57
C TYR A 10 9.10 4.58 5.19
N TYR A 11 10.39 4.92 5.15
CA TYR A 11 11.42 4.07 5.71
C TYR A 11 11.16 2.61 5.34
N GLY A 12 10.69 2.39 4.11
CA GLY A 12 10.41 1.05 3.65
C GLY A 12 9.46 1.08 2.45
N ALA A 13 9.50 2.18 1.71
CA ALA A 13 8.65 2.34 0.53
C ALA A 13 9.49 2.33 -0.74
N ASP A 14 10.68 2.91 -0.66
CA ASP A 14 11.57 2.97 -1.80
C ASP A 14 12.48 1.74 -1.83
N ASN A 15 12.65 1.10 -0.68
CA ASN A 15 13.49 -0.08 -0.59
C ASN A 15 12.94 -1.20 -1.45
N GLN A 16 11.63 -1.16 -1.70
CA GLN A 16 10.97 -2.18 -2.52
C GLN A 16 10.66 -1.62 -3.91
N SER A 17 10.50 -0.30 -3.99
CA SER A 17 10.19 0.34 -5.26
C SER A 17 11.47 0.55 -6.08
N GLU A 18 12.60 0.66 -5.39
CA GLU A 18 13.88 0.86 -6.05
C GLU A 18 14.17 -0.28 -7.02
N CYS A 19 14.54 -1.43 -6.46
CA CYS A 19 14.84 -2.61 -7.27
C CYS A 19 13.77 -2.82 -8.33
N GLU A 20 12.56 -2.37 -8.04
CA GLU A 20 11.44 -2.52 -8.97
C GLU A 20 11.38 -1.33 -9.91
N TYR A 21 11.98 -0.22 -9.50
CA TYR A 21 11.97 0.98 -10.32
C TYR A 21 12.37 0.67 -11.76
N THR A 22 13.18 -0.37 -11.93
CA THR A 22 13.63 -0.77 -13.25
C THR A 22 12.55 -1.58 -13.98
N ASP A 23 11.64 -2.16 -13.21
CA ASP A 23 10.56 -2.95 -13.78
C ASP A 23 9.23 -2.20 -13.69
N TRP A 24 8.85 -1.82 -12.48
CA TRP A 24 7.60 -1.10 -12.27
C TRP A 24 7.34 -0.11 -13.39
N LYS A 25 8.41 0.48 -13.91
CA LYS A 25 8.28 1.45 -15.00
C LYS A 25 7.46 0.86 -16.14
N SER A 26 7.73 -0.40 -16.47
CA SER A 26 7.01 -1.07 -17.55
C SER A 26 6.05 -2.13 -16.99
N SER A 27 6.24 -2.48 -15.72
CA SER A 27 5.39 -3.48 -15.08
C SER A 27 4.36 -2.81 -14.18
N GLY A 28 4.41 -1.48 -14.13
CA GLY A 28 3.47 -0.72 -13.30
C GLY A 28 2.10 -0.66 -13.95
N ALA A 29 1.96 -1.32 -15.09
CA ALA A 29 0.68 -1.33 -15.81
C ALA A 29 -0.03 -2.66 -15.63
N LEU A 30 0.65 -3.60 -14.98
CA LEU A 30 0.07 -4.93 -14.74
C LEU A 30 0.25 -5.36 -13.29
N ILE A 31 0.98 -4.55 -12.52
CA ILE A 31 1.21 -4.86 -11.11
C ILE A 31 0.00 -4.51 -10.25
N PRO A 32 -0.74 -3.47 -10.58
CA PRO A 32 -1.94 -3.07 -9.77
C PRO A 32 -2.96 -4.20 -9.66
N ALA A 33 -3.03 -5.02 -10.70
CA ALA A 33 -3.97 -6.14 -10.71
C ALA A 33 -3.74 -7.04 -9.49
N ILE A 34 -2.60 -7.71 -9.45
CA ILE A 34 -2.28 -8.59 -8.34
C ILE A 34 -2.36 -7.83 -7.03
N TYR A 35 -1.94 -6.56 -7.06
CA TYR A 35 -1.97 -5.74 -5.86
C TYR A 35 -3.40 -5.59 -5.35
N MET A 36 -4.25 -4.98 -6.16
CA MET A 36 -5.65 -4.78 -5.78
C MET A 36 -6.27 -6.10 -5.33
N LEU A 37 -6.24 -7.09 -6.22
CA LEU A 37 -6.82 -8.40 -5.90
C LEU A 37 -6.33 -8.88 -4.54
N VAL A 38 -5.08 -8.55 -4.21
CA VAL A 38 -4.50 -8.95 -2.93
C VAL A 38 -4.80 -7.91 -1.86
N PHE A 39 -5.12 -6.69 -2.29
CA PHE A 39 -5.44 -5.62 -1.35
C PHE A 39 -6.84 -5.78 -0.80
N LEU A 40 -7.83 -5.78 -1.70
CA LEU A 40 -9.22 -5.93 -1.28
C LEU A 40 -9.45 -7.29 -0.64
N LEU A 41 -8.38 -8.09 -0.56
CA LEU A 41 -8.48 -9.42 0.03
C LEU A 41 -7.92 -9.41 1.45
N GLY A 42 -6.71 -8.90 1.60
CA GLY A 42 -6.07 -8.83 2.91
C GLY A 42 -6.19 -7.44 3.51
N THR A 43 -7.02 -6.60 2.89
CA THR A 43 -7.22 -5.25 3.37
C THR A 43 -8.72 -4.91 3.41
N THR A 44 -9.55 -5.93 3.51
CA THR A 44 -10.99 -5.74 3.56
C THR A 44 -11.59 -6.50 4.74
N GLY A 45 -11.10 -7.71 4.97
CA GLY A 45 -11.58 -8.53 6.07
C GLY A 45 -10.42 -8.99 6.96
N ASN A 46 -9.28 -8.30 6.83
CA ASN A 46 -8.11 -8.65 7.62
C ASN A 46 -7.58 -7.41 8.36
N GLY A 47 -7.40 -6.33 7.62
CA GLY A 47 -6.91 -5.09 8.21
C GLY A 47 -7.92 -4.51 9.20
N LEU A 48 -9.19 -4.47 8.77
CA LEU A 48 -10.25 -3.94 9.62
C LEU A 48 -10.27 -4.67 10.97
N VAL A 49 -10.30 -6.00 10.91
CA VAL A 49 -10.33 -6.80 12.13
C VAL A 49 -9.09 -6.52 12.97
N LEU A 50 -7.92 -6.88 12.45
CA LEU A 50 -6.67 -6.66 13.18
C LEU A 50 -6.60 -5.23 13.69
N TRP A 51 -7.26 -4.32 12.98
CA TRP A 51 -7.26 -2.92 13.39
C TRP A 51 -8.25 -2.69 14.54
N THR A 52 -9.45 -3.22 14.39
CA THR A 52 -10.48 -3.08 15.42
C THR A 52 -10.04 -3.80 16.69
N VAL A 53 -9.67 -5.06 16.55
CA VAL A 53 -9.24 -5.86 17.70
C VAL A 53 -8.14 -5.13 18.46
N PHE A 54 -7.09 -4.74 17.75
CA PHE A 54 -5.98 -4.03 18.37
C PHE A 54 -6.50 -2.86 19.21
N ARG A 55 -7.41 -2.08 18.64
CA ARG A 55 -7.98 -0.95 19.35
C ARG A 55 -9.00 -1.42 20.38
N LYS A 56 -9.59 -2.58 20.13
CA LYS A 56 -10.58 -3.13 21.05
C LYS A 56 -9.96 -3.41 22.41
N LYS A 57 -8.89 -4.21 22.40
CA LYS A 57 -8.20 -4.55 23.64
C LYS A 57 -7.20 -3.46 24.03
N GLY A 58 -6.88 -2.60 23.07
CA GLY A 58 -5.94 -1.51 23.31
C GLY A 58 -6.62 -0.35 24.04
N HIS A 59 -7.92 -0.19 23.81
CA HIS A 59 -8.67 0.88 24.44
C HIS A 59 -8.50 0.82 25.96
N HIS A 60 -8.04 -0.32 26.45
CA HIS A 60 -7.83 -0.50 27.89
C HIS A 60 -6.39 -0.94 28.17
N HIS A 61 -5.43 -0.21 27.62
CA HIS A 61 -4.02 -0.53 27.81
C HIS A 61 -3.40 0.41 28.84
N HIS A 62 -2.09 0.60 28.74
CA HIS A 62 -1.38 1.48 29.67
C HIS A 62 -1.15 2.85 29.05
N HIS A 63 -0.27 2.90 28.06
CA HIS A 63 0.03 4.16 27.38
C HIS A 63 -0.70 4.23 26.05
N HIS A 64 -1.96 3.83 26.05
CA HIS A 64 -2.76 3.86 24.84
C HIS A 64 -1.98 3.29 23.66
N MET A 1 31.76 18.66 4.68
CA MET A 1 32.73 17.78 5.39
C MET A 1 33.66 17.11 4.37
N GLU A 2 34.37 17.94 3.61
CA GLU A 2 35.29 17.42 2.60
C GLU A 2 34.54 16.51 1.62
N GLU A 3 35.30 15.90 0.72
CA GLU A 3 34.70 15.01 -0.28
C GLU A 3 33.52 15.69 -0.96
N GLY A 4 32.73 14.89 -1.68
CA GLY A 4 31.57 15.43 -2.38
C GLY A 4 31.07 14.45 -3.44
N GLY A 5 29.77 14.19 -3.43
CA GLY A 5 29.18 13.27 -4.40
C GLY A 5 28.50 14.04 -5.54
N ASP A 6 27.83 13.30 -6.41
CA ASP A 6 27.13 13.91 -7.54
C ASP A 6 26.26 12.89 -8.25
N PHE A 7 25.37 12.24 -7.51
CA PHE A 7 24.48 11.24 -8.08
C PHE A 7 23.81 11.78 -9.34
N ASP A 8 23.85 11.00 -10.41
CA ASP A 8 23.24 11.41 -11.67
C ASP A 8 21.89 10.73 -11.85
N ASN A 9 21.20 10.48 -10.74
CA ASN A 9 19.89 9.84 -10.79
C ASN A 9 19.03 10.46 -11.89
N TYR A 10 18.74 11.75 -11.73
CA TYR A 10 17.92 12.46 -12.71
C TYR A 10 18.71 12.70 -14.00
N TYR A 11 19.53 11.72 -14.37
CA TYR A 11 20.34 11.83 -15.57
C TYR A 11 20.85 10.45 -15.99
N GLY A 12 19.99 9.45 -15.87
CA GLY A 12 20.36 8.09 -16.22
C GLY A 12 19.54 7.08 -15.44
N ALA A 13 18.34 7.48 -15.05
CA ALA A 13 17.45 6.60 -14.28
C ALA A 13 16.25 6.20 -15.13
N ASP A 14 15.78 7.11 -15.97
CA ASP A 14 14.64 6.84 -16.82
C ASP A 14 15.10 6.43 -18.23
N ASN A 15 16.31 6.85 -18.58
CA ASN A 15 16.86 6.53 -19.90
C ASN A 15 16.72 5.04 -20.18
N GLN A 16 16.41 4.27 -19.15
CA GLN A 16 16.26 2.83 -19.29
C GLN A 16 14.78 2.45 -19.37
N SER A 17 13.93 3.31 -18.82
CA SER A 17 12.50 3.06 -18.83
C SER A 17 11.88 3.51 -20.16
N GLU A 18 12.54 4.47 -20.80
CA GLU A 18 12.05 5.00 -22.07
C GLU A 18 11.89 3.86 -23.08
N CYS A 19 12.31 2.66 -22.70
CA CYS A 19 12.21 1.52 -23.58
C CYS A 19 11.03 0.64 -23.19
N GLU A 20 10.86 0.42 -21.89
CA GLU A 20 9.76 -0.40 -21.40
C GLU A 20 8.49 0.45 -21.24
N TYR A 21 8.67 1.77 -21.19
CA TYR A 21 7.54 2.67 -21.04
C TYR A 21 6.51 2.43 -22.14
N THR A 22 6.98 2.34 -23.38
CA THR A 22 6.09 2.11 -24.51
C THR A 22 5.36 0.78 -24.36
N ASP A 23 5.83 -0.05 -23.44
CA ASP A 23 5.21 -1.34 -23.20
C ASP A 23 4.31 -1.31 -21.96
N TRP A 24 4.85 -0.73 -20.89
CA TRP A 24 4.07 -0.63 -19.64
C TRP A 24 2.66 -0.16 -19.92
N LYS A 25 2.55 0.95 -20.63
CA LYS A 25 1.23 1.51 -20.96
C LYS A 25 0.31 0.41 -21.48
N SER A 26 0.89 -0.66 -22.01
CA SER A 26 0.11 -1.77 -22.53
C SER A 26 0.08 -2.93 -21.53
N SER A 27 1.24 -3.24 -20.96
CA SER A 27 1.33 -4.32 -20.00
C SER A 27 0.85 -3.87 -18.62
N GLY A 28 0.21 -2.69 -18.58
CA GLY A 28 -0.30 -2.17 -17.33
C GLY A 28 -1.73 -2.62 -17.08
N ALA A 29 -2.22 -3.52 -17.92
CA ALA A 29 -3.58 -4.03 -17.79
C ALA A 29 -3.57 -5.45 -17.24
N LEU A 30 -2.46 -5.83 -16.58
CA LEU A 30 -2.33 -7.16 -16.01
C LEU A 30 -1.72 -7.09 -14.61
N ILE A 31 -0.84 -6.12 -14.40
CA ILE A 31 -0.19 -5.97 -13.11
C ILE A 31 -1.18 -5.47 -12.04
N PRO A 32 -2.09 -4.59 -12.40
CA PRO A 32 -3.08 -4.04 -11.42
C PRO A 32 -3.95 -5.14 -10.81
N ALA A 33 -4.17 -6.20 -11.57
CA ALA A 33 -4.98 -7.31 -11.09
C ALA A 33 -4.37 -7.92 -9.83
N ILE A 34 -3.19 -8.52 -9.98
CA ILE A 34 -2.51 -9.13 -8.84
C ILE A 34 -2.35 -8.12 -7.71
N TYR A 35 -2.04 -6.88 -8.07
CA TYR A 35 -1.87 -5.83 -7.07
C TYR A 35 -3.15 -5.64 -6.26
N MET A 36 -4.21 -5.25 -6.94
CA MET A 36 -5.50 -5.04 -6.27
C MET A 36 -5.98 -6.33 -5.62
N LEU A 37 -6.05 -7.40 -6.39
CA LEU A 37 -6.50 -8.69 -5.87
C LEU A 37 -5.77 -9.01 -4.56
N VAL A 38 -4.55 -8.52 -4.45
CA VAL A 38 -3.75 -8.76 -3.24
C VAL A 38 -3.93 -7.64 -2.23
N PHE A 39 -4.33 -6.47 -2.73
CA PHE A 39 -4.54 -5.32 -1.87
C PHE A 39 -5.86 -5.44 -1.11
N LEU A 40 -6.96 -5.55 -1.85
CA LEU A 40 -8.27 -5.68 -1.24
C LEU A 40 -8.37 -6.99 -0.46
N LEU A 41 -7.29 -7.75 -0.46
CA LEU A 41 -7.27 -9.03 0.26
C LEU A 41 -6.63 -8.86 1.63
N GLY A 42 -5.38 -8.42 1.65
CA GLY A 42 -4.67 -8.21 2.90
C GLY A 42 -4.73 -6.76 3.34
N THR A 43 -5.55 -5.97 2.65
CA THR A 43 -5.70 -4.56 2.98
C THR A 43 -7.17 -4.18 3.06
N THR A 44 -8.00 -5.12 3.50
CA THR A 44 -9.43 -4.88 3.63
C THR A 44 -9.96 -5.46 4.94
N GLY A 45 -9.65 -6.72 5.20
CA GLY A 45 -10.09 -7.38 6.42
C GLY A 45 -8.96 -7.46 7.43
N ASN A 46 -7.76 -7.07 7.00
CA ASN A 46 -6.60 -7.10 7.89
C ASN A 46 -6.55 -5.84 8.74
N GLY A 47 -6.65 -4.68 8.10
CA GLY A 47 -6.61 -3.41 8.82
C GLY A 47 -7.82 -3.27 9.73
N LEU A 48 -9.01 -3.43 9.16
CA LEU A 48 -10.24 -3.31 9.93
C LEU A 48 -10.16 -4.16 11.20
N VAL A 49 -9.79 -5.43 11.03
CA VAL A 49 -9.68 -6.33 12.17
C VAL A 49 -8.64 -5.82 13.16
N LEU A 50 -7.37 -5.93 12.78
CA LEU A 50 -6.28 -5.47 13.64
C LEU A 50 -6.61 -4.10 14.23
N TRP A 51 -7.45 -3.35 13.53
CA TRP A 51 -7.84 -2.01 13.99
C TRP A 51 -8.93 -2.12 15.05
N THR A 52 -9.96 -2.91 14.76
CA THR A 52 -11.07 -3.09 15.69
C THR A 52 -10.60 -3.81 16.95
N VAL A 53 -9.77 -4.83 16.76
CA VAL A 53 -9.26 -5.60 17.89
C VAL A 53 -8.45 -4.71 18.82
N PHE A 54 -7.59 -3.88 18.25
CA PHE A 54 -6.77 -2.97 19.04
C PHE A 54 -7.65 -2.04 19.88
N ARG A 55 -8.93 -1.98 19.53
CA ARG A 55 -9.88 -1.12 20.25
C ARG A 55 -10.87 -1.96 21.05
N LYS A 56 -10.66 -3.28 21.06
CA LYS A 56 -11.54 -4.18 21.80
C LYS A 56 -10.75 -4.95 22.85
N LYS A 57 -9.46 -5.14 22.58
CA LYS A 57 -8.61 -5.87 23.52
C LYS A 57 -7.76 -4.90 24.33
N GLY A 58 -7.38 -3.78 23.72
CA GLY A 58 -6.58 -2.79 24.40
C GLY A 58 -7.45 -1.87 25.26
N HIS A 59 -8.69 -1.68 24.84
CA HIS A 59 -9.62 -0.83 25.58
C HIS A 59 -9.72 -1.29 27.03
N HIS A 60 -9.68 -2.61 27.23
CA HIS A 60 -9.77 -3.17 28.57
C HIS A 60 -8.70 -2.59 29.48
N HIS A 61 -7.71 -3.40 29.82
CA HIS A 61 -6.63 -2.96 30.69
C HIS A 61 -5.35 -3.75 30.41
N HIS A 62 -5.45 -5.07 30.50
CA HIS A 62 -4.29 -5.93 30.26
C HIS A 62 -4.76 -7.33 29.86
N HIS A 63 -5.74 -7.85 30.59
CA HIS A 63 -6.25 -9.18 30.30
C HIS A 63 -7.52 -9.10 29.46
N HIS A 64 -7.52 -8.20 28.47
CA HIS A 64 -8.68 -8.04 27.61
C HIS A 64 -9.93 -7.78 28.43
N MET A 1 4.40 16.35 -24.35
CA MET A 1 5.67 15.68 -24.76
C MET A 1 6.47 16.64 -25.66
N GLU A 2 5.78 17.63 -26.21
CA GLU A 2 6.42 18.60 -27.09
C GLU A 2 6.81 19.85 -26.30
N GLU A 3 7.85 19.74 -25.48
CA GLU A 3 8.30 20.87 -24.68
C GLU A 3 9.61 20.52 -23.97
N GLY A 4 10.61 20.13 -24.75
CA GLY A 4 11.92 19.77 -24.19
C GLY A 4 12.51 18.57 -24.91
N GLY A 5 11.64 17.68 -25.37
CA GLY A 5 12.09 16.48 -26.07
C GLY A 5 12.16 15.28 -25.13
N ASP A 6 13.09 14.38 -25.40
CA ASP A 6 13.26 13.19 -24.57
C ASP A 6 14.71 12.73 -24.56
N PHE A 7 15.61 13.68 -24.34
CA PHE A 7 17.04 13.37 -24.31
C PHE A 7 17.49 13.07 -22.88
N ASP A 8 18.76 12.71 -22.74
CA ASP A 8 19.30 12.42 -21.41
C ASP A 8 19.53 13.70 -20.62
N ASN A 9 19.05 14.82 -21.16
CA ASN A 9 19.20 16.10 -20.49
C ASN A 9 18.55 16.07 -19.11
N TYR A 10 17.48 15.30 -18.99
CA TYR A 10 16.77 15.19 -17.72
C TYR A 10 17.67 14.58 -16.65
N TYR A 11 18.68 15.34 -16.23
CA TYR A 11 19.61 14.86 -15.21
C TYR A 11 19.96 13.39 -15.44
N GLY A 12 20.12 13.03 -16.72
CA GLY A 12 20.45 11.65 -17.06
C GLY A 12 19.66 10.67 -16.21
N ALA A 13 18.33 10.82 -16.24
CA ALA A 13 17.46 9.95 -15.46
C ALA A 13 16.30 9.45 -16.32
N ASP A 14 15.87 10.27 -17.26
CA ASP A 14 14.77 9.89 -18.14
C ASP A 14 15.29 9.06 -19.32
N ASN A 15 16.54 9.29 -19.70
CA ASN A 15 17.14 8.56 -20.80
C ASN A 15 17.13 7.06 -20.53
N GLN A 16 17.14 6.71 -19.25
CA GLN A 16 17.13 5.30 -18.85
C GLN A 16 15.74 4.89 -18.37
N SER A 17 14.82 5.85 -18.34
CA SER A 17 13.46 5.58 -17.89
C SER A 17 12.52 5.44 -19.10
N GLU A 18 12.71 6.31 -20.08
CA GLU A 18 11.87 6.28 -21.27
C GLU A 18 11.85 4.89 -21.87
N CYS A 19 12.88 4.10 -21.58
CA CYS A 19 12.96 2.74 -22.10
C CYS A 19 11.91 1.84 -21.44
N GLU A 20 11.57 2.16 -20.19
CA GLU A 20 10.58 1.38 -19.46
C GLU A 20 9.19 2.00 -19.61
N TYR A 21 9.16 3.30 -19.90
CA TYR A 21 7.89 4.00 -20.07
C TYR A 21 7.10 3.40 -21.23
N THR A 22 7.81 2.91 -22.24
CA THR A 22 7.16 2.31 -23.40
C THR A 22 6.69 0.89 -23.08
N ASP A 23 7.28 0.30 -22.05
CA ASP A 23 6.93 -1.06 -21.65
C ASP A 23 5.82 -1.03 -20.60
N TRP A 24 6.02 -0.25 -19.54
CA TRP A 24 5.04 -0.15 -18.48
C TRP A 24 3.64 0.01 -19.06
N LYS A 25 3.45 1.03 -19.89
CA LYS A 25 2.15 1.28 -20.51
C LYS A 25 1.58 -0.01 -21.08
N SER A 26 2.45 -0.97 -21.35
CA SER A 26 2.01 -2.26 -21.90
C SER A 26 1.88 -3.30 -20.79
N SER A 27 2.90 -3.39 -19.96
CA SER A 27 2.90 -4.36 -18.87
C SER A 27 2.03 -3.86 -17.71
N GLY A 28 1.39 -2.72 -17.91
CA GLY A 28 0.52 -2.15 -16.89
C GLY A 28 -0.93 -2.56 -17.11
N ALA A 29 -1.16 -3.36 -18.15
CA ALA A 29 -2.51 -3.81 -18.46
C ALA A 29 -2.68 -5.28 -18.05
N LEU A 30 -2.15 -5.64 -16.89
CA LEU A 30 -2.26 -7.01 -16.40
C LEU A 30 -1.70 -7.14 -14.99
N ILE A 31 -0.74 -6.28 -14.65
CA ILE A 31 -0.14 -6.31 -13.32
C ILE A 31 -1.07 -5.71 -12.26
N PRO A 32 -1.88 -4.72 -12.59
CA PRO A 32 -2.81 -4.09 -11.61
C PRO A 32 -3.77 -5.11 -11.00
N ALA A 33 -3.99 -6.21 -11.71
CA ALA A 33 -4.89 -7.24 -11.23
C ALA A 33 -4.35 -7.87 -9.95
N ILE A 34 -3.21 -8.54 -10.05
CA ILE A 34 -2.60 -9.17 -8.88
C ILE A 34 -2.54 -8.19 -7.72
N TYR A 35 -2.05 -6.99 -7.99
CA TYR A 35 -1.93 -5.97 -6.95
C TYR A 35 -3.26 -5.80 -6.22
N MET A 36 -4.31 -5.52 -6.98
CA MET A 36 -5.64 -5.33 -6.39
C MET A 36 -6.07 -6.58 -5.63
N LEU A 37 -6.25 -7.68 -6.36
CA LEU A 37 -6.66 -8.93 -5.74
C LEU A 37 -5.83 -9.22 -4.50
N VAL A 38 -4.69 -8.55 -4.38
CA VAL A 38 -3.80 -8.73 -3.23
C VAL A 38 -3.98 -7.59 -2.24
N PHE A 39 -4.42 -6.44 -2.74
CA PHE A 39 -4.62 -5.28 -1.88
C PHE A 39 -5.94 -5.37 -1.13
N LEU A 40 -7.02 -5.53 -1.88
CA LEU A 40 -8.34 -5.64 -1.28
C LEU A 40 -8.46 -6.92 -0.46
N LEU A 41 -7.37 -7.68 -0.41
CA LEU A 41 -7.36 -8.93 0.33
C LEU A 41 -6.66 -8.75 1.68
N GLY A 42 -5.39 -8.37 1.63
CA GLY A 42 -4.61 -8.16 2.86
C GLY A 42 -4.65 -6.70 3.28
N THR A 43 -5.53 -5.93 2.63
CA THR A 43 -5.65 -4.50 2.96
C THR A 43 -7.13 -4.11 3.04
N THR A 44 -7.96 -5.03 3.49
CA THR A 44 -9.39 -4.77 3.61
C THR A 44 -9.92 -5.29 4.93
N GLY A 45 -9.63 -6.56 5.22
CA GLY A 45 -10.08 -7.18 6.47
C GLY A 45 -8.93 -7.31 7.45
N ASN A 46 -7.72 -7.00 6.99
CA ASN A 46 -6.53 -7.08 7.85
C ASN A 46 -6.40 -5.82 8.69
N GLY A 47 -6.46 -4.67 8.04
CA GLY A 47 -6.33 -3.40 8.75
C GLY A 47 -7.51 -3.18 9.69
N LEU A 48 -8.72 -3.30 9.15
CA LEU A 48 -9.92 -3.12 9.96
C LEU A 48 -9.89 -4.02 11.19
N VAL A 49 -9.50 -5.27 11.00
CA VAL A 49 -9.42 -6.22 12.11
C VAL A 49 -8.45 -5.72 13.15
N LEU A 50 -7.18 -5.58 12.77
CA LEU A 50 -6.16 -5.11 13.69
C LEU A 50 -6.59 -3.80 14.36
N TRP A 51 -7.47 -3.06 13.68
CA TRP A 51 -7.95 -1.80 14.21
C TRP A 51 -9.08 -2.04 15.20
N THR A 52 -10.04 -2.87 14.82
CA THR A 52 -11.17 -3.17 15.69
C THR A 52 -10.69 -3.89 16.96
N VAL A 53 -9.83 -4.88 16.78
CA VAL A 53 -9.30 -5.64 17.92
C VAL A 53 -8.59 -4.71 18.89
N PHE A 54 -7.75 -3.83 18.36
CA PHE A 54 -7.02 -2.89 19.20
C PHE A 54 -7.98 -2.08 20.06
N ARG A 55 -9.26 -2.09 19.70
CA ARG A 55 -10.26 -1.35 20.43
C ARG A 55 -11.06 -2.29 21.35
N LYS A 56 -10.90 -3.59 21.13
CA LYS A 56 -11.60 -4.58 21.94
C LYS A 56 -10.66 -5.20 22.98
N LYS A 57 -9.38 -5.26 22.63
CA LYS A 57 -8.39 -5.83 23.54
C LYS A 57 -7.62 -4.73 24.26
N GLY A 58 -7.47 -3.59 23.58
CA GLY A 58 -6.76 -2.46 24.16
C GLY A 58 -7.63 -1.73 25.18
N HIS A 59 -8.93 -1.82 24.99
CA HIS A 59 -9.87 -1.16 25.90
C HIS A 59 -9.65 -1.63 27.33
N HIS A 60 -9.34 -2.91 27.48
CA HIS A 60 -9.10 -3.47 28.81
C HIS A 60 -7.61 -3.52 29.11
N HIS A 61 -7.02 -2.36 29.40
CA HIS A 61 -5.60 -2.28 29.70
C HIS A 61 -5.32 -2.85 31.09
N HIS A 62 -6.35 -3.40 31.73
CA HIS A 62 -6.20 -3.96 33.05
C HIS A 62 -6.16 -2.87 34.12
N HIS A 63 -5.56 -1.73 33.76
CA HIS A 63 -5.45 -0.61 34.68
C HIS A 63 -5.80 0.69 33.98
N HIS A 64 -6.85 0.66 33.17
CA HIS A 64 -7.29 1.84 32.44
C HIS A 64 -6.09 2.61 31.89
N MET A 1 23.22 34.65 -1.32
CA MET A 1 23.18 33.19 -1.60
C MET A 1 23.05 32.97 -3.11
N GLU A 2 24.16 32.60 -3.74
CA GLU A 2 24.17 32.36 -5.18
C GLU A 2 23.43 31.07 -5.50
N GLU A 3 22.86 31.01 -6.71
CA GLU A 3 22.12 29.82 -7.13
C GLU A 3 21.70 29.96 -8.60
N GLY A 4 20.81 29.07 -9.02
CA GLY A 4 20.33 29.10 -10.41
C GLY A 4 19.01 28.35 -10.54
N GLY A 5 19.02 27.28 -11.33
CA GLY A 5 17.82 26.47 -11.53
C GLY A 5 17.72 26.00 -12.98
N ASP A 6 16.53 26.13 -13.56
CA ASP A 6 16.31 25.71 -14.93
C ASP A 6 16.63 24.23 -15.10
N PHE A 7 16.05 23.40 -14.23
CA PHE A 7 16.27 21.97 -14.29
C PHE A 7 15.79 21.39 -15.61
N ASP A 8 16.49 20.39 -16.12
CA ASP A 8 16.12 19.77 -17.38
C ASP A 8 15.22 18.56 -17.15
N ASN A 9 14.56 18.54 -15.99
CA ASN A 9 13.66 17.44 -15.65
C ASN A 9 12.75 17.11 -16.82
N TYR A 10 11.70 17.91 -17.00
CA TYR A 10 10.76 17.68 -18.09
C TYR A 10 11.51 17.32 -19.38
N TYR A 11 10.89 16.47 -20.20
CA TYR A 11 11.50 16.05 -21.44
C TYR A 11 12.91 15.53 -21.20
N GLY A 12 13.09 14.77 -20.13
CA GLY A 12 14.39 14.22 -19.80
C GLY A 12 14.32 13.37 -18.52
N ALA A 13 13.40 13.73 -17.64
CA ALA A 13 13.23 13.01 -16.38
C ALA A 13 12.17 11.93 -16.53
N ASP A 14 11.23 12.15 -17.45
CA ASP A 14 10.16 11.19 -17.69
C ASP A 14 10.35 10.49 -19.03
N ASN A 15 11.19 11.06 -19.88
CA ASN A 15 11.45 10.49 -21.18
C ASN A 15 11.82 9.01 -21.05
N GLN A 16 12.22 8.61 -19.85
CA GLN A 16 12.60 7.22 -19.60
C GLN A 16 11.38 6.40 -19.20
N SER A 17 10.38 7.07 -18.64
CA SER A 17 9.16 6.39 -18.21
C SER A 17 8.26 6.09 -19.41
N GLU A 18 8.03 7.11 -20.23
CA GLU A 18 7.17 6.94 -21.41
C GLU A 18 7.61 5.72 -22.20
N CYS A 19 8.79 5.21 -21.90
CA CYS A 19 9.31 4.04 -22.59
C CYS A 19 8.50 2.79 -22.25
N GLU A 20 7.94 2.79 -21.05
CA GLU A 20 7.13 1.65 -20.60
C GLU A 20 5.65 1.90 -20.89
N TYR A 21 5.38 2.96 -21.64
CA TYR A 21 4.00 3.31 -21.99
C TYR A 21 3.44 2.30 -22.99
N THR A 22 4.21 1.99 -24.02
CA THR A 22 3.77 1.04 -25.04
C THR A 22 3.56 -0.34 -24.42
N ASP A 23 4.26 -0.61 -23.33
CA ASP A 23 4.15 -1.90 -22.65
C ASP A 23 3.09 -1.83 -21.55
N TRP A 24 3.05 -0.72 -20.83
CA TRP A 24 2.09 -0.54 -19.75
C TRP A 24 0.70 -0.95 -20.22
N LYS A 25 0.26 -0.38 -21.33
CA LYS A 25 -1.06 -0.69 -21.87
C LYS A 25 -1.29 -2.20 -21.88
N SER A 26 -0.21 -2.95 -22.07
CA SER A 26 -0.30 -4.41 -22.10
C SER A 26 -0.13 -4.99 -20.70
N SER A 27 0.90 -4.55 -20.00
CA SER A 27 1.16 -5.04 -18.64
C SER A 27 0.34 -4.26 -17.62
N GLY A 28 -0.67 -3.54 -18.10
CA GLY A 28 -1.53 -2.75 -17.23
C GLY A 28 -2.99 -3.09 -17.46
N ALA A 29 -3.27 -4.37 -17.72
CA ALA A 29 -4.63 -4.82 -17.95
C ALA A 29 -4.84 -6.22 -17.40
N LEU A 30 -3.77 -6.82 -16.88
CA LEU A 30 -3.86 -8.15 -16.31
C LEU A 30 -3.05 -8.24 -15.01
N ILE A 31 -1.95 -7.52 -14.95
CA ILE A 31 -1.11 -7.53 -13.76
C ILE A 31 -1.75 -6.72 -12.62
N PRO A 32 -2.44 -5.65 -12.92
CA PRO A 32 -3.10 -4.80 -11.88
C PRO A 32 -4.13 -5.59 -11.08
N ALA A 33 -4.79 -6.53 -11.74
CA ALA A 33 -5.80 -7.35 -11.08
C ALA A 33 -5.24 -8.00 -9.83
N ILE A 34 -4.37 -9.00 -10.03
CA ILE A 34 -3.77 -9.70 -8.90
C ILE A 34 -3.20 -8.70 -7.90
N TYR A 35 -2.49 -7.70 -8.40
CA TYR A 35 -1.91 -6.69 -7.54
C TYR A 35 -2.96 -6.10 -6.62
N MET A 36 -3.94 -5.42 -7.20
CA MET A 36 -5.01 -4.82 -6.42
C MET A 36 -5.79 -5.87 -5.66
N LEU A 37 -6.31 -6.86 -6.38
CA LEU A 37 -7.08 -7.93 -5.76
C LEU A 37 -6.37 -8.44 -4.51
N VAL A 38 -5.05 -8.26 -4.48
CA VAL A 38 -4.25 -8.71 -3.34
C VAL A 38 -3.92 -7.54 -2.43
N PHE A 39 -3.86 -6.34 -3.01
CA PHE A 39 -3.54 -5.14 -2.23
C PHE A 39 -4.71 -4.78 -1.31
N LEU A 40 -5.87 -4.55 -1.90
CA LEU A 40 -7.05 -4.19 -1.12
C LEU A 40 -7.41 -5.31 -0.15
N LEU A 41 -7.22 -6.55 -0.57
CA LEU A 41 -7.52 -7.69 0.28
C LEU A 41 -6.88 -7.52 1.65
N GLY A 42 -5.56 -7.64 1.70
CA GLY A 42 -4.84 -7.49 2.96
C GLY A 42 -5.11 -6.13 3.60
N THR A 43 -4.81 -5.07 2.86
CA THR A 43 -5.04 -3.72 3.36
C THR A 43 -6.43 -3.59 3.95
N THR A 44 -7.28 -4.58 3.68
CA THR A 44 -8.66 -4.56 4.19
C THR A 44 -8.85 -5.65 5.24
N GLY A 45 -8.04 -6.71 5.15
CA GLY A 45 -8.14 -7.81 6.09
C GLY A 45 -7.07 -7.69 7.18
N ASN A 46 -6.20 -6.69 7.04
CA ASN A 46 -5.14 -6.48 8.00
C ASN A 46 -5.43 -5.25 8.86
N GLY A 47 -5.87 -4.17 8.21
CA GLY A 47 -6.18 -2.95 8.92
C GLY A 47 -7.42 -3.12 9.80
N LEU A 48 -8.53 -3.52 9.16
CA LEU A 48 -9.78 -3.72 9.88
C LEU A 48 -9.53 -4.53 11.16
N VAL A 49 -8.79 -5.63 11.02
CA VAL A 49 -8.49 -6.48 12.17
C VAL A 49 -7.68 -5.71 13.21
N LEU A 50 -6.40 -5.50 12.92
CA LEU A 50 -5.53 -4.77 13.84
C LEU A 50 -6.26 -3.56 14.42
N TRP A 51 -7.18 -3.00 13.63
CA TRP A 51 -7.93 -1.85 14.08
C TRP A 51 -8.96 -2.26 15.13
N THR A 52 -9.75 -3.28 14.81
CA THR A 52 -10.76 -3.76 15.75
C THR A 52 -10.08 -4.38 16.97
N VAL A 53 -9.23 -5.37 16.72
CA VAL A 53 -8.52 -6.03 17.81
C VAL A 53 -8.00 -5.02 18.82
N PHE A 54 -7.53 -3.88 18.31
CA PHE A 54 -7.01 -2.82 19.16
C PHE A 54 -8.11 -2.25 20.04
N ARG A 55 -9.21 -1.85 19.41
CA ARG A 55 -10.33 -1.30 20.16
C ARG A 55 -11.05 -2.41 20.92
N LYS A 56 -10.66 -3.64 20.62
CA LYS A 56 -11.24 -4.80 21.27
C LYS A 56 -10.50 -5.11 22.57
N LYS A 57 -9.17 -5.22 22.46
CA LYS A 57 -8.35 -5.51 23.62
C LYS A 57 -8.29 -4.32 24.56
N GLY A 58 -8.54 -3.13 24.03
CA GLY A 58 -8.53 -1.91 24.83
C GLY A 58 -9.83 -1.77 25.61
N HIS A 59 -10.91 -2.30 25.06
CA HIS A 59 -12.20 -2.22 25.71
C HIS A 59 -12.16 -2.84 27.10
N HIS A 60 -11.10 -3.59 27.37
CA HIS A 60 -10.94 -4.25 28.66
C HIS A 60 -10.33 -3.28 29.67
N HIS A 61 -10.19 -2.02 29.27
CA HIS A 61 -9.62 -1.00 30.15
C HIS A 61 -10.72 -0.16 30.78
N HIS A 62 -10.32 0.87 31.51
CA HIS A 62 -11.29 1.75 32.17
C HIS A 62 -11.85 2.77 31.17
N HIS A 63 -11.06 3.81 30.91
CA HIS A 63 -11.47 4.85 29.97
C HIS A 63 -10.96 4.55 28.57
N HIS A 64 -11.03 3.29 28.17
CA HIS A 64 -10.56 2.89 26.85
C HIS A 64 -9.25 3.59 26.51
N MET A 1 -14.12 28.17 3.94
CA MET A 1 -13.55 27.61 2.69
C MET A 1 -12.05 27.85 2.67
N GLU A 2 -11.30 26.83 2.25
CA GLU A 2 -9.84 26.94 2.19
C GLU A 2 -9.42 27.69 0.93
N GLU A 3 -8.14 27.59 0.58
CA GLU A 3 -7.61 28.25 -0.60
C GLU A 3 -6.17 27.83 -0.86
N GLY A 4 -5.76 27.85 -2.12
CA GLY A 4 -4.41 27.48 -2.49
C GLY A 4 -4.34 26.99 -3.94
N GLY A 5 -3.45 27.59 -4.71
CA GLY A 5 -3.31 27.22 -6.12
C GLY A 5 -2.27 28.11 -6.81
N ASP A 6 -1.07 28.15 -6.25
CA ASP A 6 0.00 28.96 -6.81
C ASP A 6 1.36 28.30 -6.60
N PHE A 7 1.42 27.00 -6.84
CA PHE A 7 2.66 26.25 -6.66
C PHE A 7 3.36 26.06 -8.01
N ASP A 8 4.40 25.23 -8.00
CA ASP A 8 5.15 24.96 -9.23
C ASP A 8 4.36 24.05 -10.15
N ASN A 9 3.05 23.94 -9.90
CA ASN A 9 2.19 23.10 -10.72
C ASN A 9 2.33 23.48 -12.19
N TYR A 10 1.64 22.73 -13.05
CA TYR A 10 1.69 22.99 -14.48
C TYR A 10 3.11 23.32 -14.92
N TYR A 11 4.08 22.71 -14.25
CA TYR A 11 5.48 22.95 -14.56
C TYR A 11 6.37 22.02 -13.73
N GLY A 12 5.94 20.78 -13.58
CA GLY A 12 6.69 19.80 -12.81
C GLY A 12 5.77 18.75 -12.19
N ALA A 13 4.64 18.50 -12.86
CA ALA A 13 3.67 17.52 -12.37
C ALA A 13 3.35 16.51 -13.46
N ASP A 14 3.46 16.92 -14.71
CA ASP A 14 3.18 16.04 -15.84
C ASP A 14 4.46 15.38 -16.34
N ASN A 15 5.58 16.08 -16.16
CA ASN A 15 6.87 15.55 -16.61
C ASN A 15 7.07 14.12 -16.10
N GLN A 16 6.46 13.82 -14.95
CA GLN A 16 6.58 12.50 -14.36
C GLN A 16 5.45 11.60 -14.85
N SER A 17 4.32 12.20 -15.20
CA SER A 17 3.18 11.44 -15.68
C SER A 17 3.43 10.94 -17.10
N GLU A 18 4.13 11.74 -17.90
CA GLU A 18 4.43 11.37 -19.28
C GLU A 18 5.21 10.07 -19.32
N CYS A 19 6.50 10.15 -19.02
CA CYS A 19 7.36 8.97 -19.03
C CYS A 19 6.65 7.79 -18.37
N GLU A 20 5.75 8.08 -17.45
CA GLU A 20 5.01 7.04 -16.75
C GLU A 20 3.77 6.63 -17.55
N TYR A 21 3.22 7.58 -18.30
CA TYR A 21 2.04 7.31 -19.10
C TYR A 21 2.35 6.34 -20.23
N THR A 22 3.56 6.45 -20.78
CA THR A 22 3.97 5.57 -21.86
C THR A 22 4.38 4.20 -21.33
N ASP A 23 4.57 4.12 -20.01
CA ASP A 23 4.96 2.86 -19.39
C ASP A 23 3.74 2.17 -18.78
N TRP A 24 3.02 2.91 -17.93
CA TRP A 24 1.83 2.35 -17.28
C TRP A 24 0.98 1.59 -18.30
N LYS A 25 0.79 2.18 -19.47
CA LYS A 25 -0.02 1.55 -20.51
C LYS A 25 0.40 0.09 -20.70
N SER A 26 1.68 -0.19 -20.45
CA SER A 26 2.19 -1.54 -20.60
C SER A 26 2.34 -2.21 -19.22
N SER A 27 2.87 -1.46 -18.26
CA SER A 27 3.05 -1.99 -16.91
C SER A 27 1.84 -1.68 -16.05
N GLY A 28 0.67 -1.62 -16.67
CA GLY A 28 -0.56 -1.33 -15.95
C GLY A 28 -1.63 -2.36 -16.28
N ALA A 29 -1.20 -3.54 -16.69
CA ALA A 29 -2.13 -4.61 -17.04
C ALA A 29 -1.69 -5.93 -16.42
N LEU A 30 -0.82 -5.85 -15.42
CA LEU A 30 -0.34 -7.05 -14.75
C LEU A 30 -0.05 -6.76 -13.27
N ILE A 31 0.44 -5.56 -12.98
CA ILE A 31 0.74 -5.18 -11.61
C ILE A 31 -0.55 -4.94 -10.80
N PRO A 32 -1.58 -4.40 -11.40
CA PRO A 32 -2.87 -4.13 -10.69
C PRO A 32 -3.49 -5.41 -10.15
N ALA A 33 -3.28 -6.51 -10.84
CA ALA A 33 -3.84 -7.79 -10.41
C ALA A 33 -3.37 -8.13 -9.00
N ILE A 34 -2.08 -8.41 -8.86
CA ILE A 34 -1.52 -8.74 -7.57
C ILE A 34 -1.90 -7.70 -6.53
N TYR A 35 -1.90 -6.44 -6.93
CA TYR A 35 -2.25 -5.35 -6.03
C TYR A 35 -3.69 -5.50 -5.55
N MET A 36 -4.63 -5.46 -6.49
CA MET A 36 -6.04 -5.60 -6.16
C MET A 36 -6.28 -6.87 -5.36
N LEU A 37 -5.87 -8.01 -5.93
CA LEU A 37 -6.05 -9.29 -5.27
C LEU A 37 -5.58 -9.21 -3.82
N VAL A 38 -4.52 -8.45 -3.59
CA VAL A 38 -3.98 -8.29 -2.24
C VAL A 38 -4.62 -7.10 -1.54
N PHE A 39 -5.39 -6.33 -2.29
CA PHE A 39 -6.07 -5.15 -1.73
C PHE A 39 -7.39 -5.55 -1.08
N LEU A 40 -8.24 -6.23 -1.86
CA LEU A 40 -9.54 -6.66 -1.35
C LEU A 40 -9.38 -7.83 -0.40
N LEU A 41 -8.14 -8.31 -0.24
CA LEU A 41 -7.87 -9.43 0.65
C LEU A 41 -6.81 -9.05 1.68
N GLY A 42 -6.29 -7.82 1.56
CA GLY A 42 -5.26 -7.35 2.49
C GLY A 42 -5.56 -5.92 2.93
N THR A 43 -6.70 -5.39 2.50
CA THR A 43 -7.09 -4.04 2.87
C THR A 43 -8.61 -3.90 2.91
N THR A 44 -9.28 -5.02 3.17
CA THR A 44 -10.74 -5.02 3.23
C THR A 44 -11.22 -5.68 4.52
N GLY A 45 -10.63 -6.84 4.83
CA GLY A 45 -10.99 -7.58 6.04
C GLY A 45 -9.76 -7.77 6.93
N ASN A 46 -8.65 -7.17 6.52
CA ASN A 46 -7.41 -7.28 7.29
C ASN A 46 -7.14 -6.01 8.08
N GLY A 47 -7.21 -4.87 7.39
CA GLY A 47 -6.98 -3.58 8.03
C GLY A 47 -8.09 -3.27 9.03
N LEU A 48 -9.34 -3.36 8.57
CA LEU A 48 -10.47 -3.09 9.42
C LEU A 48 -10.40 -3.91 10.71
N VAL A 49 -10.14 -5.20 10.56
CA VAL A 49 -10.04 -6.09 11.71
C VAL A 49 -8.93 -5.63 12.65
N LEU A 50 -7.68 -5.81 12.22
CA LEU A 50 -6.54 -5.39 13.03
C LEU A 50 -6.79 -4.05 13.69
N TRP A 51 -7.56 -3.21 13.01
CA TRP A 51 -7.88 -1.88 13.52
C TRP A 51 -8.97 -1.97 14.59
N THR A 52 -10.04 -2.69 14.28
CA THR A 52 -11.14 -2.86 15.23
C THR A 52 -10.65 -3.57 16.49
N VAL A 53 -9.87 -4.63 16.30
CA VAL A 53 -9.35 -5.39 17.42
C VAL A 53 -8.41 -4.53 18.25
N PHE A 54 -7.47 -3.87 17.58
CA PHE A 54 -6.51 -3.01 18.27
C PHE A 54 -7.22 -2.08 19.25
N ARG A 55 -8.54 -2.00 19.12
CA ARG A 55 -9.34 -1.14 20.00
C ARG A 55 -10.10 -1.97 21.03
N LYS A 56 -10.27 -3.26 20.74
CA LYS A 56 -10.98 -4.14 21.67
C LYS A 56 -10.00 -4.95 22.51
N LYS A 57 -8.79 -5.12 21.99
CA LYS A 57 -7.76 -5.88 22.69
C LYS A 57 -6.74 -4.92 23.31
N GLY A 58 -6.76 -3.68 22.86
CA GLY A 58 -5.82 -2.67 23.37
C GLY A 58 -6.31 -2.11 24.69
N HIS A 59 -7.63 -2.06 24.87
CA HIS A 59 -8.21 -1.54 26.09
C HIS A 59 -7.69 -2.31 27.30
N HIS A 60 -7.06 -3.45 27.05
CA HIS A 60 -6.52 -4.28 28.13
C HIS A 60 -5.15 -4.80 27.76
N HIS A 61 -4.14 -3.94 27.85
CA HIS A 61 -2.77 -4.33 27.51
C HIS A 61 -1.92 -4.40 28.78
N HIS A 62 -0.98 -5.34 28.80
CA HIS A 62 -0.10 -5.50 29.95
C HIS A 62 -0.92 -5.67 31.24
N HIS A 63 -0.95 -6.90 31.76
CA HIS A 63 -1.69 -7.18 32.97
C HIS A 63 -3.11 -6.63 32.86
N HIS A 64 -3.71 -6.77 31.68
CA HIS A 64 -5.06 -6.27 31.46
C HIS A 64 -5.24 -4.90 32.10
N MET A 1 33.59 4.86 -48.20
CA MET A 1 32.67 4.57 -49.33
C MET A 1 32.04 3.20 -49.13
N GLU A 2 32.80 2.28 -48.56
CA GLU A 2 32.30 0.93 -48.32
C GLU A 2 31.68 0.83 -46.92
N GLU A 3 30.38 1.10 -46.84
CA GLU A 3 29.68 1.04 -45.56
C GLU A 3 29.90 -0.32 -44.90
N GLY A 4 29.73 -0.35 -43.58
CA GLY A 4 29.91 -1.59 -42.84
C GLY A 4 28.82 -1.75 -41.77
N GLY A 5 28.81 -0.85 -40.79
CA GLY A 5 27.83 -0.90 -39.72
C GLY A 5 26.44 -0.54 -40.26
N ASP A 6 25.53 -0.25 -39.33
CA ASP A 6 24.17 0.12 -39.72
C ASP A 6 23.35 0.53 -38.49
N PHE A 7 23.85 1.53 -37.77
CA PHE A 7 23.16 2.01 -36.57
C PHE A 7 23.10 0.90 -35.52
N ASP A 8 23.40 1.26 -34.28
CA ASP A 8 23.37 0.29 -33.18
C ASP A 8 22.73 0.91 -31.94
N ASN A 9 21.69 1.71 -32.14
CA ASN A 9 21.00 2.35 -31.04
C ASN A 9 21.99 3.00 -30.08
N TYR A 10 21.48 3.59 -29.01
CA TYR A 10 22.34 4.24 -28.03
C TYR A 10 23.49 3.32 -27.63
N TYR A 11 24.58 3.40 -28.38
CA TYR A 11 25.74 2.55 -28.09
C TYR A 11 25.30 1.11 -27.83
N GLY A 12 24.33 0.67 -28.62
CA GLY A 12 23.81 -0.70 -28.46
C GLY A 12 23.63 -1.05 -26.99
N ALA A 13 23.32 -0.04 -26.19
CA ALA A 13 23.12 -0.25 -24.76
C ALA A 13 21.63 -0.24 -24.41
N ASP A 14 20.87 0.57 -25.15
CA ASP A 14 19.43 0.67 -24.92
C ASP A 14 18.68 -0.33 -25.80
N ASN A 15 19.29 -0.68 -26.93
CA ASN A 15 18.67 -1.63 -27.84
C ASN A 15 18.16 -2.85 -27.08
N GLN A 16 18.63 -3.01 -25.85
CA GLN A 16 18.22 -4.14 -25.03
C GLN A 16 17.18 -3.70 -24.01
N SER A 17 17.19 -2.41 -23.68
CA SER A 17 16.25 -1.88 -22.70
C SER A 17 14.85 -1.77 -23.31
N GLU A 18 14.80 -1.41 -24.59
CA GLU A 18 13.52 -1.27 -25.28
C GLU A 18 12.66 -2.51 -25.07
N CYS A 19 13.31 -3.64 -24.78
CA CYS A 19 12.58 -4.89 -24.55
C CYS A 19 11.79 -4.81 -23.26
N GLU A 20 12.29 -4.04 -22.30
CA GLU A 20 11.61 -3.90 -21.02
C GLU A 20 10.52 -2.83 -21.11
N TYR A 21 10.46 -2.15 -22.25
CA TYR A 21 9.46 -1.11 -22.46
C TYR A 21 8.25 -1.67 -23.19
N THR A 22 8.50 -2.45 -24.24
CA THR A 22 7.42 -3.04 -25.02
C THR A 22 6.67 -4.08 -24.19
N ASP A 23 7.33 -4.61 -23.17
CA ASP A 23 6.72 -5.61 -22.30
C ASP A 23 6.01 -4.95 -21.13
N TRP A 24 6.66 -3.94 -20.55
CA TRP A 24 6.09 -3.23 -19.42
C TRP A 24 4.70 -2.69 -19.77
N LYS A 25 4.64 -1.84 -20.80
CA LYS A 25 3.37 -1.27 -21.23
C LYS A 25 2.32 -2.36 -21.43
N SER A 26 2.78 -3.56 -21.75
CA SER A 26 1.87 -4.68 -21.96
C SER A 26 1.44 -5.27 -20.63
N SER A 27 2.40 -5.54 -19.75
CA SER A 27 2.11 -6.12 -18.45
C SER A 27 1.40 -5.10 -17.57
N GLY A 28 1.61 -3.82 -17.86
CA GLY A 28 0.98 -2.75 -17.08
C GLY A 28 -0.52 -2.74 -17.31
N ALA A 29 -1.01 -3.64 -18.16
CA ALA A 29 -2.43 -3.72 -18.46
C ALA A 29 -3.07 -4.88 -17.71
N LEU A 30 -2.24 -5.72 -17.10
CA LEU A 30 -2.74 -6.87 -16.36
C LEU A 30 -2.02 -7.00 -15.02
N ILE A 31 -1.10 -6.08 -14.76
CA ILE A 31 -0.36 -6.09 -13.50
C ILE A 31 -1.20 -5.59 -12.33
N PRO A 32 -2.09 -4.64 -12.55
CA PRO A 32 -2.96 -4.10 -11.45
C PRO A 32 -3.80 -5.18 -10.79
N ALA A 33 -4.06 -6.25 -11.52
CA ALA A 33 -4.85 -7.36 -11.00
C ALA A 33 -4.21 -7.92 -9.73
N ILE A 34 -3.05 -8.56 -9.89
CA ILE A 34 -2.35 -9.14 -8.76
C ILE A 34 -2.26 -8.13 -7.62
N TYR A 35 -1.98 -6.87 -7.96
CA TYR A 35 -1.88 -5.82 -6.96
C TYR A 35 -3.20 -5.64 -6.22
N MET A 36 -4.24 -5.32 -6.98
CA MET A 36 -5.57 -5.11 -6.39
C MET A 36 -6.03 -6.38 -5.68
N LEU A 37 -6.06 -7.49 -6.41
CA LEU A 37 -6.49 -8.76 -5.83
C LEU A 37 -5.76 -9.03 -4.52
N VAL A 38 -4.53 -8.55 -4.41
CA VAL A 38 -3.75 -8.74 -3.20
C VAL A 38 -3.98 -7.60 -2.21
N PHE A 39 -4.49 -6.48 -2.73
CA PHE A 39 -4.76 -5.32 -1.89
C PHE A 39 -6.07 -5.50 -1.13
N LEU A 40 -7.15 -5.68 -1.86
CA LEU A 40 -8.47 -5.86 -1.25
C LEU A 40 -8.49 -7.15 -0.44
N LEU A 41 -7.37 -7.85 -0.40
CA LEU A 41 -7.28 -9.10 0.34
C LEU A 41 -6.62 -8.87 1.70
N GLY A 42 -5.34 -8.50 1.68
CA GLY A 42 -4.61 -8.26 2.91
C GLY A 42 -4.70 -6.78 3.32
N THR A 43 -5.58 -6.04 2.65
CA THR A 43 -5.75 -4.62 2.95
C THR A 43 -7.23 -4.26 3.03
N THR A 44 -8.03 -5.20 3.51
CA THR A 44 -9.47 -4.97 3.63
C THR A 44 -9.98 -5.50 4.96
N GLY A 45 -9.64 -6.76 5.26
CA GLY A 45 -10.07 -7.38 6.52
C GLY A 45 -8.90 -7.48 7.49
N ASN A 46 -7.72 -7.06 7.04
CA ASN A 46 -6.54 -7.11 7.89
C ASN A 46 -6.39 -5.83 8.70
N GLY A 47 -6.50 -4.70 8.03
CA GLY A 47 -6.38 -3.41 8.70
C GLY A 47 -7.58 -3.16 9.62
N LEU A 48 -8.77 -3.34 9.08
CA LEU A 48 -9.99 -3.12 9.86
C LEU A 48 -9.95 -3.95 11.14
N VAL A 49 -9.61 -5.22 11.00
CA VAL A 49 -9.53 -6.12 12.16
C VAL A 49 -8.51 -5.61 13.16
N LEU A 50 -7.23 -5.73 12.81
CA LEU A 50 -6.16 -5.28 13.68
C LEU A 50 -6.51 -3.94 14.32
N TRP A 51 -7.29 -3.13 13.61
CA TRP A 51 -7.70 -1.83 14.11
C TRP A 51 -8.81 -1.97 15.14
N THR A 52 -9.85 -2.71 14.77
CA THR A 52 -10.98 -2.92 15.68
C THR A 52 -10.53 -3.69 16.91
N VAL A 53 -9.75 -4.75 16.70
CA VAL A 53 -9.26 -5.56 17.81
C VAL A 53 -8.47 -4.71 18.80
N PHE A 54 -7.59 -3.88 18.28
CA PHE A 54 -6.77 -3.01 19.12
C PHE A 54 -7.65 -2.10 19.97
N ARG A 55 -8.93 -2.01 19.60
CA ARG A 55 -9.88 -1.17 20.32
C ARG A 55 -10.89 -2.03 21.08
N LYS A 56 -10.66 -3.34 21.12
CA LYS A 56 -11.56 -4.25 21.81
C LYS A 56 -10.79 -5.04 22.87
N LYS A 57 -9.49 -5.21 22.66
CA LYS A 57 -8.66 -5.95 23.60
C LYS A 57 -7.90 -4.99 24.51
N GLY A 58 -7.44 -3.88 23.94
CA GLY A 58 -6.69 -2.88 24.71
C GLY A 58 -7.64 -1.98 25.48
N HIS A 59 -8.85 -1.79 24.94
CA HIS A 59 -9.84 -0.93 25.60
C HIS A 59 -10.10 -1.43 27.01
N HIS A 60 -10.06 -2.74 27.21
CA HIS A 60 -10.30 -3.31 28.53
C HIS A 60 -9.57 -2.52 29.60
N HIS A 61 -8.24 -2.53 29.55
CA HIS A 61 -7.45 -1.80 30.53
C HIS A 61 -6.29 -1.07 29.84
N HIS A 62 -5.57 -0.25 30.60
CA HIS A 62 -4.45 0.49 30.06
C HIS A 62 -3.36 -0.46 29.56
N HIS A 63 -2.41 -0.78 30.44
CA HIS A 63 -1.32 -1.68 30.09
C HIS A 63 -1.71 -3.12 30.36
N HIS A 64 -2.95 -3.47 30.04
CA HIS A 64 -3.43 -4.83 30.27
C HIS A 64 -2.96 -5.35 31.62
N MET A 1 26.71 12.73 -23.62
CA MET A 1 28.04 12.15 -23.98
C MET A 1 28.88 11.99 -22.72
N GLU A 2 28.43 12.61 -21.63
CA GLU A 2 29.15 12.52 -20.36
C GLU A 2 28.58 11.43 -19.47
N GLU A 3 29.32 10.33 -19.35
CA GLU A 3 28.87 9.22 -18.52
C GLU A 3 29.94 8.12 -18.48
N GLY A 4 29.75 7.16 -17.58
CA GLY A 4 30.70 6.06 -17.45
C GLY A 4 30.21 5.04 -16.43
N GLY A 5 30.56 5.26 -15.16
CA GLY A 5 30.14 4.35 -14.10
C GLY A 5 30.76 4.76 -12.76
N ASP A 6 30.33 5.91 -12.25
CA ASP A 6 30.84 6.40 -10.98
C ASP A 6 29.78 7.23 -10.26
N PHE A 7 28.62 6.64 -10.04
CA PHE A 7 27.53 7.33 -9.37
C PHE A 7 27.31 8.71 -9.98
N ASP A 8 27.28 8.76 -11.31
CA ASP A 8 27.07 10.02 -12.00
C ASP A 8 25.59 10.36 -12.07
N ASN A 9 24.94 10.41 -10.92
CA ASN A 9 23.52 10.72 -10.86
C ASN A 9 23.24 12.08 -11.50
N TYR A 10 21.97 12.38 -11.70
CA TYR A 10 21.57 13.66 -12.31
C TYR A 10 22.19 13.81 -13.69
N TYR A 11 21.43 14.39 -14.61
CA TYR A 11 21.92 14.60 -15.97
C TYR A 11 22.68 13.37 -16.46
N GLY A 12 22.16 12.19 -16.12
CA GLY A 12 22.79 10.94 -16.54
C GLY A 12 22.37 9.79 -15.63
N ALA A 13 21.15 9.88 -15.10
CA ALA A 13 20.63 8.84 -14.21
C ALA A 13 19.27 8.36 -14.70
N ASP A 14 18.54 9.25 -15.38
CA ASP A 14 17.22 8.89 -15.88
C ASP A 14 17.30 8.48 -17.35
N ASN A 15 18.30 8.99 -18.06
CA ASN A 15 18.49 8.66 -19.47
C ASN A 15 18.45 7.15 -19.67
N GLN A 16 18.80 6.40 -18.63
CA GLN A 16 18.81 4.95 -18.71
C GLN A 16 17.52 4.39 -18.11
N SER A 17 16.82 5.21 -17.34
CA SER A 17 15.57 4.77 -16.72
C SER A 17 14.44 4.75 -17.74
N GLU A 18 14.41 5.76 -18.60
CA GLU A 18 13.38 5.85 -19.62
C GLU A 18 13.26 4.53 -20.38
N CYS A 19 14.22 3.64 -20.17
CA CYS A 19 14.21 2.34 -20.84
C CYS A 19 13.11 1.46 -20.26
N GLU A 20 12.80 1.66 -18.98
CA GLU A 20 11.77 0.87 -18.32
C GLU A 20 10.41 1.55 -18.45
N TYR A 21 10.43 2.86 -18.68
CA TYR A 21 9.19 3.61 -18.81
C TYR A 21 8.36 3.10 -19.98
N THR A 22 9.05 2.67 -21.04
CA THR A 22 8.38 2.14 -22.22
C THR A 22 7.82 0.75 -21.95
N ASP A 23 8.37 0.08 -20.94
CA ASP A 23 7.92 -1.26 -20.58
C ASP A 23 6.82 -1.18 -19.53
N TRP A 24 7.10 -0.49 -18.43
CA TRP A 24 6.12 -0.35 -17.36
C TRP A 24 4.73 -0.08 -17.93
N LYS A 25 4.64 0.88 -18.84
CA LYS A 25 3.37 1.22 -19.46
C LYS A 25 2.75 0.00 -20.13
N SER A 26 3.60 -0.90 -20.61
CA SER A 26 3.13 -2.10 -21.28
C SER A 26 2.77 -3.17 -20.26
N SER A 27 3.66 -3.40 -19.30
CA SER A 27 3.41 -4.40 -18.26
C SER A 27 2.54 -3.82 -17.15
N GLY A 28 2.18 -2.55 -17.30
CA GLY A 28 1.34 -1.89 -16.31
C GLY A 28 -0.14 -2.13 -16.59
N ALA A 29 -0.42 -2.97 -17.57
CA ALA A 29 -1.80 -3.27 -17.94
C ALA A 29 -2.23 -4.61 -17.35
N LEU A 30 -1.29 -5.29 -16.70
CA LEU A 30 -1.58 -6.59 -16.10
C LEU A 30 -1.08 -6.64 -14.66
N ILE A 31 -0.41 -5.58 -14.24
CA ILE A 31 0.12 -5.51 -12.87
C ILE A 31 -0.98 -5.14 -11.86
N PRO A 32 -1.95 -4.33 -12.24
CA PRO A 32 -3.04 -3.92 -11.31
C PRO A 32 -3.82 -5.11 -10.79
N ALA A 33 -3.77 -6.23 -11.53
CA ALA A 33 -4.48 -7.43 -11.12
C ALA A 33 -4.00 -7.91 -9.76
N ILE A 34 -2.76 -8.37 -9.70
CA ILE A 34 -2.19 -8.85 -8.44
C ILE A 34 -2.36 -7.80 -7.35
N TYR A 35 -2.00 -6.56 -7.67
CA TYR A 35 -2.12 -5.47 -6.72
C TYR A 35 -3.48 -5.49 -6.04
N MET A 36 -4.53 -5.35 -6.84
CA MET A 36 -5.89 -5.37 -6.31
C MET A 36 -6.17 -6.68 -5.58
N LEU A 37 -6.08 -7.79 -6.31
CA LEU A 37 -6.33 -9.10 -5.71
C LEU A 37 -5.56 -9.25 -4.40
N VAL A 38 -4.63 -8.33 -4.16
CA VAL A 38 -3.81 -8.36 -2.94
C VAL A 38 -4.11 -7.16 -2.07
N PHE A 39 -4.79 -6.17 -2.64
CA PHE A 39 -5.12 -4.96 -1.89
C PHE A 39 -6.53 -5.05 -1.31
N LEU A 40 -7.31 -6.01 -1.80
CA LEU A 40 -8.67 -6.20 -1.32
C LEU A 40 -8.79 -7.52 -0.57
N LEU A 41 -7.67 -8.23 -0.44
CA LEU A 41 -7.67 -9.52 0.25
C LEU A 41 -7.06 -9.38 1.65
N GLY A 42 -5.78 -9.04 1.71
CA GLY A 42 -5.09 -8.90 2.98
C GLY A 42 -4.96 -7.44 3.40
N THR A 43 -5.64 -6.55 2.69
CA THR A 43 -5.60 -5.13 3.01
C THR A 43 -7.01 -4.54 3.06
N THR A 44 -7.98 -5.36 3.45
CA THR A 44 -9.36 -4.93 3.55
C THR A 44 -10.00 -5.48 4.81
N GLY A 45 -9.83 -6.78 5.04
CA GLY A 45 -10.40 -7.41 6.22
C GLY A 45 -9.33 -7.65 7.28
N ASN A 46 -8.09 -7.29 6.95
CA ASN A 46 -6.98 -7.48 7.88
C ASN A 46 -6.74 -6.21 8.69
N GLY A 47 -6.63 -5.08 7.99
CA GLY A 47 -6.41 -3.80 8.65
C GLY A 47 -7.60 -3.41 9.52
N LEU A 48 -8.80 -3.57 8.98
CA LEU A 48 -10.01 -3.23 9.71
C LEU A 48 -10.10 -4.04 11.01
N VAL A 49 -9.88 -5.35 10.89
CA VAL A 49 -9.93 -6.22 12.06
C VAL A 49 -8.89 -5.80 13.09
N LEU A 50 -7.63 -6.01 12.77
CA LEU A 50 -6.54 -5.64 13.67
C LEU A 50 -6.79 -4.26 14.28
N TRP A 51 -7.47 -3.41 13.52
CA TRP A 51 -7.77 -2.06 14.00
C TRP A 51 -8.93 -2.09 14.98
N THR A 52 -10.02 -2.74 14.58
CA THR A 52 -11.20 -2.84 15.44
C THR A 52 -10.84 -3.53 16.75
N VAL A 53 -10.08 -4.61 16.66
CA VAL A 53 -9.68 -5.35 17.84
C VAL A 53 -8.76 -4.51 18.73
N PHE A 54 -7.75 -3.90 18.11
CA PHE A 54 -6.82 -3.06 18.86
C PHE A 54 -7.57 -2.07 19.74
N ARG A 55 -8.88 -1.95 19.51
CA ARG A 55 -9.69 -1.04 20.29
C ARG A 55 -10.53 -1.81 21.31
N LYS A 56 -10.75 -3.10 21.04
CA LYS A 56 -11.54 -3.92 21.95
C LYS A 56 -10.63 -4.65 22.94
N LYS A 57 -9.40 -4.93 22.50
CA LYS A 57 -8.45 -5.63 23.34
C LYS A 57 -7.44 -4.63 23.94
N GLY A 58 -7.44 -3.42 23.41
CA GLY A 58 -6.53 -2.38 23.89
C GLY A 58 -7.11 -1.67 25.11
N HIS A 59 -8.43 -1.58 25.15
CA HIS A 59 -9.11 -0.92 26.26
C HIS A 59 -8.73 -1.58 27.59
N HIS A 60 -8.15 -2.76 27.51
CA HIS A 60 -7.75 -3.49 28.71
C HIS A 60 -6.29 -3.18 29.06
N HIS A 61 -5.77 -2.09 28.49
CA HIS A 61 -4.40 -1.69 28.74
C HIS A 61 -4.34 -0.66 29.86
N HIS A 62 -5.21 -0.82 30.86
CA HIS A 62 -5.26 0.11 31.98
C HIS A 62 -5.92 1.42 31.58
N HIS A 63 -5.30 2.13 30.65
CA HIS A 63 -5.85 3.40 30.18
C HIS A 63 -7.06 3.16 29.29
N HIS A 64 -8.03 2.40 29.80
CA HIS A 64 -9.24 2.10 29.04
C HIS A 64 -9.73 3.35 28.32
N MET A 1 16.36 11.92 -9.66
CA MET A 1 16.89 12.64 -8.46
C MET A 1 15.93 12.44 -7.29
N GLU A 2 15.99 11.28 -6.66
CA GLU A 2 15.12 10.97 -5.54
C GLU A 2 15.89 10.18 -4.48
N GLU A 3 16.24 10.85 -3.38
CA GLU A 3 16.96 10.20 -2.31
C GLU A 3 16.22 8.95 -1.82
N GLY A 4 16.86 7.80 -1.93
CA GLY A 4 16.23 6.56 -1.51
C GLY A 4 17.29 5.47 -1.30
N GLY A 5 17.61 5.21 -0.03
CA GLY A 5 18.61 4.18 0.30
C GLY A 5 19.97 4.83 0.55
N ASP A 6 21.02 4.05 0.34
CA ASP A 6 22.38 4.54 0.55
C ASP A 6 23.41 3.53 0.04
N PHE A 7 23.26 3.13 -1.21
CA PHE A 7 24.18 2.17 -1.81
C PHE A 7 24.28 2.38 -3.32
N ASP A 8 25.36 3.01 -3.74
CA ASP A 8 25.58 3.28 -5.16
C ASP A 8 24.28 3.73 -5.83
N ASN A 9 23.34 4.24 -5.01
CA ASN A 9 22.07 4.69 -5.53
C ASN A 9 22.27 5.62 -6.73
N TYR A 10 22.23 6.91 -6.48
CA TYR A 10 22.41 7.90 -7.55
C TYR A 10 23.53 7.46 -8.48
N TYR A 11 23.22 7.41 -9.78
CA TYR A 11 24.21 6.99 -10.77
C TYR A 11 24.37 5.48 -10.77
N GLY A 12 23.25 4.78 -10.65
CA GLY A 12 23.27 3.31 -10.65
C GLY A 12 22.04 2.76 -9.92
N ALA A 13 20.96 3.53 -9.95
CA ALA A 13 19.72 3.11 -9.30
C ALA A 13 18.55 3.21 -10.27
N ASP A 14 18.66 4.12 -11.23
CA ASP A 14 17.59 4.29 -12.21
C ASP A 14 17.90 3.51 -13.49
N ASN A 15 19.19 3.33 -13.77
CA ASN A 15 19.60 2.60 -14.96
C ASN A 15 18.84 1.28 -15.07
N GLN A 16 18.45 0.74 -13.92
CA GLN A 16 17.71 -0.52 -13.91
C GLN A 16 16.24 -0.28 -14.22
N SER A 17 15.73 0.90 -13.85
CA SER A 17 14.34 1.24 -14.10
C SER A 17 14.10 1.46 -15.59
N GLU A 18 14.91 2.32 -16.19
CA GLU A 18 14.77 2.62 -17.62
C GLU A 18 14.66 1.32 -18.42
N CYS A 19 15.01 0.21 -17.79
CA CYS A 19 14.95 -1.09 -18.45
C CYS A 19 13.57 -1.71 -18.29
N GLU A 20 12.93 -1.43 -17.16
CA GLU A 20 11.60 -1.97 -16.88
C GLU A 20 10.53 -0.99 -17.34
N TYR A 21 10.83 0.30 -17.26
CA TYR A 21 9.88 1.33 -17.67
C TYR A 21 9.39 1.06 -19.09
N THR A 22 10.26 0.50 -19.92
CA THR A 22 9.90 0.19 -21.30
C THR A 22 9.06 -1.08 -21.37
N ASP A 23 9.12 -1.88 -20.31
CA ASP A 23 8.36 -3.13 -20.26
C ASP A 23 7.03 -2.92 -19.54
N TRP A 24 7.11 -2.46 -18.29
CA TRP A 24 5.92 -2.22 -17.50
C TRP A 24 4.82 -1.57 -18.35
N LYS A 25 5.22 -0.61 -19.18
CA LYS A 25 4.26 0.08 -20.05
C LYS A 25 3.42 -0.93 -20.81
N SER A 26 4.04 -2.03 -21.22
CA SER A 26 3.34 -3.06 -21.96
C SER A 26 2.85 -4.17 -21.03
N SER A 27 3.64 -4.45 -19.99
CA SER A 27 3.28 -5.48 -19.03
C SER A 27 2.40 -4.90 -17.92
N GLY A 28 1.89 -3.70 -18.15
CA GLY A 28 1.04 -3.04 -17.16
C GLY A 28 -0.41 -3.47 -17.34
N ALA A 29 -0.70 -4.15 -18.44
CA ALA A 29 -2.05 -4.62 -18.71
C ALA A 29 -2.23 -6.03 -18.19
N LEU A 30 -1.74 -6.27 -16.98
CA LEU A 30 -1.86 -7.60 -16.36
C LEU A 30 -1.38 -7.57 -14.91
N ILE A 31 -0.46 -6.67 -14.61
CA ILE A 31 0.08 -6.57 -13.26
C ILE A 31 -0.96 -5.99 -12.28
N PRO A 32 -1.81 -5.09 -12.70
CA PRO A 32 -2.84 -4.48 -11.81
C PRO A 32 -3.80 -5.54 -11.27
N ALA A 33 -3.97 -6.62 -12.01
CA ALA A 33 -4.86 -7.70 -11.60
C ALA A 33 -4.49 -8.19 -10.20
N ILE A 34 -3.35 -8.85 -10.09
CA ILE A 34 -2.90 -9.36 -8.80
C ILE A 34 -2.76 -8.21 -7.80
N TYR A 35 -2.15 -7.12 -8.24
CA TYR A 35 -1.97 -5.97 -7.37
C TYR A 35 -3.24 -5.70 -6.58
N MET A 36 -4.36 -5.60 -7.29
CA MET A 36 -5.65 -5.34 -6.64
C MET A 36 -6.06 -6.54 -5.80
N LEU A 37 -6.17 -7.70 -6.44
CA LEU A 37 -6.55 -8.91 -5.73
C LEU A 37 -5.78 -9.05 -4.42
N VAL A 38 -4.52 -8.65 -4.45
CA VAL A 38 -3.68 -8.74 -3.25
C VAL A 38 -3.90 -7.53 -2.35
N PHE A 39 -4.26 -6.40 -2.95
CA PHE A 39 -4.49 -5.18 -2.17
C PHE A 39 -5.78 -5.29 -1.37
N LEU A 40 -6.90 -5.48 -2.08
CA LEU A 40 -8.20 -5.59 -1.42
C LEU A 40 -8.23 -6.82 -0.51
N LEU A 41 -7.12 -7.54 -0.46
CA LEU A 41 -7.03 -8.73 0.38
C LEU A 41 -6.39 -8.40 1.72
N GLY A 42 -5.10 -8.07 1.69
CA GLY A 42 -4.37 -7.73 2.91
C GLY A 42 -4.58 -6.27 3.28
N THR A 43 -5.42 -5.58 2.50
CA THR A 43 -5.69 -4.16 2.77
C THR A 43 -7.19 -3.90 2.75
N THR A 44 -7.95 -4.80 3.36
CA THR A 44 -9.40 -4.67 3.41
C THR A 44 -9.93 -5.09 4.77
N GLY A 45 -9.61 -6.31 5.17
CA GLY A 45 -10.06 -6.82 6.46
C GLY A 45 -8.91 -6.83 7.47
N ASN A 46 -7.71 -6.54 6.99
CA ASN A 46 -6.53 -6.51 7.85
C ASN A 46 -6.56 -5.27 8.74
N GLY A 47 -6.80 -4.12 8.12
CA GLY A 47 -6.84 -2.86 8.87
C GLY A 47 -8.05 -2.83 9.80
N LEU A 48 -9.21 -3.20 9.26
CA LEU A 48 -10.43 -3.21 10.06
C LEU A 48 -10.26 -4.09 11.29
N VAL A 49 -9.76 -5.31 11.08
CA VAL A 49 -9.55 -6.24 12.18
C VAL A 49 -8.59 -5.65 13.20
N LEU A 50 -7.31 -5.56 12.82
CA LEU A 50 -6.30 -5.02 13.71
C LEU A 50 -6.82 -3.79 14.44
N TRP A 51 -7.71 -3.05 13.78
CA TRP A 51 -8.28 -1.85 14.37
C TRP A 51 -9.36 -2.22 15.40
N THR A 52 -10.29 -3.08 14.98
CA THR A 52 -11.37 -3.50 15.88
C THR A 52 -10.80 -4.15 17.12
N VAL A 53 -9.79 -5.00 16.94
CA VAL A 53 -9.16 -5.69 18.06
C VAL A 53 -8.51 -4.69 19.01
N PHE A 54 -7.75 -3.75 18.45
CA PHE A 54 -7.09 -2.74 19.25
C PHE A 54 -8.09 -2.04 20.17
N ARG A 55 -9.38 -2.25 19.89
CA ARG A 55 -10.43 -1.62 20.70
C ARG A 55 -11.05 -2.64 21.64
N LYS A 56 -10.79 -3.92 21.39
CA LYS A 56 -11.33 -4.99 22.23
C LYS A 56 -10.26 -5.52 23.19
N LYS A 57 -9.00 -5.42 22.75
CA LYS A 57 -7.89 -5.89 23.57
C LYS A 57 -7.23 -4.73 24.28
N GLY A 58 -7.27 -3.55 23.65
CA GLY A 58 -6.67 -2.35 24.23
C GLY A 58 -7.56 -1.78 25.32
N HIS A 59 -8.86 -1.99 25.19
CA HIS A 59 -9.81 -1.48 26.17
C HIS A 59 -9.50 -2.03 27.55
N HIS A 60 -8.68 -3.07 27.60
CA HIS A 60 -8.30 -3.69 28.86
C HIS A 60 -6.81 -4.01 28.89
N HIS A 61 -6.02 -3.09 29.45
CA HIS A 61 -4.58 -3.29 29.52
C HIS A 61 -4.25 -4.43 30.47
N HIS A 62 -3.11 -4.33 31.14
CA HIS A 62 -2.69 -5.36 32.07
C HIS A 62 -3.17 -5.05 33.48
N HIS A 63 -2.88 -3.84 33.95
CA HIS A 63 -3.30 -3.42 35.28
C HIS A 63 -3.82 -1.99 35.26
N HIS A 64 -4.61 -1.67 34.24
CA HIS A 64 -5.17 -0.33 34.11
C HIS A 64 -4.08 0.72 34.29
N MET A 1 6.58 24.48 1.65
CA MET A 1 8.03 24.70 1.89
C MET A 1 8.84 23.79 0.96
N GLU A 2 8.20 23.33 -0.11
CA GLU A 2 8.85 22.45 -1.07
C GLU A 2 9.49 23.26 -2.19
N GLU A 3 10.64 23.87 -1.90
CA GLU A 3 11.34 24.67 -2.90
C GLU A 3 11.62 23.85 -4.15
N GLY A 4 12.22 24.49 -5.15
CA GLY A 4 12.55 23.80 -6.39
C GLY A 4 11.53 24.16 -7.48
N GLY A 5 12.04 24.47 -8.67
CA GLY A 5 11.16 24.82 -9.79
C GLY A 5 9.98 23.87 -9.87
N ASP A 6 10.16 22.75 -10.56
CA ASP A 6 9.09 21.77 -10.70
C ASP A 6 9.61 20.50 -11.37
N PHE A 7 10.48 19.78 -10.66
CA PHE A 7 11.05 18.54 -11.19
C PHE A 7 11.91 18.84 -12.42
N ASP A 8 12.84 17.95 -12.71
CA ASP A 8 13.73 18.12 -13.86
C ASP A 8 13.16 17.40 -15.08
N ASN A 9 11.84 17.24 -15.12
CA ASN A 9 11.19 16.58 -16.24
C ASN A 9 11.76 17.07 -17.56
N TYR A 10 11.34 16.43 -18.66
CA TYR A 10 11.81 16.82 -19.98
C TYR A 10 13.34 16.87 -20.03
N TYR A 11 13.93 15.92 -20.76
CA TYR A 11 15.38 15.87 -20.88
C TYR A 11 16.00 15.25 -19.63
N GLY A 12 15.36 14.20 -19.12
CA GLY A 12 15.86 13.52 -17.93
C GLY A 12 14.71 12.89 -17.15
N ALA A 13 13.63 12.55 -17.86
CA ALA A 13 12.47 11.94 -17.24
C ALA A 13 12.07 10.68 -17.97
N ASP A 14 12.38 10.63 -19.27
CA ASP A 14 12.05 9.46 -20.08
C ASP A 14 13.20 8.47 -20.09
N ASN A 15 14.42 8.99 -19.95
CA ASN A 15 15.61 8.13 -19.94
C ASN A 15 15.46 7.01 -18.93
N GLN A 16 14.69 7.28 -17.87
CA GLN A 16 14.47 6.28 -16.83
C GLN A 16 13.13 5.58 -17.03
N SER A 17 12.37 6.03 -18.02
CA SER A 17 11.06 5.44 -18.30
C SER A 17 11.18 4.39 -19.40
N GLU A 18 12.04 4.66 -20.37
CA GLU A 18 12.24 3.73 -21.48
C GLU A 18 12.58 2.34 -20.96
N CYS A 19 13.73 2.22 -20.31
CA CYS A 19 14.16 0.93 -19.76
C CYS A 19 13.00 0.21 -19.10
N GLU A 20 12.06 0.99 -18.56
CA GLU A 20 10.89 0.42 -17.90
C GLU A 20 9.74 0.26 -18.87
N TYR A 21 9.72 1.11 -19.90
CA TYR A 21 8.66 1.05 -20.90
C TYR A 21 8.52 -0.37 -21.45
N THR A 22 9.63 -1.10 -21.49
CA THR A 22 9.63 -2.46 -22.00
C THR A 22 9.02 -3.41 -20.96
N ASP A 23 9.01 -2.98 -19.71
CA ASP A 23 8.47 -3.81 -18.64
C ASP A 23 7.04 -3.38 -18.31
N TRP A 24 6.89 -2.11 -17.89
CA TRP A 24 5.57 -1.59 -17.55
C TRP A 24 4.53 -2.07 -18.56
N LYS A 25 4.95 -2.25 -19.80
CA LYS A 25 4.04 -2.70 -20.85
C LYS A 25 3.77 -4.19 -20.72
N SER A 26 4.80 -4.94 -20.34
CA SER A 26 4.66 -6.39 -20.19
C SER A 26 4.37 -6.76 -18.73
N SER A 27 4.36 -5.74 -17.86
CA SER A 27 4.09 -5.97 -16.45
C SER A 27 3.13 -4.92 -15.91
N GLY A 28 3.45 -3.64 -16.12
CA GLY A 28 2.61 -2.56 -15.65
C GLY A 28 1.22 -2.64 -16.28
N ALA A 29 1.01 -3.64 -17.13
CA ALA A 29 -0.27 -3.82 -17.80
C ALA A 29 -1.06 -4.95 -17.16
N LEU A 30 -0.40 -5.69 -16.27
CA LEU A 30 -1.05 -6.81 -15.58
C LEU A 30 -0.61 -6.88 -14.13
N ILE A 31 0.15 -5.87 -13.69
CA ILE A 31 0.63 -5.83 -12.31
C ILE A 31 -0.48 -5.43 -11.34
N PRO A 32 -1.40 -4.58 -11.73
CA PRO A 32 -2.52 -4.15 -10.83
C PRO A 32 -3.34 -5.33 -10.33
N ALA A 33 -3.24 -6.45 -11.04
CA ALA A 33 -3.99 -7.65 -10.67
C ALA A 33 -3.56 -8.14 -9.29
N ILE A 34 -2.31 -8.57 -9.19
CA ILE A 34 -1.78 -9.07 -7.92
C ILE A 34 -1.99 -8.04 -6.81
N TYR A 35 -1.86 -6.76 -7.17
CA TYR A 35 -2.04 -5.69 -6.19
C TYR A 35 -3.48 -5.66 -5.69
N MET A 36 -4.42 -5.51 -6.62
CA MET A 36 -5.84 -5.46 -6.28
C MET A 36 -6.24 -6.72 -5.51
N LEU A 37 -6.04 -7.87 -6.14
CA LEU A 37 -6.39 -9.13 -5.50
C LEU A 37 -5.88 -9.18 -4.07
N VAL A 38 -4.80 -8.46 -3.81
CA VAL A 38 -4.22 -8.42 -2.47
C VAL A 38 -4.69 -7.17 -1.73
N PHE A 39 -5.26 -6.23 -2.46
CA PHE A 39 -5.74 -4.99 -1.87
C PHE A 39 -7.10 -5.19 -1.22
N LEU A 40 -8.02 -5.82 -1.96
CA LEU A 40 -9.36 -6.08 -1.44
C LEU A 40 -9.36 -7.30 -0.52
N LEU A 41 -8.20 -7.93 -0.38
CA LEU A 41 -8.07 -9.11 0.47
C LEU A 41 -6.95 -8.92 1.49
N GLY A 42 -6.30 -7.75 1.42
CA GLY A 42 -5.21 -7.45 2.35
C GLY A 42 -5.31 -6.02 2.85
N THR A 43 -6.37 -5.32 2.44
CA THR A 43 -6.56 -3.94 2.86
C THR A 43 -8.05 -3.65 3.06
N THR A 44 -8.82 -4.70 3.31
CA THR A 44 -10.25 -4.55 3.52
C THR A 44 -10.70 -5.34 4.75
N GLY A 45 -10.26 -6.59 4.84
CA GLY A 45 -10.60 -7.44 5.97
C GLY A 45 -9.43 -7.58 6.93
N ASN A 46 -8.29 -7.01 6.54
CA ASN A 46 -7.10 -7.07 7.37
C ASN A 46 -7.01 -5.85 8.28
N GLY A 47 -7.09 -4.67 7.69
CA GLY A 47 -7.01 -3.43 8.46
C GLY A 47 -8.18 -3.33 9.44
N LEU A 48 -9.40 -3.46 8.92
CA LEU A 48 -10.58 -3.38 9.76
C LEU A 48 -10.42 -4.27 10.99
N VAL A 49 -10.06 -5.52 10.76
CA VAL A 49 -9.88 -6.46 11.86
C VAL A 49 -8.78 -5.97 12.80
N LEU A 50 -7.54 -6.05 12.35
CA LEU A 50 -6.41 -5.61 13.15
C LEU A 50 -6.70 -4.25 13.78
N TRP A 51 -7.63 -3.51 13.19
CA TRP A 51 -7.99 -2.19 13.69
C TRP A 51 -9.05 -2.31 14.78
N THR A 52 -10.04 -3.16 14.54
CA THR A 52 -11.11 -3.36 15.52
C THR A 52 -10.57 -4.02 16.78
N VAL A 53 -9.69 -5.01 16.59
CA VAL A 53 -9.10 -5.72 17.71
C VAL A 53 -8.28 -4.76 18.58
N PHE A 54 -7.37 -4.04 17.94
CA PHE A 54 -6.52 -3.09 18.67
C PHE A 54 -7.37 -2.19 19.57
N ARG A 55 -8.68 -2.20 19.33
CA ARG A 55 -9.59 -1.38 20.11
C ARG A 55 -10.31 -2.23 21.15
N LYS A 56 -10.35 -3.54 20.92
CA LYS A 56 -11.01 -4.44 21.85
C LYS A 56 -9.99 -5.03 22.83
N LYS A 57 -8.76 -5.16 22.38
CA LYS A 57 -7.70 -5.71 23.23
C LYS A 57 -6.82 -4.59 23.79
N GLY A 58 -6.97 -3.40 23.21
CA GLY A 58 -6.18 -2.26 23.66
C GLY A 58 -6.85 -1.55 24.83
N HIS A 59 -8.18 -1.59 24.85
CA HIS A 59 -8.94 -0.95 25.93
C HIS A 59 -8.53 -1.53 27.28
N HIS A 60 -7.80 -2.65 27.25
CA HIS A 60 -7.35 -3.28 28.48
C HIS A 60 -5.91 -3.75 28.33
N HIS A 61 -4.97 -2.91 28.73
CA HIS A 61 -3.55 -3.25 28.64
C HIS A 61 -3.18 -4.27 29.71
N HIS A 62 -1.90 -4.62 29.77
CA HIS A 62 -1.43 -5.60 30.75
C HIS A 62 -1.40 -4.98 32.15
N HIS A 63 -0.35 -4.22 32.43
CA HIS A 63 -0.21 -3.58 33.73
C HIS A 63 -0.65 -2.12 33.65
N HIS A 64 -1.75 -1.87 32.95
CA HIS A 64 -2.27 -0.52 32.81
C HIS A 64 -1.12 0.47 32.56
N MET A 1 0.98 28.86 8.84
CA MET A 1 2.45 28.78 9.09
C MET A 1 2.94 27.38 8.75
N GLU A 2 2.48 26.84 7.63
CA GLU A 2 2.89 25.51 7.20
C GLU A 2 2.82 25.39 5.68
N GLU A 3 3.93 24.97 5.08
CA GLU A 3 4.00 24.82 3.64
C GLU A 3 3.58 26.11 2.94
N GLY A 4 3.81 26.17 1.63
CA GLY A 4 3.46 27.36 0.87
C GLY A 4 3.04 26.98 -0.55
N GLY A 5 3.55 27.73 -1.53
CA GLY A 5 3.22 27.47 -2.92
C GLY A 5 4.35 27.92 -3.84
N ASP A 6 5.35 27.05 -4.02
CA ASP A 6 6.49 27.38 -4.88
C ASP A 6 7.04 26.12 -5.53
N PHE A 7 6.17 25.36 -6.20
CA PHE A 7 6.58 24.14 -6.87
C PHE A 7 6.79 24.38 -8.36
N ASP A 8 7.62 23.55 -8.98
CA ASP A 8 7.89 23.68 -10.41
C ASP A 8 7.02 22.71 -11.21
N ASN A 9 5.88 22.33 -10.64
CA ASN A 9 4.98 21.40 -11.31
C ASN A 9 4.86 21.75 -12.79
N TYR A 10 3.90 22.63 -13.10
CA TYR A 10 3.69 23.03 -14.49
C TYR A 10 5.03 23.26 -15.18
N TYR A 11 5.18 22.66 -16.36
CA TYR A 11 6.42 22.81 -17.11
C TYR A 11 7.54 21.98 -16.49
N GLY A 12 7.20 20.78 -16.05
CA GLY A 12 8.18 19.90 -15.42
C GLY A 12 7.50 18.89 -14.50
N ALA A 13 6.24 18.58 -14.81
CA ALA A 13 5.48 17.62 -14.01
C ALA A 13 4.88 16.52 -14.89
N ASP A 14 4.65 16.87 -16.16
CA ASP A 14 4.08 15.90 -17.10
C ASP A 14 5.18 15.23 -17.91
N ASN A 15 6.31 15.92 -18.05
CA ASN A 15 7.44 15.38 -18.80
C ASN A 15 7.84 14.01 -18.25
N GLN A 16 7.56 13.79 -16.97
CA GLN A 16 7.90 12.52 -16.32
C GLN A 16 6.72 11.55 -16.42
N SER A 17 5.61 12.03 -16.96
CA SER A 17 4.43 11.19 -17.10
C SER A 17 4.37 10.57 -18.49
N GLU A 18 4.54 11.40 -19.51
CA GLU A 18 4.51 10.93 -20.89
C GLU A 18 5.52 9.80 -21.10
N CYS A 19 6.58 9.81 -20.29
CA CYS A 19 7.60 8.78 -20.38
C CYS A 19 7.15 7.48 -19.74
N GLU A 20 6.29 7.61 -18.72
CA GLU A 20 5.77 6.43 -18.03
C GLU A 20 4.49 5.94 -18.68
N TYR A 21 3.74 6.87 -19.28
CA TYR A 21 2.48 6.52 -19.93
C TYR A 21 2.70 5.36 -20.91
N THR A 22 3.84 5.39 -21.60
CA THR A 22 4.14 4.33 -22.57
C THR A 22 4.39 3.01 -21.85
N ASP A 23 4.58 3.09 -20.54
CA ASP A 23 4.83 1.89 -19.74
C ASP A 23 3.57 1.47 -18.99
N TRP A 24 2.92 2.44 -18.35
CA TRP A 24 1.71 2.16 -17.60
C TRP A 24 0.80 1.20 -18.38
N LYS A 25 0.52 1.55 -19.63
CA LYS A 25 -0.32 0.70 -20.47
C LYS A 25 0.14 -0.74 -20.42
N SER A 26 1.44 -0.94 -20.26
CA SER A 26 2.01 -2.28 -20.20
C SER A 26 2.01 -2.81 -18.77
N SER A 27 2.52 -1.99 -17.84
CA SER A 27 2.57 -2.38 -16.45
C SER A 27 1.26 -2.08 -15.75
N GLY A 28 0.22 -1.84 -16.54
CA GLY A 28 -1.11 -1.55 -15.99
C GLY A 28 -2.16 -2.47 -16.59
N ALA A 29 -1.78 -3.72 -16.82
CA ALA A 29 -2.70 -4.70 -17.39
C ALA A 29 -2.44 -6.09 -16.82
N LEU A 30 -1.39 -6.20 -16.00
CA LEU A 30 -1.05 -7.48 -15.38
C LEU A 30 -0.67 -7.30 -13.92
N ILE A 31 -0.06 -6.16 -13.59
CA ILE A 31 0.33 -5.88 -12.23
C ILE A 31 -0.88 -5.50 -11.36
N PRO A 32 -1.85 -4.81 -11.92
CA PRO A 32 -3.06 -4.39 -11.14
C PRO A 32 -3.85 -5.60 -10.62
N ALA A 33 -3.79 -6.70 -11.36
CA ALA A 33 -4.50 -7.90 -10.96
C ALA A 33 -4.13 -8.30 -9.54
N ILE A 34 -2.93 -8.84 -9.35
CA ILE A 34 -2.48 -9.26 -8.03
C ILE A 34 -2.66 -8.12 -7.04
N TYR A 35 -2.15 -6.95 -7.39
CA TYR A 35 -2.26 -5.78 -6.51
C TYR A 35 -3.65 -5.72 -5.90
N MET A 36 -4.67 -5.70 -6.75
CA MET A 36 -6.04 -5.64 -6.28
C MET A 36 -6.36 -6.86 -5.40
N LEU A 37 -6.07 -8.04 -5.92
CA LEU A 37 -6.32 -9.27 -5.17
C LEU A 37 -5.73 -9.16 -3.77
N VAL A 38 -4.50 -8.65 -3.69
CA VAL A 38 -3.83 -8.50 -2.41
C VAL A 38 -4.34 -7.26 -1.67
N PHE A 39 -5.04 -6.39 -2.39
CA PHE A 39 -5.57 -5.17 -1.79
C PHE A 39 -6.87 -5.46 -1.03
N LEU A 40 -7.86 -5.95 -1.75
CA LEU A 40 -9.16 -6.26 -1.14
C LEU A 40 -9.03 -7.45 -0.17
N LEU A 41 -7.81 -8.00 -0.08
CA LEU A 41 -7.56 -9.14 0.81
C LEU A 41 -6.44 -8.81 1.79
N GLY A 42 -5.79 -7.67 1.57
CA GLY A 42 -4.70 -7.25 2.45
C GLY A 42 -4.82 -5.76 2.79
N THR A 43 -5.94 -5.16 2.38
CA THR A 43 -6.17 -3.74 2.66
C THR A 43 -7.66 -3.47 2.84
N THR A 44 -8.42 -4.51 3.15
CA THR A 44 -9.86 -4.38 3.34
C THR A 44 -10.29 -5.09 4.62
N GLY A 45 -9.82 -6.32 4.79
CA GLY A 45 -10.16 -7.10 5.98
C GLY A 45 -8.98 -7.14 6.95
N ASN A 46 -7.86 -6.54 6.54
CA ASN A 46 -6.67 -6.52 7.37
C ASN A 46 -6.65 -5.26 8.24
N GLY A 47 -6.82 -4.11 7.60
CA GLY A 47 -6.82 -2.85 8.32
C GLY A 47 -7.99 -2.77 9.29
N LEU A 48 -9.18 -3.12 8.82
CA LEU A 48 -10.37 -3.09 9.65
C LEU A 48 -10.17 -3.94 10.90
N VAL A 49 -9.67 -5.15 10.71
CA VAL A 49 -9.42 -6.06 11.82
C VAL A 49 -8.41 -5.46 12.79
N LEU A 50 -7.15 -5.40 12.37
CA LEU A 50 -6.10 -4.84 13.21
C LEU A 50 -6.59 -3.59 13.92
N TRP A 51 -7.49 -2.86 13.28
CA TRP A 51 -8.03 -1.64 13.86
C TRP A 51 -9.04 -1.97 14.95
N THR A 52 -10.01 -2.83 14.62
CA THR A 52 -11.04 -3.21 15.58
C THR A 52 -10.41 -3.96 16.76
N VAL A 53 -9.50 -4.87 16.45
CA VAL A 53 -8.83 -5.64 17.49
C VAL A 53 -8.11 -4.72 18.47
N PHE A 54 -7.38 -3.76 17.94
CA PHE A 54 -6.64 -2.82 18.77
C PHE A 54 -7.59 -2.07 19.70
N ARG A 55 -8.89 -2.16 19.41
CA ARG A 55 -9.90 -1.49 20.22
C ARG A 55 -10.74 -2.50 20.98
N LYS A 56 -10.37 -3.77 20.89
CA LYS A 56 -11.09 -4.84 21.59
C LYS A 56 -10.17 -5.58 22.55
N LYS A 57 -8.87 -5.57 22.24
CA LYS A 57 -7.90 -6.24 23.09
C LYS A 57 -7.16 -5.21 23.96
N GLY A 58 -6.98 -4.01 23.42
CA GLY A 58 -6.30 -2.96 24.16
C GLY A 58 -7.23 -2.26 25.14
N HIS A 59 -8.52 -2.21 24.78
CA HIS A 59 -9.51 -1.57 25.64
C HIS A 59 -9.56 -2.25 27.00
N HIS A 60 -9.00 -3.46 27.07
CA HIS A 60 -8.99 -4.21 28.32
C HIS A 60 -8.06 -3.56 29.34
N HIS A 61 -7.15 -2.73 28.84
CA HIS A 61 -6.20 -2.05 29.71
C HIS A 61 -6.68 -0.64 30.02
N HIS A 62 -7.89 -0.32 29.60
CA HIS A 62 -8.45 1.01 29.84
C HIS A 62 -7.70 2.07 29.04
N HIS A 63 -6.44 2.28 29.41
CA HIS A 63 -5.61 3.27 28.72
C HIS A 63 -4.73 2.59 27.68
N HIS A 64 -5.31 1.65 26.94
CA HIS A 64 -4.56 0.94 25.91
C HIS A 64 -3.18 0.52 26.45
N MET A 1 -16.59 -5.63 -0.14
CA MET A 1 -15.19 -6.03 -0.42
C MET A 1 -14.25 -4.94 0.08
N GLU A 2 -14.74 -3.70 0.10
CA GLU A 2 -13.93 -2.58 0.57
C GLU A 2 -14.30 -2.20 1.99
N GLU A 3 -13.30 -2.04 2.84
CA GLU A 3 -13.54 -1.68 4.24
C GLU A 3 -12.22 -1.54 4.99
N GLY A 4 -12.23 -0.76 6.07
CA GLY A 4 -11.04 -0.55 6.87
C GLY A 4 -10.15 0.52 6.25
N GLY A 5 -10.03 1.65 6.96
CA GLY A 5 -9.21 2.75 6.47
C GLY A 5 -8.38 3.36 7.59
N ASP A 6 -7.14 2.90 7.73
CA ASP A 6 -6.25 3.40 8.78
C ASP A 6 -4.80 3.08 8.43
N PHE A 7 -4.35 3.55 7.27
CA PHE A 7 -2.98 3.32 6.84
C PHE A 7 -2.14 4.58 7.02
N ASP A 8 -0.84 4.40 7.17
CA ASP A 8 0.06 5.54 7.36
C ASP A 8 0.55 6.05 6.00
N ASN A 9 0.57 5.17 5.01
CA ASN A 9 1.01 5.53 3.67
C ASN A 9 2.24 6.44 3.74
N TYR A 10 2.02 7.74 3.59
CA TYR A 10 3.12 8.70 3.64
C TYR A 10 4.09 8.34 4.76
N TYR A 11 5.38 8.34 4.44
CA TYR A 11 6.41 8.01 5.41
C TYR A 11 6.39 6.53 5.74
N GLY A 12 6.14 5.71 4.71
CA GLY A 12 6.11 4.27 4.89
C GLY A 12 5.36 3.60 3.74
N ALA A 13 5.39 4.24 2.58
CA ALA A 13 4.71 3.70 1.39
C ALA A 13 5.66 3.65 0.21
N ASP A 14 6.66 4.53 0.21
CA ASP A 14 7.63 4.56 -0.88
C ASP A 14 8.86 3.74 -0.52
N ASN A 15 9.15 3.66 0.78
CA ASN A 15 10.31 2.90 1.25
C ASN A 15 10.28 1.49 0.69
N GLN A 16 9.08 0.94 0.55
CA GLN A 16 8.93 -0.41 0.03
C GLN A 16 8.66 -0.38 -1.47
N SER A 17 8.80 0.80 -2.06
CA SER A 17 8.58 0.96 -3.50
C SER A 17 9.90 1.08 -4.25
N GLU A 18 10.79 1.94 -3.74
CA GLU A 18 12.08 2.13 -4.37
C GLU A 18 12.68 0.80 -4.82
N CYS A 19 12.26 -0.28 -4.15
CA CYS A 19 12.74 -1.61 -4.49
C CYS A 19 12.08 -2.12 -5.76
N GLU A 20 10.79 -1.84 -5.91
CA GLU A 20 10.04 -2.27 -7.08
C GLU A 20 9.80 -1.09 -8.03
N TYR A 21 10.29 0.07 -7.64
CA TYR A 21 10.12 1.27 -8.47
C TYR A 21 10.82 1.10 -9.82
N THR A 22 11.90 0.32 -9.82
CA THR A 22 12.65 0.08 -11.04
C THR A 22 11.97 -0.98 -11.91
N ASP A 23 10.99 -1.67 -11.33
CA ASP A 23 10.27 -2.71 -12.05
C ASP A 23 8.85 -2.24 -12.38
N TRP A 24 8.09 -1.88 -11.34
CA TRP A 24 6.72 -1.42 -11.53
C TRP A 24 6.62 -0.52 -12.77
N LYS A 25 7.65 0.26 -13.01
CA LYS A 25 7.67 1.16 -14.16
C LYS A 25 7.33 0.39 -15.44
N SER A 26 7.88 -0.82 -15.56
CA SER A 26 7.63 -1.64 -16.73
C SER A 26 6.71 -2.80 -16.40
N SER A 27 6.59 -3.10 -15.10
CA SER A 27 5.73 -4.20 -14.66
C SER A 27 4.43 -3.66 -14.07
N GLY A 28 4.19 -2.36 -14.24
CA GLY A 28 2.99 -1.74 -13.71
C GLY A 28 1.81 -1.95 -14.66
N ALA A 29 2.07 -2.59 -15.80
CA ALA A 29 1.02 -2.84 -16.77
C ALA A 29 0.53 -4.28 -16.67
N LEU A 30 0.53 -4.81 -15.45
CA LEU A 30 0.08 -6.18 -15.23
C LEU A 30 0.12 -6.53 -13.73
N ILE A 31 1.00 -5.86 -12.99
CA ILE A 31 1.13 -6.11 -11.56
C ILE A 31 -0.05 -5.53 -10.77
N PRO A 32 -0.63 -4.42 -11.19
CA PRO A 32 -1.78 -3.81 -10.46
C PRO A 32 -2.96 -4.75 -10.36
N ALA A 33 -2.99 -5.76 -11.23
CA ALA A 33 -4.08 -6.73 -11.23
C ALA A 33 -4.08 -7.53 -9.92
N ILE A 34 -3.05 -8.34 -9.73
CA ILE A 34 -2.95 -9.16 -8.52
C ILE A 34 -2.94 -8.26 -7.28
N TYR A 35 -2.21 -7.15 -7.38
CA TYR A 35 -2.12 -6.22 -6.26
C TYR A 35 -3.52 -5.87 -5.74
N MET A 36 -4.41 -5.51 -6.65
CA MET A 36 -5.77 -5.16 -6.28
C MET A 36 -6.47 -6.35 -5.63
N LEU A 37 -6.55 -7.46 -6.35
CA LEU A 37 -7.19 -8.66 -5.84
C LEU A 37 -6.53 -9.12 -4.55
N VAL A 38 -5.40 -8.50 -4.22
CA VAL A 38 -4.66 -8.86 -3.01
C VAL A 38 -4.63 -7.68 -2.04
N PHE A 39 -5.01 -6.50 -2.53
CA PHE A 39 -5.02 -5.31 -1.68
C PHE A 39 -6.40 -5.09 -1.08
N LEU A 40 -7.42 -5.08 -1.94
CA LEU A 40 -8.79 -4.88 -1.47
C LEU A 40 -9.29 -6.12 -0.74
N LEU A 41 -8.56 -7.21 -0.85
CA LEU A 41 -8.93 -8.44 -0.18
C LEU A 41 -8.41 -8.45 1.24
N GLY A 42 -7.16 -8.00 1.41
CA GLY A 42 -6.54 -7.95 2.73
C GLY A 42 -6.92 -6.66 3.46
N THR A 43 -6.65 -5.53 2.83
CA THR A 43 -6.97 -4.24 3.44
C THR A 43 -8.39 -4.24 4.00
N THR A 44 -9.16 -5.24 3.61
CA THR A 44 -10.54 -5.36 4.09
C THR A 44 -10.66 -6.52 5.07
N GLY A 45 -9.79 -7.52 4.91
CA GLY A 45 -9.81 -8.69 5.79
C GLY A 45 -8.55 -8.73 6.66
N ASN A 46 -7.88 -7.60 6.77
CA ASN A 46 -6.66 -7.52 7.58
C ASN A 46 -6.62 -6.20 8.35
N GLY A 47 -6.94 -5.10 7.65
CA GLY A 47 -6.93 -3.79 8.28
C GLY A 47 -8.07 -3.67 9.29
N LEU A 48 -9.26 -4.08 8.88
CA LEU A 48 -10.42 -4.02 9.75
C LEU A 48 -10.17 -4.79 11.04
N VAL A 49 -9.69 -6.02 10.90
CA VAL A 49 -9.41 -6.86 12.05
C VAL A 49 -8.33 -6.21 12.93
N LEU A 50 -7.12 -6.09 12.39
CA LEU A 50 -6.02 -5.49 13.12
C LEU A 50 -6.46 -4.18 13.79
N TRP A 51 -7.42 -3.51 13.15
CA TRP A 51 -7.93 -2.25 13.69
C TRP A 51 -8.85 -2.51 14.88
N THR A 52 -9.80 -3.41 14.69
CA THR A 52 -10.74 -3.75 15.76
C THR A 52 -9.99 -4.33 16.95
N VAL A 53 -9.15 -5.33 16.70
CA VAL A 53 -8.38 -5.96 17.77
C VAL A 53 -7.64 -4.91 18.58
N PHE A 54 -6.80 -4.13 17.91
CA PHE A 54 -6.04 -3.09 18.59
C PHE A 54 -6.93 -2.32 19.56
N ARG A 55 -8.10 -1.92 19.08
CA ARG A 55 -9.04 -1.18 19.91
C ARG A 55 -9.73 -2.12 20.90
N LYS A 56 -9.85 -3.38 20.51
CA LYS A 56 -10.50 -4.37 21.36
C LYS A 56 -9.73 -4.54 22.67
N LYS A 57 -8.46 -4.91 22.55
CA LYS A 57 -7.63 -5.12 23.73
C LYS A 57 -7.06 -3.79 24.22
N GLY A 58 -7.16 -2.76 23.38
CA GLY A 58 -6.66 -1.44 23.74
C GLY A 58 -7.66 -0.70 24.62
N HIS A 59 -8.94 -1.00 24.43
CA HIS A 59 -9.99 -0.35 25.22
C HIS A 59 -9.82 -0.68 26.70
N HIS A 60 -8.89 -1.57 27.00
CA HIS A 60 -8.65 -1.96 28.38
C HIS A 60 -7.15 -2.19 28.63
N HIS A 61 -6.33 -1.35 28.02
CA HIS A 61 -4.88 -1.46 28.18
C HIS A 61 -4.47 -1.11 29.61
N HIS A 62 -3.16 -1.11 29.86
CA HIS A 62 -2.66 -0.80 31.19
C HIS A 62 -2.60 0.72 31.39
N HIS A 63 -1.62 1.37 30.75
CA HIS A 63 -1.48 2.81 30.87
C HIS A 63 -2.19 3.51 29.72
N HIS A 64 -3.38 3.02 29.37
CA HIS A 64 -4.14 3.61 28.28
C HIS A 64 -3.26 3.89 27.08
N MET A 1 13.90 12.00 -2.49
CA MET A 1 15.28 12.05 -1.95
C MET A 1 16.07 13.15 -2.65
N GLU A 2 16.13 14.31 -2.02
CA GLU A 2 16.85 15.44 -2.60
C GLU A 2 18.35 15.14 -2.66
N GLU A 3 19.04 15.77 -3.61
CA GLU A 3 20.47 15.57 -3.77
C GLU A 3 20.78 14.09 -3.95
N GLY A 4 20.68 13.62 -5.18
CA GLY A 4 20.95 12.21 -5.48
C GLY A 4 21.75 12.08 -6.77
N GLY A 5 21.28 12.73 -7.82
CA GLY A 5 21.94 12.68 -9.12
C GLY A 5 20.94 12.69 -10.26
N ASP A 6 21.28 12.02 -11.35
CA ASP A 6 20.39 11.97 -12.51
C ASP A 6 20.13 13.37 -13.05
N PHE A 7 21.21 14.11 -13.31
CA PHE A 7 21.09 15.47 -13.83
C PHE A 7 20.82 15.44 -15.34
N ASP A 8 20.00 14.49 -15.77
CA ASP A 8 19.67 14.36 -17.18
C ASP A 8 18.26 13.82 -17.36
N ASN A 9 17.42 14.05 -16.36
CA ASN A 9 16.03 13.58 -16.40
C ASN A 9 15.37 14.02 -17.71
N TYR A 10 15.28 15.33 -17.89
CA TYR A 10 14.66 15.89 -19.10
C TYR A 10 15.56 15.66 -20.31
N TYR A 11 16.20 14.50 -20.36
CA TYR A 11 17.08 14.18 -21.48
C TYR A 11 17.46 12.69 -21.44
N GLY A 12 16.49 11.86 -21.13
CA GLY A 12 16.72 10.41 -21.06
C GLY A 12 15.84 9.77 -20.01
N ALA A 13 14.68 10.38 -19.75
CA ALA A 13 13.75 9.85 -18.76
C ALA A 13 12.50 9.33 -19.45
N ASP A 14 12.09 9.98 -20.52
CA ASP A 14 10.90 9.57 -21.26
C ASP A 14 11.28 8.57 -22.35
N ASN A 15 12.48 8.72 -22.89
CA ASN A 15 12.95 7.82 -23.95
C ASN A 15 12.71 6.37 -23.56
N GLN A 16 12.65 6.11 -22.26
CA GLN A 16 12.43 4.76 -21.77
C GLN A 16 10.93 4.44 -21.72
N SER A 17 10.14 5.45 -21.34
CA SER A 17 8.69 5.28 -21.25
C SER A 17 8.12 4.90 -22.61
N GLU A 18 8.43 5.71 -23.63
CA GLU A 18 7.94 5.45 -24.97
C GLU A 18 8.39 4.08 -25.46
N CYS A 19 9.26 3.44 -24.67
CA CYS A 19 9.76 2.12 -25.04
C CYS A 19 9.06 1.03 -24.24
N GLU A 20 8.74 1.34 -22.99
CA GLU A 20 8.06 0.38 -22.12
C GLU A 20 6.55 0.45 -22.33
N TYR A 21 6.07 1.61 -22.76
CA TYR A 21 4.65 1.80 -22.99
C TYR A 21 4.09 0.70 -23.88
N THR A 22 4.89 0.29 -24.87
CA THR A 22 4.47 -0.76 -25.79
C THR A 22 4.39 -2.11 -25.07
N ASP A 23 5.10 -2.21 -23.96
CA ASP A 23 5.10 -3.46 -23.18
C ASP A 23 4.09 -3.38 -22.04
N TRP A 24 4.24 -2.38 -21.19
CA TRP A 24 3.33 -2.21 -20.06
C TRP A 24 1.89 -2.45 -20.49
N LYS A 25 1.50 -1.85 -21.61
CA LYS A 25 0.15 -2.01 -22.13
C LYS A 25 -0.20 -3.49 -22.29
N SER A 26 0.81 -4.30 -22.60
CA SER A 26 0.60 -5.73 -22.78
C SER A 26 0.78 -6.46 -21.45
N SER A 27 1.88 -6.17 -20.77
CA SER A 27 2.16 -6.81 -19.49
C SER A 27 1.36 -6.16 -18.37
N GLY A 28 0.41 -5.31 -18.75
CA GLY A 28 -0.42 -4.63 -17.76
C GLY A 28 -1.68 -5.43 -17.46
N ALA A 29 -1.72 -6.66 -17.95
CA ALA A 29 -2.87 -7.54 -17.73
C ALA A 29 -2.52 -8.65 -16.75
N LEU A 30 -1.46 -8.45 -15.98
CA LEU A 30 -1.03 -9.44 -15.00
C LEU A 30 -0.67 -8.79 -13.67
N ILE A 31 -0.18 -7.56 -13.73
CA ILE A 31 0.18 -6.83 -12.52
C ILE A 31 -1.05 -6.41 -11.72
N PRO A 32 -2.12 -6.03 -12.38
CA PRO A 32 -3.37 -5.60 -11.68
C PRO A 32 -3.95 -6.72 -10.81
N ALA A 33 -3.74 -7.96 -11.23
CA ALA A 33 -4.25 -9.10 -10.47
C ALA A 33 -3.67 -9.11 -9.06
N ILE A 34 -2.36 -9.30 -8.96
CA ILE A 34 -1.70 -9.33 -7.65
C ILE A 34 -2.01 -8.06 -6.88
N TYR A 35 -2.02 -6.92 -7.57
CA TYR A 35 -2.30 -5.65 -6.93
C TYR A 35 -3.68 -5.68 -6.27
N MET A 36 -4.71 -5.85 -7.08
CA MET A 36 -6.08 -5.90 -6.57
C MET A 36 -6.22 -7.00 -5.53
N LEU A 37 -5.86 -8.22 -5.92
CA LEU A 37 -5.94 -9.36 -5.00
C LEU A 37 -5.34 -9.01 -3.65
N VAL A 38 -4.33 -8.15 -3.67
CA VAL A 38 -3.66 -7.74 -2.44
C VAL A 38 -4.26 -6.43 -1.91
N PHE A 39 -5.08 -5.79 -2.74
CA PHE A 39 -5.71 -4.53 -2.34
C PHE A 39 -7.02 -4.80 -1.60
N LEU A 40 -7.94 -5.49 -2.26
CA LEU A 40 -9.23 -5.81 -1.66
C LEU A 40 -9.07 -6.79 -0.51
N LEU A 41 -7.82 -7.19 -0.24
CA LEU A 41 -7.54 -8.14 0.83
C LEU A 41 -6.51 -7.55 1.79
N GLY A 42 -5.67 -6.65 1.28
CA GLY A 42 -4.64 -6.02 2.10
C GLY A 42 -5.04 -4.60 2.49
N THR A 43 -6.19 -4.16 1.99
CA THR A 43 -6.68 -2.83 2.29
C THR A 43 -8.18 -2.83 2.52
N THR A 44 -8.70 -3.96 3.00
CA THR A 44 -10.12 -4.10 3.26
C THR A 44 -10.35 -4.77 4.61
N GLY A 45 -9.68 -5.89 4.84
CA GLY A 45 -9.83 -6.62 6.10
C GLY A 45 -8.64 -6.34 7.02
N ASN A 46 -7.61 -5.69 6.48
CA ASN A 46 -6.43 -5.37 7.25
C ASN A 46 -6.69 -4.18 8.17
N GLY A 47 -7.26 -3.12 7.60
CA GLY A 47 -7.57 -1.93 8.38
C GLY A 47 -8.66 -2.21 9.41
N LEU A 48 -9.75 -2.82 8.95
CA LEU A 48 -10.86 -3.14 9.84
C LEU A 48 -10.37 -3.96 11.02
N VAL A 49 -9.58 -4.98 10.74
CA VAL A 49 -9.05 -5.85 11.79
C VAL A 49 -8.19 -5.05 12.76
N LEU A 50 -7.01 -4.64 12.30
CA LEU A 50 -6.09 -3.87 13.14
C LEU A 50 -6.86 -2.82 13.93
N TRP A 51 -7.99 -2.37 13.40
CA TRP A 51 -8.80 -1.37 14.06
C TRP A 51 -9.68 -2.01 15.13
N THR A 52 -10.37 -3.08 14.76
CA THR A 52 -11.24 -3.78 15.69
C THR A 52 -10.42 -4.43 16.81
N VAL A 53 -9.32 -5.07 16.43
CA VAL A 53 -8.45 -5.73 17.40
C VAL A 53 -7.93 -4.73 18.43
N PHE A 54 -7.46 -3.59 17.95
CA PHE A 54 -6.92 -2.57 18.84
C PHE A 54 -7.96 -2.17 19.88
N ARG A 55 -9.23 -2.39 19.56
CA ARG A 55 -10.31 -2.05 20.48
C ARG A 55 -10.76 -3.29 21.26
N LYS A 56 -10.07 -4.40 21.03
CA LYS A 56 -10.39 -5.65 21.72
C LYS A 56 -9.19 -6.14 22.51
N LYS A 57 -8.00 -5.71 22.08
CA LYS A 57 -6.77 -6.09 22.74
C LYS A 57 -6.46 -5.13 23.89
N GLY A 58 -6.82 -3.86 23.70
CA GLY A 58 -6.58 -2.85 24.71
C GLY A 58 -7.63 -2.93 25.81
N HIS A 59 -8.83 -3.37 25.45
CA HIS A 59 -9.92 -3.48 26.41
C HIS A 59 -9.56 -4.48 27.51
N HIS A 60 -8.50 -5.24 27.28
CA HIS A 60 -8.06 -6.23 28.26
C HIS A 60 -6.54 -6.25 28.37
N HIS A 61 -6.00 -5.29 29.10
CA HIS A 61 -4.55 -5.19 29.28
C HIS A 61 -4.09 -6.15 30.38
N HIS A 62 -4.75 -7.29 30.48
CA HIS A 62 -4.39 -8.28 31.50
C HIS A 62 -4.91 -7.85 32.86
N HIS A 63 -4.41 -6.72 33.36
CA HIS A 63 -4.83 -6.22 34.66
C HIS A 63 -6.21 -5.57 34.56
N HIS A 64 -7.11 -6.22 33.83
CA HIS A 64 -8.46 -5.69 33.66
C HIS A 64 -9.01 -5.17 34.98
N MET A 1 -1.99 15.06 -10.75
CA MET A 1 -0.86 15.12 -9.77
C MET A 1 0.28 14.24 -10.26
N GLU A 2 0.02 12.93 -10.35
CA GLU A 2 1.03 11.99 -10.81
C GLU A 2 2.36 12.26 -10.12
N GLU A 3 2.35 12.19 -8.79
CA GLU A 3 3.56 12.42 -8.01
C GLU A 3 4.26 13.70 -8.48
N GLY A 4 3.67 14.85 -8.15
CA GLY A 4 4.23 16.13 -8.54
C GLY A 4 3.44 17.29 -7.95
N GLY A 5 3.19 17.21 -6.63
CA GLY A 5 2.45 18.27 -5.95
C GLY A 5 3.38 19.19 -5.18
N ASP A 6 3.93 20.18 -5.88
CA ASP A 6 4.83 21.13 -5.24
C ASP A 6 4.61 22.54 -5.79
N PHE A 7 3.34 22.91 -5.93
CA PHE A 7 2.98 24.23 -6.44
C PHE A 7 3.77 24.55 -7.70
N ASP A 8 3.81 23.58 -8.62
CA ASP A 8 4.54 23.77 -9.87
C ASP A 8 3.75 23.18 -11.04
N ASN A 9 2.48 22.84 -10.79
CA ASN A 9 1.63 22.28 -11.82
C ASN A 9 1.72 23.11 -13.10
N TYR A 10 1.14 22.59 -14.18
CA TYR A 10 1.16 23.28 -15.45
C TYR A 10 2.58 23.56 -15.92
N TYR A 11 2.81 23.44 -17.22
CA TYR A 11 4.14 23.69 -17.78
C TYR A 11 5.21 23.06 -16.89
N GLY A 12 4.93 21.87 -16.37
CA GLY A 12 5.87 21.18 -15.51
C GLY A 12 5.15 20.17 -14.62
N ALA A 13 4.06 19.61 -15.13
CA ALA A 13 3.29 18.63 -14.37
C ALA A 13 3.07 17.37 -15.20
N ASP A 14 3.04 17.52 -16.51
CA ASP A 14 2.84 16.38 -17.40
C ASP A 14 4.18 15.91 -17.99
N ASN A 15 5.16 16.81 -17.96
CA ASN A 15 6.49 16.47 -18.49
C ASN A 15 7.05 15.24 -17.79
N GLN A 16 6.55 14.95 -16.60
CA GLN A 16 7.00 13.80 -15.84
C GLN A 16 6.04 12.64 -15.99
N SER A 17 4.99 12.84 -16.78
CA SER A 17 3.99 11.80 -17.00
C SER A 17 4.27 11.06 -18.31
N GLU A 18 4.50 11.82 -19.38
CA GLU A 18 4.78 11.23 -20.68
C GLU A 18 5.94 10.24 -20.58
N CYS A 19 6.71 10.35 -19.51
CA CYS A 19 7.84 9.45 -19.31
C CYS A 19 7.40 8.17 -18.60
N GLU A 20 6.38 8.29 -17.76
CA GLU A 20 5.86 7.14 -17.02
C GLU A 20 4.76 6.45 -17.81
N TYR A 21 4.06 7.23 -18.62
CA TYR A 21 2.97 6.68 -19.44
C TYR A 21 3.44 5.46 -20.22
N THR A 22 4.72 5.47 -20.60
CA THR A 22 5.28 4.35 -21.36
C THR A 22 5.70 3.22 -20.42
N ASP A 23 5.72 3.51 -19.13
CA ASP A 23 6.09 2.50 -18.14
C ASP A 23 4.86 1.89 -17.50
N TRP A 24 3.89 2.73 -17.15
CA TRP A 24 2.67 2.25 -16.52
C TRP A 24 1.98 1.23 -17.43
N LYS A 25 1.84 1.57 -18.70
CA LYS A 25 1.19 0.67 -19.65
C LYS A 25 1.88 -0.69 -19.66
N SER A 26 3.11 -0.72 -19.18
CA SER A 26 3.87 -1.97 -19.14
C SER A 26 3.75 -2.62 -17.76
N SER A 27 3.99 -1.83 -16.72
CA SER A 27 3.92 -2.33 -15.35
C SER A 27 2.63 -1.88 -14.68
N GLY A 28 1.57 -1.74 -15.47
CA GLY A 28 0.28 -1.32 -14.95
C GLY A 28 -0.86 -2.10 -15.59
N ALA A 29 -0.51 -3.18 -16.29
CA ALA A 29 -1.50 -4.02 -16.95
C ALA A 29 -1.55 -5.40 -16.32
N LEU A 30 -0.50 -5.75 -15.59
CA LEU A 30 -0.43 -7.05 -14.92
C LEU A 30 -0.05 -6.91 -13.45
N ILE A 31 0.46 -5.74 -13.08
CA ILE A 31 0.85 -5.50 -11.70
C ILE A 31 -0.37 -5.14 -10.82
N PRO A 32 -1.35 -4.46 -11.36
CA PRO A 32 -2.56 -4.07 -10.58
C PRO A 32 -3.31 -5.29 -10.03
N ALA A 33 -3.22 -6.40 -10.75
CA ALA A 33 -3.88 -7.63 -10.34
C ALA A 33 -3.48 -8.01 -8.92
N ILE A 34 -2.23 -8.44 -8.76
CA ILE A 34 -1.73 -8.83 -7.44
C ILE A 34 -2.06 -7.76 -6.41
N TYR A 35 -1.86 -6.50 -6.79
CA TYR A 35 -2.15 -5.40 -5.88
C TYR A 35 -3.61 -5.42 -5.45
N MET A 36 -4.51 -5.29 -6.40
CA MET A 36 -5.94 -5.30 -6.11
C MET A 36 -6.32 -6.57 -5.34
N LEU A 37 -6.04 -7.72 -5.95
CA LEU A 37 -6.35 -8.99 -5.32
C LEU A 37 -5.90 -9.00 -3.88
N VAL A 38 -4.80 -8.30 -3.59
CA VAL A 38 -4.27 -8.23 -2.24
C VAL A 38 -4.81 -7.00 -1.52
N PHE A 39 -5.42 -6.10 -2.28
CA PHE A 39 -5.98 -4.88 -1.69
C PHE A 39 -7.34 -5.17 -1.05
N LEU A 40 -8.22 -5.82 -1.81
CA LEU A 40 -9.55 -6.14 -1.32
C LEU A 40 -9.50 -7.36 -0.39
N LEU A 41 -8.31 -7.93 -0.24
CA LEU A 41 -8.12 -9.10 0.63
C LEU A 41 -7.02 -8.84 1.65
N GLY A 42 -6.45 -7.65 1.59
CA GLY A 42 -5.38 -7.28 2.53
C GLY A 42 -5.60 -5.89 3.09
N THR A 43 -6.76 -5.31 2.78
CA THR A 43 -7.08 -3.97 3.27
C THR A 43 -8.59 -3.82 3.46
N THR A 44 -9.29 -4.94 3.55
CA THR A 44 -10.73 -4.93 3.75
C THR A 44 -11.11 -5.81 4.93
N GLY A 45 -10.59 -7.03 4.94
CA GLY A 45 -10.87 -7.97 6.01
C GLY A 45 -9.65 -8.13 6.93
N ASN A 46 -8.54 -7.53 6.52
CA ASN A 46 -7.31 -7.61 7.30
C ASN A 46 -7.05 -6.28 8.02
N GLY A 47 -7.46 -5.19 7.38
CA GLY A 47 -7.25 -3.87 7.97
C GLY A 47 -8.33 -3.57 9.00
N LEU A 48 -9.59 -3.83 8.64
CA LEU A 48 -10.70 -3.58 9.55
C LEU A 48 -10.52 -4.37 10.84
N VAL A 49 -10.22 -5.66 10.71
CA VAL A 49 -10.02 -6.51 11.86
C VAL A 49 -8.84 -6.01 12.70
N LEU A 50 -7.63 -6.15 12.16
CA LEU A 50 -6.44 -5.71 12.87
C LEU A 50 -6.65 -4.32 13.46
N TRP A 51 -7.54 -3.54 12.84
CA TRP A 51 -7.82 -2.20 13.31
C TRP A 51 -8.80 -2.23 14.48
N THR A 52 -9.89 -2.96 14.30
CA THR A 52 -10.90 -3.08 15.34
C THR A 52 -10.33 -3.78 16.56
N VAL A 53 -9.60 -4.87 16.33
CA VAL A 53 -9.01 -5.63 17.41
C VAL A 53 -8.08 -4.76 18.25
N PHE A 54 -7.22 -4.00 17.56
CA PHE A 54 -6.28 -3.12 18.24
C PHE A 54 -7.02 -2.13 19.14
N ARG A 55 -8.33 -2.01 18.93
CA ARG A 55 -9.16 -1.10 19.71
C ARG A 55 -10.09 -1.86 20.64
N LYS A 56 -9.97 -3.19 20.65
CA LYS A 56 -10.81 -4.03 21.49
C LYS A 56 -9.95 -4.83 22.47
N LYS A 57 -8.71 -5.11 22.07
CA LYS A 57 -7.80 -5.86 22.92
C LYS A 57 -6.87 -4.93 23.69
N GLY A 58 -6.45 -3.85 23.03
CA GLY A 58 -5.56 -2.89 23.65
C GLY A 58 -6.34 -1.92 24.54
N HIS A 59 -7.59 -1.65 24.17
CA HIS A 59 -8.42 -0.76 24.94
C HIS A 59 -8.58 -1.25 26.38
N HIS A 60 -8.34 -2.54 26.57
CA HIS A 60 -8.46 -3.13 27.91
C HIS A 60 -7.10 -3.18 28.59
N HIS A 61 -6.45 -4.35 28.53
CA HIS A 61 -5.15 -4.52 29.14
C HIS A 61 -4.31 -5.54 28.36
N HIS A 62 -3.11 -5.83 28.86
CA HIS A 62 -2.23 -6.79 28.21
C HIS A 62 -2.70 -8.22 28.47
N HIS A 63 -3.25 -8.85 27.44
CA HIS A 63 -3.73 -10.23 27.57
C HIS A 63 -4.62 -10.35 28.80
N HIS A 64 -5.46 -9.34 29.01
CA HIS A 64 -6.37 -9.35 30.15
C HIS A 64 -5.66 -9.86 31.40
N MET A 1 21.09 -9.07 20.83
CA MET A 1 22.01 -8.23 20.00
C MET A 1 21.30 -7.83 18.72
N GLU A 2 20.13 -8.41 18.49
CA GLU A 2 19.36 -8.11 17.28
C GLU A 2 18.38 -6.97 17.56
N GLU A 3 17.74 -6.49 16.49
CA GLU A 3 16.77 -5.40 16.62
C GLU A 3 16.18 -5.05 15.27
N GLY A 4 15.28 -4.07 15.26
CA GLY A 4 14.63 -3.65 14.02
C GLY A 4 15.62 -2.88 13.14
N GLY A 5 15.44 -1.56 13.08
CA GLY A 5 16.32 -0.73 12.27
C GLY A 5 15.56 0.48 11.72
N ASP A 6 16.04 1.67 12.07
CA ASP A 6 15.39 2.90 11.61
C ASP A 6 16.43 3.99 11.34
N PHE A 7 17.48 3.62 10.60
CA PHE A 7 18.54 4.57 10.29
C PHE A 7 19.25 4.17 8.99
N ASP A 8 20.40 4.79 8.73
CA ASP A 8 21.16 4.48 7.53
C ASP A 8 20.23 4.41 6.31
N ASN A 9 19.12 5.12 6.38
CA ASN A 9 18.16 5.13 5.27
C ASN A 9 18.88 5.18 3.93
N TYR A 10 19.36 6.37 3.58
CA TYR A 10 20.08 6.54 2.31
C TYR A 10 21.03 5.37 2.06
N TYR A 11 21.32 5.13 0.80
CA TYR A 11 22.23 4.04 0.44
C TYR A 11 21.92 2.79 1.28
N GLY A 12 20.64 2.51 1.47
CA GLY A 12 20.23 1.35 2.25
C GLY A 12 18.73 1.13 2.16
N ALA A 13 17.99 2.23 1.97
CA ALA A 13 16.54 2.14 1.87
C ALA A 13 16.11 2.07 0.41
N ASP A 14 16.96 2.59 -0.48
CA ASP A 14 16.65 2.57 -1.91
C ASP A 14 17.56 1.58 -2.63
N ASN A 15 18.66 1.20 -1.97
CA ASN A 15 19.60 0.25 -2.56
C ASN A 15 18.87 -0.98 -3.09
N GLN A 16 17.66 -1.21 -2.57
CA GLN A 16 16.87 -2.36 -2.99
C GLN A 16 15.99 -1.98 -4.18
N SER A 17 15.36 -0.81 -4.10
CA SER A 17 14.49 -0.34 -5.18
C SER A 17 15.24 -0.34 -6.50
N GLU A 18 16.47 0.19 -6.49
CA GLU A 18 17.27 0.25 -7.69
C GLU A 18 17.47 -1.14 -8.28
N CYS A 19 17.45 -2.16 -7.42
CA CYS A 19 17.64 -3.53 -7.86
C CYS A 19 16.32 -4.10 -8.39
N GLU A 20 15.22 -3.68 -7.77
CA GLU A 20 13.91 -4.16 -8.18
C GLU A 20 13.27 -3.21 -9.18
N TYR A 21 13.94 -2.09 -9.42
CA TYR A 21 13.44 -1.09 -10.37
C TYR A 21 13.57 -1.60 -11.80
N THR A 22 14.71 -2.20 -12.11
CA THR A 22 14.94 -2.73 -13.45
C THR A 22 14.03 -3.91 -13.72
N ASP A 23 13.48 -4.48 -12.66
CA ASP A 23 12.58 -5.63 -12.80
C ASP A 23 11.12 -5.17 -12.77
N TRP A 24 10.77 -4.37 -11.77
CA TRP A 24 9.41 -3.88 -11.64
C TRP A 24 8.88 -3.42 -12.99
N LYS A 25 9.69 -2.66 -13.72
CA LYS A 25 9.29 -2.17 -15.03
C LYS A 25 8.83 -3.32 -15.92
N SER A 26 9.42 -4.50 -15.72
CA SER A 26 9.07 -5.66 -16.51
C SER A 26 7.95 -6.46 -15.83
N SER A 27 8.11 -6.68 -14.53
CA SER A 27 7.10 -7.42 -13.78
C SER A 27 5.98 -6.49 -13.33
N GLY A 28 5.95 -5.29 -13.89
CA GLY A 28 4.92 -4.32 -13.54
C GLY A 28 3.66 -4.53 -14.37
N ALA A 29 3.67 -5.56 -15.19
CA ALA A 29 2.52 -5.87 -16.04
C ALA A 29 1.68 -6.99 -15.43
N LEU A 30 2.10 -7.47 -14.25
CA LEU A 30 1.38 -8.54 -13.58
C LEU A 30 1.19 -8.21 -12.10
N ILE A 31 1.69 -7.05 -11.68
CA ILE A 31 1.57 -6.64 -10.30
C ILE A 31 0.18 -6.08 -9.98
N PRO A 32 -0.47 -5.43 -10.93
CA PRO A 32 -1.83 -4.86 -10.70
C PRO A 32 -2.83 -5.93 -10.28
N ALA A 33 -2.70 -7.12 -10.86
CA ALA A 33 -3.61 -8.22 -10.54
C ALA A 33 -3.69 -8.43 -9.03
N ILE A 34 -2.60 -8.86 -8.43
CA ILE A 34 -2.56 -9.10 -6.99
C ILE A 34 -2.96 -7.83 -6.24
N TYR A 35 -2.37 -6.70 -6.64
CA TYR A 35 -2.65 -5.43 -5.99
C TYR A 35 -4.15 -5.30 -5.70
N MET A 36 -4.96 -5.51 -6.74
CA MET A 36 -6.41 -5.42 -6.58
C MET A 36 -6.86 -6.22 -5.37
N LEU A 37 -6.73 -7.54 -5.46
CA LEU A 37 -7.13 -8.42 -4.37
C LEU A 37 -6.53 -7.96 -3.06
N VAL A 38 -5.23 -7.66 -3.07
CA VAL A 38 -4.56 -7.22 -1.86
C VAL A 38 -4.95 -5.79 -1.52
N PHE A 39 -5.66 -5.13 -2.43
CA PHE A 39 -6.09 -3.76 -2.20
C PHE A 39 -7.53 -3.72 -1.71
N LEU A 40 -8.35 -4.65 -2.18
CA LEU A 40 -9.74 -4.72 -1.77
C LEU A 40 -9.97 -5.85 -0.78
N LEU A 41 -9.32 -6.98 -1.00
CA LEU A 41 -9.47 -8.12 -0.10
C LEU A 41 -8.59 -7.94 1.13
N GLY A 42 -7.39 -7.40 0.91
CA GLY A 42 -6.46 -7.18 2.01
C GLY A 42 -6.88 -5.97 2.84
N THR A 43 -7.09 -4.84 2.16
CA THR A 43 -7.49 -3.62 2.86
C THR A 43 -8.86 -3.80 3.50
N THR A 44 -9.41 -5.01 3.39
CA THR A 44 -10.72 -5.30 3.96
C THR A 44 -10.62 -6.40 5.01
N GLY A 45 -9.69 -7.33 4.79
CA GLY A 45 -9.48 -8.43 5.72
C GLY A 45 -8.37 -8.11 6.71
N ASN A 46 -7.49 -7.20 6.32
CA ASN A 46 -6.38 -6.80 7.19
C ASN A 46 -6.74 -5.55 7.98
N GLY A 47 -7.16 -4.51 7.28
CA GLY A 47 -7.53 -3.26 7.93
C GLY A 47 -8.61 -3.49 8.98
N LEU A 48 -9.65 -4.23 8.60
CA LEU A 48 -10.75 -4.53 9.51
C LEU A 48 -10.22 -5.23 10.76
N VAL A 49 -9.43 -6.27 10.55
CA VAL A 49 -8.86 -7.02 11.67
C VAL A 49 -7.99 -6.12 12.53
N LEU A 50 -6.85 -5.70 12.00
CA LEU A 50 -5.94 -4.83 12.73
C LEU A 50 -6.70 -3.70 13.40
N TRP A 51 -7.83 -3.31 12.80
CA TRP A 51 -8.64 -2.24 13.35
C TRP A 51 -9.47 -2.74 14.53
N THR A 52 -10.14 -3.87 14.32
CA THR A 52 -10.97 -4.45 15.38
C THR A 52 -10.11 -4.83 16.58
N VAL A 53 -9.00 -5.52 16.32
CA VAL A 53 -8.09 -5.94 17.38
C VAL A 53 -7.59 -4.72 18.17
N PHE A 54 -7.04 -3.75 17.45
CA PHE A 54 -6.52 -2.55 18.10
C PHE A 54 -7.57 -1.96 19.03
N ARG A 55 -8.80 -2.46 18.94
CA ARG A 55 -9.89 -1.98 19.77
C ARG A 55 -10.28 -3.01 20.82
N LYS A 56 -9.86 -4.25 20.61
CA LYS A 56 -10.16 -5.33 21.54
C LYS A 56 -8.96 -5.62 22.44
N LYS A 57 -7.78 -5.31 21.93
CA LYS A 57 -6.55 -5.54 22.68
C LYS A 57 -6.01 -4.22 23.23
N GLY A 58 -6.36 -3.12 22.56
CA GLY A 58 -5.90 -1.80 23.00
C GLY A 58 -6.73 -1.30 24.17
N HIS A 59 -7.99 -1.74 24.21
CA HIS A 59 -8.88 -1.33 25.30
C HIS A 59 -8.33 -1.76 26.65
N HIS A 60 -7.30 -2.60 26.62
CA HIS A 60 -6.69 -3.08 27.85
C HIS A 60 -5.17 -3.16 27.70
N HIS A 61 -4.63 -2.37 26.78
CA HIS A 61 -3.19 -2.35 26.56
C HIS A 61 -2.74 -0.97 26.09
N HIS A 62 -1.44 -0.71 26.21
CA HIS A 62 -0.88 0.57 25.81
C HIS A 62 -1.07 1.61 26.91
N HIS A 63 -1.47 2.82 26.53
CA HIS A 63 -1.70 3.88 27.51
C HIS A 63 -2.99 3.61 28.28
N HIS A 64 -3.20 2.33 28.59
CA HIS A 64 -4.39 1.93 29.33
C HIS A 64 -5.62 2.70 28.86
N MET A 1 23.06 19.37 -5.68
CA MET A 1 23.79 19.59 -6.96
C MET A 1 24.12 18.25 -7.59
N GLU A 2 25.37 18.10 -8.04
CA GLU A 2 25.80 16.85 -8.66
C GLU A 2 26.60 16.01 -7.67
N GLU A 3 27.16 14.90 -8.16
CA GLU A 3 27.95 14.01 -7.32
C GLU A 3 27.04 13.27 -6.34
N GLY A 4 27.19 11.96 -6.29
CA GLY A 4 26.38 11.14 -5.38
C GLY A 4 26.60 9.65 -5.66
N GLY A 5 27.64 9.10 -5.04
CA GLY A 5 27.96 7.68 -5.21
C GLY A 5 28.69 7.13 -3.99
N ASP A 6 28.32 7.64 -2.81
CA ASP A 6 28.95 7.19 -1.58
C ASP A 6 28.04 7.44 -0.39
N PHE A 7 26.84 6.85 -0.43
CA PHE A 7 25.88 7.02 0.65
C PHE A 7 25.65 8.51 0.93
N ASP A 8 24.76 9.12 0.15
CA ASP A 8 24.46 10.53 0.33
C ASP A 8 22.99 10.81 0.00
N ASN A 9 22.10 9.97 0.52
CA ASN A 9 20.67 10.13 0.29
C ASN A 9 20.42 10.51 -1.18
N TYR A 10 20.02 11.76 -1.40
CA TYR A 10 19.74 12.23 -2.75
C TYR A 10 20.79 11.72 -3.72
N TYR A 11 20.37 11.44 -4.96
CA TYR A 11 21.29 10.94 -5.97
C TYR A 11 22.10 9.77 -5.43
N GLY A 12 21.44 8.90 -4.67
CA GLY A 12 22.11 7.74 -4.10
C GLY A 12 21.11 6.85 -3.36
N ALA A 13 20.04 7.46 -2.87
CA ALA A 13 19.02 6.72 -2.15
C ALA A 13 17.92 6.25 -3.09
N ASP A 14 17.74 6.99 -4.18
CA ASP A 14 16.72 6.64 -5.17
C ASP A 14 17.37 6.13 -6.45
N ASN A 15 18.66 6.41 -6.60
CA ASN A 15 19.40 5.97 -7.77
C ASN A 15 19.17 4.49 -8.03
N GLN A 16 18.68 3.78 -7.02
CA GLN A 16 18.42 2.35 -7.14
C GLN A 16 17.07 2.12 -7.82
N SER A 17 16.14 3.04 -7.62
CA SER A 17 14.81 2.92 -8.20
C SER A 17 14.84 3.32 -9.67
N GLU A 18 15.56 4.40 -9.98
CA GLU A 18 15.67 4.87 -11.35
C GLU A 18 15.88 3.71 -12.31
N CYS A 19 16.69 2.74 -11.89
CA CYS A 19 16.97 1.57 -12.72
C CYS A 19 15.69 0.79 -12.98
N GLU A 20 14.78 0.80 -12.00
CA GLU A 20 13.52 0.07 -12.14
C GLU A 20 12.44 0.98 -12.72
N TYR A 21 12.61 2.29 -12.53
CA TYR A 21 11.65 3.25 -13.04
C TYR A 21 11.39 3.03 -14.53
N THR A 22 12.45 2.70 -15.26
CA THR A 22 12.32 2.46 -16.70
C THR A 22 11.54 1.18 -16.96
N ASP A 23 11.44 0.33 -15.94
CA ASP A 23 10.71 -0.92 -16.08
C ASP A 23 9.28 -0.77 -15.57
N TRP A 24 9.14 -0.16 -14.39
CA TRP A 24 7.81 0.05 -13.80
C TRP A 24 6.84 0.58 -14.85
N LYS A 25 7.22 1.68 -15.49
CA LYS A 25 6.38 2.30 -16.51
C LYS A 25 5.96 1.26 -17.55
N SER A 26 6.76 0.20 -17.68
CA SER A 26 6.47 -0.85 -18.64
C SER A 26 5.64 -1.96 -18.00
N SER A 27 6.09 -2.45 -16.85
CA SER A 27 5.39 -3.51 -16.15
C SER A 27 4.31 -2.92 -15.24
N GLY A 28 4.03 -1.63 -15.41
CA GLY A 28 3.02 -0.96 -14.62
C GLY A 28 1.62 -1.15 -15.21
N ALA A 29 1.55 -1.99 -16.24
CA ALA A 29 0.27 -2.26 -16.90
C ALA A 29 -0.28 -3.61 -16.46
N LEU A 30 0.43 -4.28 -15.57
CA LEU A 30 0.00 -5.58 -15.07
C LEU A 30 0.16 -5.66 -13.56
N ILE A 31 0.64 -4.57 -12.96
CA ILE A 31 0.83 -4.54 -11.51
C ILE A 31 -0.50 -4.33 -10.77
N PRO A 32 -1.44 -3.61 -11.32
CA PRO A 32 -2.75 -3.36 -10.65
C PRO A 32 -3.48 -4.67 -10.33
N ALA A 33 -3.57 -5.54 -11.33
CA ALA A 33 -4.25 -6.82 -11.15
C ALA A 33 -3.87 -7.44 -9.80
N ILE A 34 -2.61 -7.86 -9.68
CA ILE A 34 -2.15 -8.46 -8.43
C ILE A 34 -2.56 -7.61 -7.24
N TYR A 35 -2.20 -6.32 -7.29
CA TYR A 35 -2.54 -5.41 -6.21
C TYR A 35 -3.96 -5.65 -5.74
N MET A 36 -4.92 -5.41 -6.64
CA MET A 36 -6.33 -5.60 -6.32
C MET A 36 -6.54 -6.91 -5.57
N LEU A 37 -6.28 -8.02 -6.25
CA LEU A 37 -6.44 -9.34 -5.65
C LEU A 37 -5.70 -9.43 -4.31
N VAL A 38 -4.68 -8.60 -4.15
CA VAL A 38 -3.89 -8.60 -2.91
C VAL A 38 -4.21 -7.37 -2.07
N PHE A 39 -5.21 -6.60 -2.49
CA PHE A 39 -5.60 -5.40 -1.76
C PHE A 39 -7.01 -5.55 -1.19
N LEU A 40 -7.80 -6.43 -1.78
CA LEU A 40 -9.17 -6.65 -1.31
C LEU A 40 -9.27 -7.97 -0.54
N LEU A 41 -8.15 -8.65 -0.39
CA LEU A 41 -8.13 -9.92 0.31
C LEU A 41 -7.56 -9.76 1.73
N GLY A 42 -6.29 -9.37 1.81
CA GLY A 42 -5.65 -9.20 3.11
C GLY A 42 -5.59 -7.74 3.55
N THR A 43 -6.28 -6.87 2.82
CA THR A 43 -6.29 -5.44 3.15
C THR A 43 -7.71 -4.89 3.14
N THR A 44 -8.67 -5.75 3.46
CA THR A 44 -10.07 -5.35 3.50
C THR A 44 -10.75 -5.90 4.75
N GLY A 45 -10.56 -7.19 4.99
CA GLY A 45 -11.15 -7.84 6.16
C GLY A 45 -10.09 -8.11 7.22
N ASN A 46 -8.85 -7.73 6.92
CA ASN A 46 -7.75 -7.94 7.85
C ASN A 46 -7.39 -6.64 8.56
N GLY A 47 -7.03 -5.63 7.78
CA GLY A 47 -6.67 -4.34 8.34
C GLY A 47 -7.76 -3.82 9.27
N LEU A 48 -9.01 -3.91 8.81
CA LEU A 48 -10.13 -3.47 9.61
C LEU A 48 -10.17 -4.19 10.95
N VAL A 49 -10.12 -5.52 10.89
CA VAL A 49 -10.15 -6.33 12.10
C VAL A 49 -8.97 -5.97 13.01
N LEU A 50 -7.77 -6.32 12.57
CA LEU A 50 -6.57 -6.03 13.35
C LEU A 50 -6.61 -4.60 13.89
N TRP A 51 -7.29 -3.72 13.16
CA TRP A 51 -7.40 -2.33 13.57
C TRP A 51 -8.45 -2.16 14.65
N THR A 52 -9.63 -2.75 14.43
CA THR A 52 -10.71 -2.65 15.39
C THR A 52 -10.33 -3.38 16.69
N VAL A 53 -9.67 -4.52 16.54
CA VAL A 53 -9.26 -5.30 17.71
C VAL A 53 -8.28 -4.50 18.56
N PHE A 54 -7.30 -3.89 17.92
CA PHE A 54 -6.30 -3.10 18.62
C PHE A 54 -6.96 -1.99 19.43
N ARG A 55 -8.23 -1.73 19.13
CA ARG A 55 -8.98 -0.68 19.84
C ARG A 55 -10.05 -1.29 20.72
N LYS A 56 -10.10 -2.62 20.78
CA LYS A 56 -11.09 -3.31 21.60
C LYS A 56 -10.40 -4.17 22.67
N LYS A 57 -9.18 -4.60 22.36
CA LYS A 57 -8.42 -5.42 23.30
C LYS A 57 -7.37 -4.57 24.01
N GLY A 58 -6.84 -3.57 23.31
CA GLY A 58 -5.82 -2.70 23.89
C GLY A 58 -6.47 -1.62 24.75
N HIS A 59 -7.68 -1.24 24.38
CA HIS A 59 -8.40 -0.21 25.14
C HIS A 59 -8.62 -0.65 26.58
N HIS A 60 -8.42 -1.94 26.83
CA HIS A 60 -8.60 -2.48 28.18
C HIS A 60 -7.48 -3.47 28.51
N HIS A 61 -6.43 -2.97 29.16
CA HIS A 61 -5.30 -3.81 29.53
C HIS A 61 -5.69 -4.75 30.67
N HIS A 62 -4.71 -5.11 31.49
CA HIS A 62 -4.96 -6.02 32.61
C HIS A 62 -5.55 -5.25 33.79
N HIS A 63 -4.68 -4.59 34.55
CA HIS A 63 -5.13 -3.82 35.70
C HIS A 63 -5.26 -2.34 35.35
N HIS A 64 -5.84 -2.07 34.18
CA HIS A 64 -6.02 -0.70 33.74
C HIS A 64 -4.72 0.09 33.87
N MET A 1 41.84 -9.68 -13.40
CA MET A 1 40.61 -9.43 -14.22
C MET A 1 40.52 -7.94 -14.55
N GLU A 2 39.58 -7.61 -15.43
CA GLU A 2 39.39 -6.21 -15.82
C GLU A 2 38.20 -5.60 -15.10
N GLU A 3 38.34 -4.34 -14.69
CA GLU A 3 37.26 -3.65 -13.98
C GLU A 3 36.65 -4.57 -12.92
N GLY A 4 35.52 -4.14 -12.37
CA GLY A 4 34.84 -4.93 -11.35
C GLY A 4 33.45 -4.35 -11.05
N GLY A 5 33.43 -3.20 -10.39
CA GLY A 5 32.17 -2.55 -10.05
C GLY A 5 31.66 -1.71 -11.20
N ASP A 6 30.50 -1.10 -11.02
CA ASP A 6 29.91 -0.26 -12.06
C ASP A 6 29.18 0.93 -11.43
N PHE A 7 29.80 1.52 -10.42
CA PHE A 7 29.19 2.67 -9.75
C PHE A 7 28.98 3.82 -10.73
N ASP A 8 27.72 4.03 -11.12
CA ASP A 8 27.40 5.10 -12.05
C ASP A 8 26.03 5.69 -11.73
N ASN A 9 25.07 4.82 -11.42
CA ASN A 9 23.72 5.26 -11.09
C ASN A 9 23.19 6.24 -12.13
N TYR A 10 23.54 7.52 -11.97
CA TYR A 10 23.09 8.55 -12.90
C TYR A 10 23.77 8.39 -14.26
N TYR A 11 23.95 7.14 -14.68
CA TYR A 11 24.59 6.86 -15.96
C TYR A 11 24.50 5.38 -16.27
N GLY A 12 23.36 4.77 -15.95
CA GLY A 12 23.16 3.36 -16.19
C GLY A 12 22.10 2.80 -15.26
N ALA A 13 21.16 3.65 -14.86
CA ALA A 13 20.08 3.24 -13.96
C ALA A 13 18.72 3.49 -14.60
N ASP A 14 18.65 4.51 -15.45
CA ASP A 14 17.41 4.84 -16.13
C ASP A 14 17.32 4.14 -17.48
N ASN A 15 18.47 3.79 -18.03
CA ASN A 15 18.52 3.11 -19.32
C ASN A 15 17.70 1.81 -19.26
N GLN A 16 17.48 1.31 -18.06
CA GLN A 16 16.71 0.09 -17.88
C GLN A 16 15.23 0.40 -17.75
N SER A 17 14.92 1.58 -17.23
CA SER A 17 13.53 1.99 -17.06
C SER A 17 12.89 2.30 -18.41
N GLU A 18 13.51 3.19 -19.16
CA GLU A 18 13.00 3.56 -20.47
C GLU A 18 12.55 2.32 -21.25
N CYS A 19 13.13 1.18 -20.90
CA CYS A 19 12.79 -0.08 -21.57
C CYS A 19 11.53 -0.69 -20.94
N GLU A 20 11.36 -0.47 -19.64
CA GLU A 20 10.20 -1.01 -18.94
C GLU A 20 9.03 -0.03 -19.00
N TYR A 21 9.33 1.23 -19.32
CA TYR A 21 8.30 2.25 -19.40
C TYR A 21 7.51 2.10 -20.70
N THR A 22 8.21 1.86 -21.80
CA THR A 22 7.56 1.70 -23.09
C THR A 22 6.76 0.40 -23.13
N ASP A 23 7.05 -0.49 -22.19
CA ASP A 23 6.36 -1.78 -22.12
C ASP A 23 5.32 -1.76 -21.00
N TRP A 24 5.70 -1.20 -19.86
CA TRP A 24 4.80 -1.13 -18.72
C TRP A 24 3.42 -0.63 -19.15
N LYS A 25 3.42 0.41 -19.98
CA LYS A 25 2.16 0.97 -20.47
C LYS A 25 1.25 -0.12 -21.00
N SER A 26 1.85 -1.09 -21.69
CA SER A 26 1.09 -2.20 -22.25
C SER A 26 0.93 -3.31 -21.21
N SER A 27 2.03 -3.65 -20.56
CA SER A 27 2.02 -4.71 -19.55
C SER A 27 1.30 -4.22 -18.28
N GLY A 28 0.77 -3.01 -18.34
CA GLY A 28 0.06 -2.45 -17.19
C GLY A 28 -1.39 -2.89 -17.19
N ALA A 29 -1.82 -3.53 -18.26
CA ALA A 29 -3.19 -4.01 -18.37
C ALA A 29 -3.28 -5.46 -17.90
N LEU A 30 -2.61 -5.76 -16.79
CA LEU A 30 -2.63 -7.11 -16.25
C LEU A 30 -1.95 -7.16 -14.88
N ILE A 31 -1.00 -6.25 -14.66
CA ILE A 31 -0.27 -6.21 -13.39
C ILE A 31 -1.15 -5.67 -12.25
N PRO A 32 -2.05 -4.74 -12.52
CA PRO A 32 -2.94 -4.17 -11.47
C PRO A 32 -3.80 -5.24 -10.78
N ALA A 33 -4.13 -6.28 -11.55
CA ALA A 33 -4.96 -7.37 -11.00
C ALA A 33 -4.31 -7.94 -9.75
N ILE A 34 -3.17 -8.59 -9.91
CA ILE A 34 -2.47 -9.18 -8.78
C ILE A 34 -2.29 -8.16 -7.66
N TYR A 35 -1.99 -6.93 -8.04
CA TYR A 35 -1.80 -5.87 -7.07
C TYR A 35 -3.07 -5.65 -6.26
N MET A 36 -4.14 -5.26 -6.94
CA MET A 36 -5.42 -5.03 -6.28
C MET A 36 -5.92 -6.30 -5.60
N LEU A 37 -6.02 -7.37 -6.38
CA LEU A 37 -6.48 -8.65 -5.84
C LEU A 37 -5.76 -8.98 -4.54
N VAL A 38 -4.53 -8.50 -4.42
CA VAL A 38 -3.75 -8.75 -3.21
C VAL A 38 -3.94 -7.62 -2.21
N PHE A 39 -4.31 -6.44 -2.70
CA PHE A 39 -4.51 -5.29 -1.84
C PHE A 39 -5.84 -5.41 -1.10
N LEU A 40 -6.93 -5.52 -1.85
CA LEU A 40 -8.25 -5.63 -1.25
C LEU A 40 -8.36 -6.94 -0.46
N LEU A 41 -7.27 -7.70 -0.43
CA LEU A 41 -7.26 -8.97 0.29
C LEU A 41 -6.62 -8.79 1.66
N GLY A 42 -5.36 -8.35 1.67
CA GLY A 42 -4.64 -8.15 2.92
C GLY A 42 -4.71 -6.68 3.36
N THR A 43 -5.55 -5.90 2.67
CA THR A 43 -5.70 -4.49 2.99
C THR A 43 -7.17 -4.11 3.07
N THR A 44 -8.00 -5.05 3.50
CA THR A 44 -9.43 -4.82 3.61
C THR A 44 -9.97 -5.37 4.93
N GLY A 45 -9.67 -6.64 5.19
CA GLY A 45 -10.13 -7.28 6.41
C GLY A 45 -9.01 -7.31 7.45
N ASN A 46 -7.79 -7.02 7.00
CA ASN A 46 -6.64 -7.02 7.91
C ASN A 46 -6.63 -5.76 8.76
N GLY A 47 -6.70 -4.60 8.11
CA GLY A 47 -6.71 -3.34 8.83
C GLY A 47 -7.91 -3.23 9.76
N LEU A 48 -9.09 -3.44 9.21
CA LEU A 48 -10.32 -3.37 10.00
C LEU A 48 -10.18 -4.22 11.26
N VAL A 49 -9.76 -5.47 11.07
CA VAL A 49 -9.59 -6.38 12.20
C VAL A 49 -8.56 -5.84 13.17
N LEU A 50 -7.29 -5.90 12.78
CA LEU A 50 -6.20 -5.41 13.63
C LEU A 50 -6.57 -4.05 14.23
N TRP A 51 -7.46 -3.33 13.55
CA TRP A 51 -7.88 -2.02 14.03
C TRP A 51 -8.95 -2.17 15.10
N THR A 52 -9.94 -3.02 14.83
CA THR A 52 -11.02 -3.24 15.79
C THR A 52 -10.49 -3.94 17.04
N VAL A 53 -9.60 -4.90 16.84
CA VAL A 53 -9.03 -5.64 17.96
C VAL A 53 -8.26 -4.69 18.88
N PHE A 54 -7.51 -3.78 18.29
CA PHE A 54 -6.73 -2.83 19.07
C PHE A 54 -7.64 -1.94 19.91
N ARG A 55 -8.93 -1.96 19.59
CA ARG A 55 -9.91 -1.15 20.30
C ARG A 55 -10.83 -2.03 21.15
N LYS A 56 -10.80 -3.34 20.88
CA LYS A 56 -11.64 -4.27 21.62
C LYS A 56 -10.82 -4.98 22.69
N LYS A 57 -9.53 -5.14 22.43
CA LYS A 57 -8.65 -5.81 23.37
C LYS A 57 -7.82 -4.79 24.16
N GLY A 58 -7.61 -3.62 23.55
CA GLY A 58 -6.84 -2.57 24.20
C GLY A 58 -7.69 -1.81 25.20
N HIS A 59 -8.99 -1.74 24.94
CA HIS A 59 -9.91 -1.05 25.84
C HIS A 59 -9.87 -1.68 27.23
N HIS A 60 -10.21 -2.96 27.30
CA HIS A 60 -10.23 -3.67 28.57
C HIS A 60 -8.89 -3.51 29.28
N HIS A 61 -7.91 -4.34 28.90
CA HIS A 61 -6.60 -4.29 29.50
C HIS A 61 -6.66 -4.57 31.01
N HIS A 62 -7.20 -3.60 31.76
CA HIS A 62 -7.32 -3.76 33.20
C HIS A 62 -8.26 -4.90 33.55
N HIS A 63 -7.73 -5.92 34.22
CA HIS A 63 -8.53 -7.07 34.60
C HIS A 63 -9.36 -7.55 33.41
N HIS A 64 -8.78 -7.48 32.23
CA HIS A 64 -9.46 -7.90 31.01
C HIS A 64 -10.92 -7.46 31.04
N MET A 1 4.45 29.91 -23.37
CA MET A 1 5.48 29.46 -22.41
C MET A 1 5.15 28.05 -21.94
N GLU A 2 4.48 27.29 -22.80
CA GLU A 2 4.12 25.91 -22.48
C GLU A 2 5.08 24.93 -23.15
N GLU A 3 5.99 24.38 -22.36
CA GLU A 3 6.97 23.42 -22.88
C GLU A 3 7.87 22.92 -21.76
N GLY A 4 8.84 22.08 -22.12
CA GLY A 4 9.77 21.54 -21.14
C GLY A 4 9.38 20.11 -20.75
N GLY A 5 10.36 19.21 -20.76
CA GLY A 5 10.10 17.83 -20.40
C GLY A 5 10.46 17.55 -18.94
N ASP A 6 11.34 16.57 -18.73
CA ASP A 6 11.77 16.23 -17.37
C ASP A 6 13.18 15.65 -17.40
N PHE A 7 14.12 16.42 -17.93
CA PHE A 7 15.51 15.98 -18.00
C PHE A 7 15.97 15.43 -16.65
N ASP A 8 17.19 14.92 -16.61
CA ASP A 8 17.74 14.37 -15.38
C ASP A 8 17.86 15.45 -14.32
N ASN A 9 17.45 16.67 -14.66
CA ASN A 9 17.50 17.77 -13.72
C ASN A 9 16.75 17.43 -12.44
N TYR A 10 15.67 16.67 -12.58
CA TYR A 10 14.87 16.28 -11.42
C TYR A 10 15.70 15.43 -10.45
N TYR A 11 16.66 16.06 -9.79
CA TYR A 11 17.50 15.35 -8.84
C TYR A 11 17.90 13.99 -9.39
N GLY A 12 18.23 13.95 -10.68
CA GLY A 12 18.63 12.70 -11.31
C GLY A 12 17.73 11.55 -10.87
N ALA A 13 16.43 11.69 -11.14
CA ALA A 13 15.47 10.65 -10.76
C ALA A 13 14.46 10.43 -11.88
N ASP A 14 14.10 11.50 -12.57
CA ASP A 14 13.14 11.41 -13.67
C ASP A 14 13.80 10.80 -14.90
N ASN A 15 15.07 11.13 -15.12
CA ASN A 15 15.81 10.60 -16.26
C ASN A 15 15.82 9.09 -16.24
N GLN A 16 15.74 8.50 -15.06
CA GLN A 16 15.74 7.05 -14.91
C GLN A 16 14.32 6.53 -14.78
N SER A 17 13.38 7.45 -14.56
CA SER A 17 11.98 7.06 -14.41
C SER A 17 11.28 7.04 -15.76
N GLU A 18 11.50 8.09 -16.55
CA GLU A 18 10.88 8.19 -17.88
C GLU A 18 11.28 6.99 -18.73
N CYS A 19 12.38 6.32 -18.36
CA CYS A 19 12.85 5.16 -19.11
C CYS A 19 11.93 3.97 -18.88
N GLU A 20 11.38 3.88 -17.67
CA GLU A 20 10.48 2.78 -17.34
C GLU A 20 9.03 3.16 -17.60
N TYR A 21 8.78 4.47 -17.69
CA TYR A 21 7.44 4.96 -17.94
C TYR A 21 6.88 4.38 -19.24
N THR A 22 7.76 4.24 -20.23
CA THR A 22 7.34 3.69 -21.52
C THR A 22 7.07 2.20 -21.41
N ASP A 23 7.48 1.61 -20.30
CA ASP A 23 7.29 0.18 -20.08
C ASP A 23 6.10 -0.06 -19.15
N TRP A 24 6.08 0.69 -18.04
CA TRP A 24 4.99 0.55 -17.07
C TRP A 24 3.64 0.56 -17.77
N LYS A 25 3.43 1.54 -18.64
CA LYS A 25 2.17 1.64 -19.37
C LYS A 25 1.79 0.30 -19.97
N SER A 26 2.80 -0.49 -20.35
CA SER A 26 2.56 -1.80 -20.93
C SER A 26 2.51 -2.88 -19.84
N SER A 27 3.48 -2.83 -18.93
CA SER A 27 3.54 -3.80 -17.85
C SER A 27 2.50 -3.48 -16.78
N GLY A 28 1.69 -2.46 -17.04
CA GLY A 28 0.65 -2.06 -16.09
C GLY A 28 -0.61 -2.87 -16.29
N ALA A 29 -0.63 -3.68 -17.35
CA ALA A 29 -1.79 -4.51 -17.65
C ALA A 29 -1.60 -5.90 -17.06
N LEU A 30 -1.10 -5.94 -15.82
CA LEU A 30 -0.87 -7.22 -15.15
C LEU A 30 -0.48 -7.00 -13.69
N ILE A 31 0.15 -5.86 -13.41
CA ILE A 31 0.57 -5.55 -12.04
C ILE A 31 -0.62 -5.21 -11.14
N PRO A 32 -1.65 -4.56 -11.65
CA PRO A 32 -2.84 -4.19 -10.84
C PRO A 32 -3.50 -5.41 -10.20
N ALA A 33 -3.38 -6.55 -10.86
CA ALA A 33 -3.97 -7.79 -10.35
C ALA A 33 -3.47 -8.08 -8.94
N ILE A 34 -2.18 -8.39 -8.84
CA ILE A 34 -1.58 -8.70 -7.55
C ILE A 34 -1.91 -7.60 -6.54
N TYR A 35 -1.84 -6.35 -6.99
CA TYR A 35 -2.13 -5.21 -6.12
C TYR A 35 -3.54 -5.31 -5.57
N MET A 36 -4.52 -5.27 -6.47
CA MET A 36 -5.92 -5.36 -6.07
C MET A 36 -6.18 -6.67 -5.34
N LEU A 37 -5.86 -7.79 -5.99
CA LEU A 37 -6.06 -9.10 -5.40
C LEU A 37 -5.57 -9.12 -3.96
N VAL A 38 -4.55 -8.31 -3.69
CA VAL A 38 -3.99 -8.23 -2.34
C VAL A 38 -4.58 -7.06 -1.57
N PHE A 39 -5.25 -6.17 -2.29
CA PHE A 39 -5.87 -5.01 -1.66
C PHE A 39 -7.23 -5.37 -1.05
N LEU A 40 -8.10 -5.92 -1.88
CA LEU A 40 -9.43 -6.30 -1.42
C LEU A 40 -9.35 -7.53 -0.52
N LEU A 41 -8.15 -8.07 -0.34
CA LEU A 41 -7.94 -9.24 0.49
C LEU A 41 -6.89 -8.95 1.56
N GLY A 42 -6.28 -7.77 1.48
CA GLY A 42 -5.26 -7.38 2.45
C GLY A 42 -5.49 -5.95 2.94
N THR A 43 -6.61 -5.36 2.53
CA THR A 43 -6.93 -4.00 2.94
C THR A 43 -8.45 -3.79 2.95
N THR A 44 -9.19 -4.88 3.16
CA THR A 44 -10.64 -4.81 3.20
C THR A 44 -11.17 -5.49 4.46
N GLY A 45 -10.65 -6.68 4.73
CA GLY A 45 -11.07 -7.45 5.90
C GLY A 45 -9.87 -7.76 6.79
N ASN A 46 -8.71 -7.21 6.42
CA ASN A 46 -7.49 -7.43 7.20
C ASN A 46 -7.17 -6.21 8.04
N GLY A 47 -7.15 -5.04 7.40
CA GLY A 47 -6.84 -3.79 8.09
C GLY A 47 -7.93 -3.46 9.11
N LEU A 48 -9.18 -3.55 8.69
CA LEU A 48 -10.31 -3.25 9.56
C LEU A 48 -10.23 -4.11 10.83
N VAL A 49 -10.03 -5.41 10.64
CA VAL A 49 -9.94 -6.33 11.77
C VAL A 49 -8.78 -5.93 12.69
N LEU A 50 -7.56 -6.15 12.22
CA LEU A 50 -6.37 -5.83 13.01
C LEU A 50 -6.55 -4.48 13.70
N TRP A 51 -7.33 -3.60 13.06
CA TRP A 51 -7.57 -2.27 13.63
C TRP A 51 -8.62 -2.34 14.73
N THR A 52 -9.75 -2.97 14.43
CA THR A 52 -10.84 -3.11 15.40
C THR A 52 -10.35 -3.85 16.64
N VAL A 53 -9.62 -4.94 16.42
CA VAL A 53 -9.10 -5.73 17.52
C VAL A 53 -8.23 -4.87 18.44
N PHE A 54 -7.28 -4.18 17.84
CA PHE A 54 -6.38 -3.32 18.62
C PHE A 54 -7.18 -2.36 19.49
N ARG A 55 -8.41 -2.07 19.06
CA ARG A 55 -9.28 -1.16 19.81
C ARG A 55 -10.14 -1.94 20.79
N LYS A 56 -10.22 -3.26 20.60
CA LYS A 56 -11.03 -4.10 21.48
C LYS A 56 -10.14 -4.81 22.49
N LYS A 57 -8.85 -4.92 22.15
CA LYS A 57 -7.90 -5.59 23.04
C LYS A 57 -7.00 -4.55 23.71
N GLY A 58 -7.05 -3.32 23.21
CA GLY A 58 -6.23 -2.26 23.77
C GLY A 58 -6.88 -1.66 25.00
N HIS A 59 -8.21 -1.62 25.01
CA HIS A 59 -8.94 -1.07 26.14
C HIS A 59 -8.33 -1.55 27.45
N HIS A 60 -7.81 -2.77 27.43
CA HIS A 60 -7.20 -3.35 28.63
C HIS A 60 -5.92 -2.59 28.99
N HIS A 61 -4.81 -3.32 29.08
CA HIS A 61 -3.54 -2.72 29.42
C HIS A 61 -2.71 -2.48 28.16
N HIS A 62 -1.42 -2.21 28.35
CA HIS A 62 -0.52 -1.97 27.23
C HIS A 62 0.02 -3.29 26.68
N HIS A 63 -0.12 -3.48 25.38
CA HIS A 63 0.36 -4.71 24.73
C HIS A 63 0.04 -5.91 25.61
N HIS A 64 -1.14 -5.89 26.20
CA HIS A 64 -1.59 -6.98 27.06
C HIS A 64 -0.43 -7.48 27.93
N MET A 1 4.90 23.16 -6.83
CA MET A 1 4.14 22.06 -7.47
C MET A 1 4.72 20.72 -7.03
N GLU A 2 5.70 20.77 -6.14
CA GLU A 2 6.34 19.56 -5.63
C GLU A 2 6.89 19.78 -4.23
N GLU A 3 7.18 18.69 -3.53
CA GLU A 3 7.73 18.78 -2.18
C GLU A 3 8.13 17.40 -1.68
N GLY A 4 9.40 17.06 -1.86
CA GLY A 4 9.90 15.77 -1.42
C GLY A 4 11.32 15.52 -1.94
N GLY A 5 12.27 16.31 -1.45
CA GLY A 5 13.66 16.16 -1.87
C GLY A 5 13.75 16.07 -3.39
N ASP A 6 14.94 15.72 -3.87
CA ASP A 6 15.15 15.59 -5.32
C ASP A 6 14.96 16.93 -6.00
N PHE A 7 15.68 17.95 -5.54
CA PHE A 7 15.58 19.27 -6.13
C PHE A 7 16.26 19.32 -7.49
N ASP A 8 15.97 18.33 -8.33
CA ASP A 8 16.56 18.26 -9.66
C ASP A 8 15.54 17.75 -10.68
N ASN A 9 14.30 17.63 -10.24
CA ASN A 9 13.24 17.16 -11.13
C ASN A 9 13.20 17.98 -12.40
N TYR A 10 12.41 17.53 -13.37
CA TYR A 10 12.28 18.23 -14.64
C TYR A 10 13.65 18.47 -15.27
N TYR A 11 13.93 17.75 -16.35
CA TYR A 11 15.21 17.88 -17.04
C TYR A 11 16.29 17.10 -16.31
N GLY A 12 15.95 15.91 -15.84
CA GLY A 12 16.90 15.07 -15.12
C GLY A 12 16.17 14.15 -14.14
N ALA A 13 14.91 13.86 -14.44
CA ALA A 13 14.10 13.00 -13.59
C ALA A 13 13.47 11.87 -14.40
N ASP A 14 13.24 12.15 -15.70
CA ASP A 14 12.63 11.16 -16.57
C ASP A 14 13.71 10.31 -17.25
N ASN A 15 14.86 10.91 -17.49
CA ASN A 15 15.96 10.19 -18.14
C ASN A 15 16.26 8.90 -17.40
N GLN A 16 15.98 8.89 -16.10
CA GLN A 16 16.22 7.70 -15.29
C GLN A 16 14.99 6.82 -15.25
N SER A 17 13.84 7.38 -15.61
CA SER A 17 12.60 6.63 -15.61
C SER A 17 12.39 5.94 -16.96
N GLU A 18 12.74 6.63 -18.03
CA GLU A 18 12.59 6.06 -19.36
C GLU A 18 13.17 4.64 -19.42
N CYS A 19 14.08 4.35 -18.49
CA CYS A 19 14.70 3.03 -18.45
C CYS A 19 13.70 1.98 -17.98
N GLU A 20 12.79 2.39 -17.10
CA GLU A 20 11.78 1.47 -16.58
C GLU A 20 10.51 1.54 -17.43
N TYR A 21 10.27 2.70 -18.03
CA TYR A 21 9.09 2.89 -18.86
C TYR A 21 8.98 1.79 -19.91
N THR A 22 10.14 1.27 -20.33
CA THR A 22 10.16 0.21 -21.32
C THR A 22 9.91 -1.15 -20.67
N ASP A 23 10.01 -1.20 -19.35
CA ASP A 23 9.79 -2.43 -18.61
C ASP A 23 8.39 -2.45 -18.00
N TRP A 24 8.07 -1.41 -17.24
CA TRP A 24 6.77 -1.31 -16.60
C TRP A 24 5.66 -1.67 -17.60
N LYS A 25 5.81 -1.20 -18.83
CA LYS A 25 4.81 -1.46 -19.86
C LYS A 25 4.61 -2.96 -20.04
N SER A 26 5.66 -3.73 -19.76
CA SER A 26 5.59 -5.19 -19.90
C SER A 26 5.35 -5.83 -18.54
N SER A 27 5.91 -5.24 -17.50
CA SER A 27 5.75 -5.78 -16.15
C SER A 27 4.53 -5.17 -15.47
N GLY A 28 3.68 -4.51 -16.26
CA GLY A 28 2.48 -3.89 -15.72
C GLY A 28 1.29 -4.84 -15.78
N ALA A 29 1.58 -6.10 -16.11
CA ALA A 29 0.52 -7.11 -16.20
C ALA A 29 0.63 -8.09 -15.04
N LEU A 30 1.29 -7.67 -13.96
CA LEU A 30 1.46 -8.52 -12.80
C LEU A 30 1.24 -7.74 -11.50
N ILE A 31 1.56 -6.44 -11.54
CA ILE A 31 1.40 -5.60 -10.37
C ILE A 31 -0.08 -5.32 -10.07
N PRO A 32 -0.89 -5.16 -11.10
CA PRO A 32 -2.35 -4.88 -10.91
C PRO A 32 -3.06 -6.00 -10.16
N ALA A 33 -2.72 -7.24 -10.50
CA ALA A 33 -3.33 -8.39 -9.85
C ALA A 33 -3.10 -8.33 -8.34
N ILE A 34 -1.84 -8.40 -7.93
CA ILE A 34 -1.51 -8.35 -6.52
C ILE A 34 -2.20 -7.16 -5.85
N TYR A 35 -1.99 -5.98 -6.41
CA TYR A 35 -2.60 -4.77 -5.86
C TYR A 35 -4.06 -5.02 -5.52
N MET A 36 -4.81 -5.54 -6.49
CA MET A 36 -6.22 -5.83 -6.28
C MET A 36 -6.41 -6.86 -5.18
N LEU A 37 -5.86 -8.05 -5.40
CA LEU A 37 -5.97 -9.13 -4.42
C LEU A 37 -5.44 -8.68 -3.06
N VAL A 38 -4.87 -7.47 -3.01
CA VAL A 38 -4.31 -6.94 -1.78
C VAL A 38 -5.00 -5.62 -1.42
N PHE A 39 -5.84 -5.12 -2.32
CA PHE A 39 -6.55 -3.87 -2.09
C PHE A 39 -8.01 -4.12 -1.77
N LEU A 40 -8.49 -5.32 -2.10
CA LEU A 40 -9.88 -5.69 -1.86
C LEU A 40 -9.98 -6.85 -0.88
N LEU A 41 -8.86 -7.54 -0.67
CA LEU A 41 -8.81 -8.67 0.23
C LEU A 41 -7.92 -8.35 1.43
N GLY A 42 -6.78 -7.73 1.15
CA GLY A 42 -5.84 -7.35 2.20
C GLY A 42 -6.16 -5.96 2.76
N THR A 43 -7.20 -5.33 2.21
CA THR A 43 -7.59 -3.99 2.68
C THR A 43 -9.11 -3.91 2.86
N THR A 44 -9.74 -5.06 3.04
CA THR A 44 -11.19 -5.10 3.22
C THR A 44 -11.54 -5.94 4.44
N GLY A 45 -10.96 -7.13 4.53
CA GLY A 45 -11.22 -8.03 5.65
C GLY A 45 -10.04 -8.05 6.60
N ASN A 46 -8.97 -7.34 6.24
CA ASN A 46 -7.78 -7.29 7.08
C ASN A 46 -7.75 -5.98 7.86
N GLY A 47 -7.77 -4.85 7.14
CA GLY A 47 -7.75 -3.55 7.79
C GLY A 47 -8.83 -3.45 8.85
N LEU A 48 -10.03 -3.92 8.52
CA LEU A 48 -11.14 -3.88 9.45
C LEU A 48 -10.81 -4.67 10.71
N VAL A 49 -10.34 -5.90 10.52
CA VAL A 49 -9.99 -6.76 11.65
C VAL A 49 -8.88 -6.11 12.48
N LEU A 50 -7.69 -6.02 11.89
CA LEU A 50 -6.56 -5.43 12.58
C LEU A 50 -6.96 -4.12 13.26
N TRP A 51 -7.96 -3.46 12.69
CA TRP A 51 -8.44 -2.20 13.24
C TRP A 51 -9.35 -2.45 14.43
N THR A 52 -10.31 -3.35 14.25
CA THR A 52 -11.24 -3.67 15.33
C THR A 52 -10.50 -4.28 16.52
N VAL A 53 -9.57 -5.19 16.23
CA VAL A 53 -8.80 -5.84 17.28
C VAL A 53 -7.94 -4.82 18.01
N PHE A 54 -7.19 -4.02 17.25
CA PHE A 54 -6.33 -3.01 17.83
C PHE A 54 -7.09 -2.18 18.86
N ARG A 55 -8.41 -2.32 18.86
CA ARG A 55 -9.25 -1.57 19.79
C ARG A 55 -9.73 -2.48 20.92
N LYS A 56 -9.72 -3.80 20.68
CA LYS A 56 -10.16 -4.75 21.68
C LYS A 56 -8.96 -5.27 22.47
N LYS A 57 -7.80 -5.31 21.82
CA LYS A 57 -6.59 -5.79 22.48
C LYS A 57 -5.72 -4.62 22.92
N GLY A 58 -6.04 -3.43 22.43
CA GLY A 58 -5.29 -2.23 22.77
C GLY A 58 -5.78 -1.65 24.09
N HIS A 59 -7.08 -1.79 24.35
CA HIS A 59 -7.66 -1.27 25.58
C HIS A 59 -6.95 -1.84 26.80
N HIS A 60 -6.14 -2.88 26.58
CA HIS A 60 -5.40 -3.50 27.67
C HIS A 60 -3.98 -3.83 27.22
N HIS A 61 -3.07 -2.89 27.44
CA HIS A 61 -1.67 -3.09 27.07
C HIS A 61 -1.06 -4.21 27.89
N HIS A 62 0.03 -3.89 28.59
CA HIS A 62 0.72 -4.89 29.42
C HIS A 62 0.29 -4.75 30.88
N HIS A 63 0.78 -3.70 31.53
CA HIS A 63 0.44 -3.46 32.92
C HIS A 63 -0.82 -2.62 33.04
N HIS A 64 -1.88 -3.07 32.39
CA HIS A 64 -3.16 -2.35 32.43
C HIS A 64 -3.46 -1.88 33.85
N MET A 1 -14.32 -8.78 13.89
CA MET A 1 -15.61 -8.96 14.62
C MET A 1 -16.74 -8.45 13.73
N GLU A 2 -16.62 -7.21 13.28
CA GLU A 2 -17.65 -6.60 12.43
C GLU A 2 -17.03 -5.56 11.51
N GLU A 3 -17.74 -5.24 10.43
CA GLU A 3 -17.26 -4.25 9.48
C GLU A 3 -16.90 -2.95 10.18
N GLY A 4 -16.10 -2.12 9.52
CA GLY A 4 -15.69 -0.84 10.10
C GLY A 4 -15.73 0.27 9.06
N GLY A 5 -14.62 0.40 8.32
CA GLY A 5 -14.54 1.43 7.29
C GLY A 5 -13.86 2.68 7.82
N ASP A 6 -12.61 2.90 7.40
CA ASP A 6 -11.86 4.07 7.85
C ASP A 6 -10.45 4.05 7.24
N PHE A 7 -10.38 4.10 5.92
CA PHE A 7 -9.09 4.09 5.24
C PHE A 7 -8.14 5.11 5.86
N ASP A 8 -6.88 4.72 6.03
CA ASP A 8 -5.89 5.60 6.63
C ASP A 8 -5.33 6.57 5.57
N ASN A 9 -5.16 6.07 4.35
CA ASN A 9 -4.65 6.87 3.26
C ASN A 9 -3.56 7.83 3.75
N TYR A 10 -3.77 9.13 3.54
CA TYR A 10 -2.80 10.14 3.97
C TYR A 10 -2.20 9.77 5.32
N TYR A 11 -0.88 9.71 5.37
CA TYR A 11 -0.18 9.36 6.61
C TYR A 11 -0.21 7.86 6.83
N GLY A 12 -0.08 7.11 5.75
CA GLY A 12 -0.09 5.66 5.83
C GLY A 12 0.00 5.02 4.45
N ALA A 13 -0.42 5.77 3.44
CA ALA A 13 -0.39 5.29 2.06
C ALA A 13 0.62 6.08 1.24
N ASP A 14 0.96 7.26 1.72
CA ASP A 14 1.91 8.12 1.02
C ASP A 14 3.28 8.04 1.69
N ASN A 15 3.29 7.61 2.95
CA ASN A 15 4.53 7.50 3.69
C ASN A 15 5.47 6.49 3.02
N GLN A 16 4.88 5.47 2.40
CA GLN A 16 5.67 4.44 1.73
C GLN A 16 5.67 4.67 0.22
N SER A 17 5.03 5.76 -0.21
CA SER A 17 4.96 6.08 -1.63
C SER A 17 5.97 7.17 -1.98
N GLU A 18 6.13 8.13 -1.08
CA GLU A 18 7.07 9.23 -1.30
C GLU A 18 8.41 8.70 -1.82
N CYS A 19 8.71 7.46 -1.47
CA CYS A 19 9.96 6.84 -1.89
C CYS A 19 9.76 6.08 -3.20
N GLU A 20 8.55 5.59 -3.41
CA GLU A 20 8.24 4.84 -4.62
C GLU A 20 7.70 5.79 -5.70
N TYR A 21 7.43 7.03 -5.31
CA TYR A 21 6.94 8.02 -6.25
C TYR A 21 7.74 8.01 -7.54
N THR A 22 9.04 7.77 -7.40
CA THR A 22 9.93 7.74 -8.56
C THR A 22 9.73 6.46 -9.37
N ASP A 23 9.19 5.43 -8.72
CA ASP A 23 8.96 4.15 -9.39
C ASP A 23 7.48 3.97 -9.75
N TRP A 24 6.63 4.04 -8.74
CA TRP A 24 5.19 3.87 -8.95
C TRP A 24 4.74 4.53 -10.25
N LYS A 25 5.29 5.71 -10.54
CA LYS A 25 4.93 6.43 -11.76
C LYS A 25 4.91 5.48 -12.95
N SER A 26 5.86 4.57 -12.98
CA SER A 26 5.96 3.61 -14.07
C SER A 26 5.58 2.21 -13.60
N SER A 27 5.97 1.88 -12.37
CA SER A 27 5.65 0.57 -11.81
C SER A 27 4.33 0.61 -11.05
N GLY A 28 3.46 1.55 -11.43
CA GLY A 28 2.17 1.68 -10.79
C GLY A 28 1.04 1.62 -11.81
N ALA A 29 1.29 0.92 -12.91
CA ALA A 29 0.29 0.79 -13.97
C ALA A 29 0.07 -0.68 -14.33
N LEU A 30 0.53 -1.57 -13.46
CA LEU A 30 0.38 -3.01 -13.70
C LEU A 30 0.37 -3.78 -12.38
N ILE A 31 1.18 -3.33 -11.43
CA ILE A 31 1.25 -4.00 -10.13
C ILE A 31 0.02 -3.71 -9.27
N PRO A 32 -0.55 -2.52 -9.36
CA PRO A 32 -1.75 -2.16 -8.55
C PRO A 32 -2.91 -3.12 -8.78
N ALA A 33 -2.87 -3.84 -9.90
CA ALA A 33 -3.92 -4.79 -10.21
C ALA A 33 -3.98 -5.90 -9.16
N ILE A 34 -2.96 -6.76 -9.16
CA ILE A 34 -2.92 -7.85 -8.20
C ILE A 34 -2.97 -7.30 -6.78
N TYR A 35 -2.15 -6.28 -6.53
CA TYR A 35 -2.10 -5.67 -5.21
C TYR A 35 -3.52 -5.51 -4.66
N MET A 36 -4.37 -4.82 -5.42
CA MET A 36 -5.74 -4.62 -5.00
C MET A 36 -6.41 -5.96 -4.71
N LEU A 37 -6.44 -6.82 -5.72
CA LEU A 37 -7.04 -8.14 -5.55
C LEU A 37 -6.55 -8.80 -4.27
N VAL A 38 -5.26 -8.65 -4.00
CA VAL A 38 -4.67 -9.24 -2.80
C VAL A 38 -4.92 -8.36 -1.58
N PHE A 39 -5.17 -7.07 -1.82
CA PHE A 39 -5.43 -6.15 -0.72
C PHE A 39 -6.85 -6.31 -0.19
N LEU A 40 -7.83 -6.10 -1.07
CA LEU A 40 -9.22 -6.22 -0.67
C LEU A 40 -9.54 -7.65 -0.25
N LEU A 41 -8.52 -8.50 -0.29
CA LEU A 41 -8.69 -9.90 0.10
C LEU A 41 -8.31 -10.12 1.57
N GLY A 42 -7.01 -10.10 1.83
CA GLY A 42 -6.51 -10.30 3.19
C GLY A 42 -6.38 -8.97 3.93
N THR A 43 -6.97 -7.92 3.38
CA THR A 43 -6.91 -6.59 4.00
C THR A 43 -8.29 -5.96 4.05
N THR A 44 -9.32 -6.80 4.07
CA THR A 44 -10.70 -6.31 4.12
C THR A 44 -11.46 -7.02 5.23
N GLY A 45 -11.38 -8.34 5.24
CA GLY A 45 -12.05 -9.14 6.27
C GLY A 45 -11.03 -9.76 7.22
N ASN A 46 -9.75 -9.43 6.99
CA ASN A 46 -8.67 -9.96 7.83
C ASN A 46 -7.94 -8.82 8.53
N GLY A 47 -7.25 -8.00 7.73
CA GLY A 47 -6.50 -6.88 8.28
C GLY A 47 -7.42 -5.92 9.05
N LEU A 48 -8.51 -5.51 8.40
CA LEU A 48 -9.46 -4.60 9.02
C LEU A 48 -9.85 -5.10 10.41
N VAL A 49 -10.17 -6.40 10.50
CA VAL A 49 -10.56 -6.97 11.78
C VAL A 49 -9.39 -6.91 12.76
N LEU A 50 -8.29 -7.58 12.41
CA LEU A 50 -7.11 -7.58 13.26
C LEU A 50 -6.62 -6.17 13.51
N TRP A 51 -6.96 -5.26 12.60
CA TRP A 51 -6.56 -3.86 12.73
C TRP A 51 -7.52 -3.11 13.64
N THR A 52 -8.81 -3.40 13.50
CA THR A 52 -9.82 -2.73 14.31
C THR A 52 -9.81 -3.29 15.73
N VAL A 53 -9.82 -4.61 15.85
CA VAL A 53 -9.80 -5.25 17.15
C VAL A 53 -8.60 -4.78 17.96
N PHE A 54 -7.49 -4.54 17.28
CA PHE A 54 -6.28 -4.08 17.94
C PHE A 54 -6.42 -2.63 18.38
N ARG A 55 -7.43 -1.96 17.83
CA ARG A 55 -7.67 -0.55 18.16
C ARG A 55 -8.88 -0.42 19.07
N LYS A 56 -9.43 -1.55 19.50
CA LYS A 56 -10.60 -1.55 20.38
C LYS A 56 -10.24 -2.14 21.74
N LYS A 57 -9.22 -2.98 21.76
CA LYS A 57 -8.78 -3.61 23.00
C LYS A 57 -7.56 -2.88 23.57
N GLY A 58 -6.75 -2.32 22.68
CA GLY A 58 -5.55 -1.62 23.10
C GLY A 58 -5.85 -0.14 23.36
N HIS A 59 -6.74 0.43 22.56
CA HIS A 59 -7.11 1.83 22.72
C HIS A 59 -7.78 2.05 24.08
N HIS A 60 -8.50 1.03 24.55
CA HIS A 60 -9.19 1.13 25.82
C HIS A 60 -8.19 1.21 26.97
N HIS A 61 -8.09 0.14 27.74
CA HIS A 61 -7.16 0.10 28.88
C HIS A 61 -6.92 -1.33 29.32
N HIS A 62 -7.73 -1.80 30.26
CA HIS A 62 -7.60 -3.16 30.77
C HIS A 62 -8.97 -3.79 31.00
N HIS A 63 -9.96 -2.96 31.34
CA HIS A 63 -11.31 -3.44 31.59
C HIS A 63 -12.31 -2.62 30.78
N HIS A 64 -11.98 -2.34 29.52
CA HIS A 64 -12.86 -1.57 28.65
C HIS A 64 -13.12 -0.19 29.24
N MET A 1 -1.06 14.63 -0.27
CA MET A 1 -1.10 13.25 0.30
C MET A 1 -0.09 12.37 -0.42
N GLU A 2 0.88 13.01 -1.07
CA GLU A 2 1.90 12.27 -1.80
C GLU A 2 3.18 12.17 -0.99
N GLU A 3 3.82 11.00 -1.01
CA GLU A 3 5.06 10.79 -0.28
C GLU A 3 6.11 11.80 -0.71
N GLY A 4 7.22 11.82 0.02
CA GLY A 4 8.31 12.74 -0.29
C GLY A 4 9.60 12.33 0.41
N GLY A 5 10.63 12.05 -0.37
CA GLY A 5 11.92 11.65 0.18
C GLY A 5 12.67 12.84 0.76
N ASP A 6 13.26 13.64 -0.13
CA ASP A 6 14.02 14.81 0.29
C ASP A 6 14.09 15.84 -0.83
N PHE A 7 12.93 16.31 -1.29
CA PHE A 7 12.89 17.28 -2.37
C PHE A 7 13.72 16.82 -3.55
N ASP A 8 13.40 15.64 -4.07
CA ASP A 8 14.13 15.09 -5.21
C ASP A 8 13.25 14.11 -5.99
N ASN A 9 11.96 14.36 -6.01
CA ASN A 9 11.03 13.49 -6.71
C ASN A 9 11.48 13.27 -8.14
N TYR A 10 11.19 14.23 -9.02
CA TYR A 10 11.58 14.13 -10.42
C TYR A 10 12.99 13.57 -10.54
N TYR A 11 13.20 12.72 -11.55
CA TYR A 11 14.50 12.11 -11.78
C TYR A 11 14.94 11.33 -10.54
N GLY A 12 14.01 10.61 -9.94
CA GLY A 12 14.31 9.81 -8.75
C GLY A 12 13.06 9.12 -8.23
N ALA A 13 11.91 9.74 -8.45
CA ALA A 13 10.65 9.16 -7.99
C ALA A 13 9.93 8.47 -9.14
N ASP A 14 10.26 8.87 -10.36
CA ASP A 14 9.64 8.28 -11.55
C ASP A 14 10.65 7.43 -12.30
N ASN A 15 11.92 7.59 -11.97
CA ASN A 15 12.99 6.83 -12.62
C ASN A 15 12.74 5.33 -12.46
N GLN A 16 11.96 4.97 -11.45
CA GLN A 16 11.66 3.57 -11.19
C GLN A 16 10.46 3.12 -12.03
N SER A 17 9.76 4.08 -12.61
CA SER A 17 8.59 3.78 -13.43
C SER A 17 8.98 3.71 -14.91
N GLU A 18 9.85 4.61 -15.33
CA GLU A 18 10.30 4.64 -16.72
C GLU A 18 10.91 3.30 -17.12
N CYS A 19 11.02 2.40 -16.15
CA CYS A 19 11.59 1.08 -16.40
C CYS A 19 10.48 0.04 -16.54
N GLU A 20 9.46 0.16 -15.70
CA GLU A 20 8.34 -0.77 -15.72
C GLU A 20 7.26 -0.29 -16.69
N TYR A 21 7.37 0.96 -17.10
CA TYR A 21 6.39 1.54 -18.02
C TYR A 21 6.53 0.91 -19.41
N THR A 22 7.78 0.73 -19.85
CA THR A 22 8.05 0.15 -21.15
C THR A 22 7.76 -1.35 -21.13
N ASP A 23 7.09 -1.80 -20.08
CA ASP A 23 6.75 -3.22 -19.96
C ASP A 23 5.31 -3.39 -19.47
N TRP A 24 4.88 -2.48 -18.60
CA TRP A 24 3.54 -2.54 -18.05
C TRP A 24 2.51 -2.46 -19.17
N LYS A 25 2.82 -1.69 -20.21
CA LYS A 25 1.91 -1.54 -21.34
C LYS A 25 1.51 -2.90 -21.90
N SER A 26 2.46 -3.84 -21.88
CA SER A 26 2.20 -5.19 -22.39
C SER A 26 1.83 -6.12 -21.24
N SER A 27 2.58 -6.02 -20.15
CA SER A 27 2.33 -6.87 -18.99
C SER A 27 1.29 -6.23 -18.07
N GLY A 28 0.49 -5.33 -18.63
CA GLY A 28 -0.54 -4.65 -17.86
C GLY A 28 -1.82 -5.49 -17.80
N ALA A 29 -1.81 -6.61 -18.51
CA ALA A 29 -2.97 -7.49 -18.53
C ALA A 29 -2.84 -8.57 -17.47
N LEU A 30 -2.19 -8.23 -16.36
CA LEU A 30 -1.99 -9.19 -15.28
C LEU A 30 -1.46 -8.48 -14.02
N ILE A 31 -0.64 -7.46 -14.24
CA ILE A 31 -0.07 -6.70 -13.13
C ILE A 31 -1.16 -6.12 -12.23
N PRO A 32 -2.05 -5.29 -12.75
CA PRO A 32 -3.15 -4.69 -11.93
C PRO A 32 -3.95 -5.76 -11.20
N ALA A 33 -4.42 -6.76 -11.94
CA ALA A 33 -5.21 -7.83 -11.36
C ALA A 33 -4.59 -8.30 -10.04
N ILE A 34 -3.42 -8.91 -10.13
CA ILE A 34 -2.72 -9.40 -8.94
C ILE A 34 -2.63 -8.30 -7.88
N TYR A 35 -2.25 -7.11 -8.32
CA TYR A 35 -2.13 -5.98 -7.41
C TYR A 35 -3.41 -5.79 -6.61
N MET A 36 -4.50 -5.54 -7.31
CA MET A 36 -5.79 -5.34 -6.66
C MET A 36 -6.15 -6.54 -5.80
N LEU A 37 -6.23 -7.72 -6.43
CA LEU A 37 -6.56 -8.94 -5.71
C LEU A 37 -5.70 -9.08 -4.45
N VAL A 38 -4.52 -8.48 -4.49
CA VAL A 38 -3.61 -8.54 -3.35
C VAL A 38 -3.76 -7.31 -2.48
N PHE A 39 -4.34 -6.25 -3.05
CA PHE A 39 -4.54 -5.01 -2.31
C PHE A 39 -5.81 -5.08 -1.47
N LEU A 40 -6.94 -5.34 -2.13
CA LEU A 40 -8.22 -5.44 -1.44
C LEU A 40 -8.22 -6.62 -0.49
N LEU A 41 -7.11 -7.35 -0.44
CA LEU A 41 -6.99 -8.51 0.43
C LEU A 41 -6.28 -8.14 1.73
N GLY A 42 -5.03 -7.69 1.61
CA GLY A 42 -4.25 -7.30 2.78
C GLY A 42 -4.46 -5.84 3.12
N THR A 43 -5.35 -5.18 2.37
CA THR A 43 -5.63 -3.76 2.60
C THR A 43 -7.14 -3.53 2.67
N THR A 44 -7.85 -4.48 3.26
CA THR A 44 -9.30 -4.36 3.40
C THR A 44 -9.74 -4.78 4.80
N GLY A 45 -9.30 -5.96 5.21
CA GLY A 45 -9.65 -6.46 6.54
C GLY A 45 -8.50 -6.25 7.53
N ASN A 46 -7.30 -6.13 7.00
CA ASN A 46 -6.13 -5.91 7.84
C ASN A 46 -6.30 -4.67 8.70
N GLY A 47 -6.75 -3.58 8.09
CA GLY A 47 -6.96 -2.34 8.81
C GLY A 47 -8.14 -2.47 9.78
N LEU A 48 -9.27 -2.94 9.27
CA LEU A 48 -10.46 -3.10 10.10
C LEU A 48 -10.15 -4.01 11.28
N VAL A 49 -9.45 -5.11 11.02
CA VAL A 49 -9.10 -6.06 12.07
C VAL A 49 -8.26 -5.37 13.14
N LEU A 50 -7.11 -4.84 12.74
CA LEU A 50 -6.22 -4.16 13.67
C LEU A 50 -6.98 -3.06 14.41
N TRP A 51 -8.01 -2.53 13.77
CA TRP A 51 -8.81 -1.47 14.36
C TRP A 51 -9.80 -2.05 15.38
N THR A 52 -10.51 -3.09 14.98
CA THR A 52 -11.49 -3.73 15.86
C THR A 52 -10.79 -4.40 17.03
N VAL A 53 -9.68 -5.09 16.74
CA VAL A 53 -8.93 -5.78 17.77
C VAL A 53 -8.44 -4.81 18.84
N PHE A 54 -7.95 -3.65 18.40
CA PHE A 54 -7.45 -2.64 19.33
C PHE A 54 -8.51 -2.28 20.36
N ARG A 55 -9.77 -2.27 19.93
CA ARG A 55 -10.87 -1.93 20.83
C ARG A 55 -11.32 -3.16 21.62
N LYS A 56 -10.76 -4.32 21.27
CA LYS A 56 -11.10 -5.56 21.96
C LYS A 56 -9.90 -6.05 22.77
N LYS A 57 -8.73 -5.54 22.42
CA LYS A 57 -7.50 -5.93 23.11
C LYS A 57 -7.01 -4.78 23.98
N GLY A 58 -7.21 -3.55 23.51
CA GLY A 58 -6.79 -2.37 24.26
C GLY A 58 -7.73 -2.09 25.42
N HIS A 59 -8.97 -2.54 25.29
CA HIS A 59 -9.97 -2.34 26.34
C HIS A 59 -9.51 -2.96 27.65
N HIS A 60 -8.55 -3.89 27.56
CA HIS A 60 -8.04 -4.55 28.75
C HIS A 60 -7.03 -3.66 29.47
N HIS A 61 -7.28 -2.35 29.44
CA HIS A 61 -6.38 -1.41 30.10
C HIS A 61 -6.22 -1.76 31.58
N HIS A 62 -6.77 -0.92 32.45
CA HIS A 62 -6.68 -1.15 33.88
C HIS A 62 -8.00 -1.72 34.42
N HIS A 63 -9.03 -0.89 34.43
CA HIS A 63 -10.34 -1.32 34.92
C HIS A 63 -11.17 -1.90 33.78
N HIS A 64 -10.67 -2.95 33.16
CA HIS A 64 -11.38 -3.60 32.06
C HIS A 64 -12.87 -3.69 32.36
N MET A 1 27.45 3.25 -10.03
CA MET A 1 28.62 2.80 -10.82
C MET A 1 29.86 2.78 -9.93
N GLU A 2 29.93 3.71 -8.99
CA GLU A 2 31.06 3.79 -8.08
C GLU A 2 30.58 4.10 -6.66
N GLU A 3 29.80 3.19 -6.09
CA GLU A 3 29.28 3.38 -4.75
C GLU A 3 28.40 4.63 -4.68
N GLY A 4 28.00 5.00 -3.47
CA GLY A 4 27.16 6.17 -3.27
C GLY A 4 27.50 6.88 -1.96
N GLY A 5 26.48 7.07 -1.12
CA GLY A 5 26.68 7.73 0.16
C GLY A 5 25.53 8.69 0.46
N ASP A 6 25.23 9.56 -0.49
CA ASP A 6 24.15 10.53 -0.32
C ASP A 6 23.98 11.37 -1.59
N PHE A 7 23.53 10.73 -2.65
CA PHE A 7 23.31 11.43 -3.92
C PHE A 7 22.48 12.68 -3.71
N ASP A 8 22.39 13.51 -4.75
CA ASP A 8 21.61 14.75 -4.65
C ASP A 8 20.14 14.47 -4.94
N ASN A 9 19.79 13.19 -5.03
CA ASN A 9 18.41 12.82 -5.30
C ASN A 9 17.80 13.72 -6.37
N TYR A 10 17.13 14.78 -5.92
CA TYR A 10 16.51 15.72 -6.84
C TYR A 10 17.42 16.00 -8.02
N TYR A 11 16.83 16.39 -9.14
CA TYR A 11 17.61 16.69 -10.34
C TYR A 11 18.69 15.64 -10.54
N GLY A 12 18.35 14.38 -10.28
CA GLY A 12 19.29 13.28 -10.44
C GLY A 12 18.76 12.01 -9.80
N ALA A 13 17.43 11.90 -9.74
CA ALA A 13 16.80 10.73 -9.15
C ALA A 13 15.77 10.15 -10.11
N ASP A 14 15.20 11.00 -10.96
CA ASP A 14 14.20 10.56 -11.92
C ASP A 14 14.85 10.29 -13.28
N ASN A 15 15.94 10.98 -13.55
CA ASN A 15 16.65 10.81 -14.81
C ASN A 15 16.90 9.33 -15.09
N GLN A 16 16.99 8.54 -14.02
CA GLN A 16 17.23 7.11 -14.16
C GLN A 16 15.92 6.35 -14.12
N SER A 17 14.86 7.01 -13.65
CA SER A 17 13.55 6.37 -13.57
C SER A 17 12.87 6.36 -14.93
N GLU A 18 13.02 7.46 -15.68
CA GLU A 18 12.42 7.57 -17.00
C GLU A 18 12.66 6.29 -17.80
N CYS A 19 13.86 5.73 -17.67
CA CYS A 19 14.20 4.51 -18.38
C CYS A 19 13.23 3.38 -18.02
N GLU A 20 12.71 3.42 -16.80
CA GLU A 20 11.78 2.41 -16.34
C GLU A 20 10.35 2.82 -16.64
N TYR A 21 10.12 4.13 -16.72
CA TYR A 21 8.79 4.66 -17.00
C TYR A 21 8.25 4.06 -18.30
N THR A 22 9.09 4.04 -19.34
CA THR A 22 8.68 3.50 -20.62
C THR A 22 8.26 2.04 -20.48
N ASP A 23 8.80 1.37 -19.47
CA ASP A 23 8.48 -0.03 -19.23
C ASP A 23 7.26 -0.16 -18.34
N TRP A 24 7.25 0.57 -17.22
CA TRP A 24 6.13 0.53 -16.30
C TRP A 24 4.80 0.53 -17.05
N LYS A 25 4.60 1.54 -17.88
CA LYS A 25 3.37 1.63 -18.65
C LYS A 25 3.04 0.30 -19.33
N SER A 26 4.08 -0.47 -19.61
CA SER A 26 3.91 -1.77 -20.25
C SER A 26 3.73 -2.87 -19.21
N SER A 27 4.63 -2.89 -18.24
CA SER A 27 4.57 -3.89 -17.18
C SER A 27 3.50 -3.53 -16.14
N GLY A 28 2.79 -2.43 -16.41
CA GLY A 28 1.74 -2.00 -15.50
C GLY A 28 0.41 -2.69 -15.81
N ALA A 29 0.40 -3.44 -16.91
CA ALA A 29 -0.80 -4.17 -17.31
C ALA A 29 -0.76 -5.60 -16.76
N LEU A 30 -0.33 -5.72 -15.51
CA LEU A 30 -0.26 -7.03 -14.88
C LEU A 30 0.05 -6.90 -13.39
N ILE A 31 0.74 -5.83 -13.01
CA ILE A 31 1.10 -5.62 -11.61
C ILE A 31 -0.13 -5.21 -10.78
N PRO A 32 -1.06 -4.47 -11.33
CA PRO A 32 -2.27 -4.03 -10.58
C PRO A 32 -3.08 -5.23 -10.06
N ALA A 33 -3.01 -6.34 -10.77
CA ALA A 33 -3.74 -7.54 -10.36
C ALA A 33 -3.34 -7.94 -8.94
N ILE A 34 -2.11 -8.37 -8.77
CA ILE A 34 -1.62 -8.78 -7.46
C ILE A 34 -1.94 -7.70 -6.42
N TYR A 35 -1.75 -6.45 -6.81
CA TYR A 35 -2.02 -5.34 -5.91
C TYR A 35 -3.48 -5.34 -5.47
N MET A 36 -4.37 -5.21 -6.44
CA MET A 36 -5.81 -5.19 -6.16
C MET A 36 -6.21 -6.48 -5.44
N LEU A 37 -5.92 -7.62 -6.07
CA LEU A 37 -6.26 -8.91 -5.49
C LEU A 37 -5.85 -8.95 -4.01
N VAL A 38 -4.77 -8.27 -3.69
CA VAL A 38 -4.28 -8.23 -2.31
C VAL A 38 -4.85 -7.02 -1.57
N PHE A 39 -5.44 -6.11 -2.32
CA PHE A 39 -6.02 -4.91 -1.73
C PHE A 39 -7.41 -5.19 -1.18
N LEU A 40 -8.28 -5.75 -2.03
CA LEU A 40 -9.65 -6.06 -1.62
C LEU A 40 -9.66 -7.31 -0.73
N LEU A 41 -8.48 -7.87 -0.49
CA LEU A 41 -8.36 -9.06 0.36
C LEU A 41 -7.35 -8.82 1.47
N GLY A 42 -6.70 -7.66 1.43
CA GLY A 42 -5.69 -7.32 2.44
C GLY A 42 -5.99 -5.95 3.05
N THR A 43 -7.13 -5.39 2.69
CA THR A 43 -7.52 -4.08 3.21
C THR A 43 -9.03 -3.99 3.36
N THR A 44 -9.70 -5.13 3.25
CA THR A 44 -11.15 -5.17 3.38
C THR A 44 -11.56 -6.13 4.50
N GLY A 45 -10.80 -7.20 4.66
CA GLY A 45 -11.07 -8.19 5.70
C GLY A 45 -9.82 -8.51 6.49
N ASN A 46 -8.86 -7.58 6.49
CA ASN A 46 -7.62 -7.78 7.21
C ASN A 46 -7.23 -6.52 7.98
N GLY A 47 -7.37 -5.37 7.32
CA GLY A 47 -7.03 -4.10 7.95
C GLY A 47 -8.10 -3.69 8.96
N LEU A 48 -9.36 -3.90 8.59
CA LEU A 48 -10.47 -3.55 9.47
C LEU A 48 -10.36 -4.31 10.79
N VAL A 49 -10.19 -5.62 10.69
CA VAL A 49 -10.07 -6.45 11.89
C VAL A 49 -8.88 -6.00 12.74
N LEU A 50 -7.68 -6.21 12.23
CA LEU A 50 -6.47 -5.82 12.95
C LEU A 50 -6.64 -4.42 13.56
N TRP A 51 -7.43 -3.59 12.88
CA TRP A 51 -7.67 -2.23 13.35
C TRP A 51 -8.70 -2.23 14.47
N THR A 52 -9.79 -2.97 14.28
CA THR A 52 -10.85 -3.05 15.27
C THR A 52 -10.35 -3.74 16.53
N VAL A 53 -9.65 -4.85 16.36
CA VAL A 53 -9.13 -5.60 17.48
C VAL A 53 -8.19 -4.73 18.32
N PHE A 54 -7.29 -4.02 17.63
CA PHE A 54 -6.35 -3.15 18.32
C PHE A 54 -7.08 -2.16 19.22
N ARG A 55 -8.37 -1.98 18.96
CA ARG A 55 -9.18 -1.05 19.74
C ARG A 55 -9.94 -1.80 20.84
N LYS A 56 -9.91 -3.14 20.77
CA LYS A 56 -10.59 -3.96 21.76
C LYS A 56 -9.57 -4.60 22.70
N LYS A 57 -8.37 -4.82 22.20
CA LYS A 57 -7.32 -5.43 23.00
C LYS A 57 -6.51 -4.36 23.73
N GLY A 58 -6.55 -3.14 23.18
CA GLY A 58 -5.82 -2.03 23.78
C GLY A 58 -6.56 -1.49 24.99
N HIS A 59 -7.88 -1.64 24.99
CA HIS A 59 -8.69 -1.16 26.10
C HIS A 59 -8.22 -1.77 27.42
N HIS A 60 -7.62 -2.95 27.33
CA HIS A 60 -7.13 -3.63 28.52
C HIS A 60 -5.62 -3.47 28.65
N HIS A 61 -4.88 -4.12 27.75
CA HIS A 61 -3.43 -4.05 27.77
C HIS A 61 -2.83 -4.94 28.85
N HIS A 62 -1.75 -4.48 29.46
CA HIS A 62 -1.07 -5.26 30.50
C HIS A 62 -2.00 -5.51 31.69
N HIS A 63 -1.84 -4.72 32.74
CA HIS A 63 -2.67 -4.87 33.93
C HIS A 63 -4.08 -4.39 33.67
N HIS A 64 -4.59 -4.71 32.49
CA HIS A 64 -5.93 -4.31 32.10
C HIS A 64 -6.20 -2.86 32.52
N MET A 1 30.25 5.20 -2.59
CA MET A 1 29.54 5.51 -3.86
C MET A 1 28.28 4.66 -3.97
N GLU A 2 27.15 5.31 -4.20
CA GLU A 2 25.88 4.60 -4.32
C GLU A 2 25.78 3.51 -3.26
N GLU A 3 24.83 2.59 -3.46
CA GLU A 3 24.64 1.50 -2.51
C GLU A 3 24.28 2.04 -1.13
N GLY A 4 23.72 1.19 -0.28
CA GLY A 4 23.33 1.59 1.07
C GLY A 4 21.97 1.03 1.43
N GLY A 5 20.92 1.81 1.23
CA GLY A 5 19.57 1.38 1.55
C GLY A 5 18.53 2.21 0.80
N ASP A 6 18.36 3.45 1.22
CA ASP A 6 17.41 4.35 0.57
C ASP A 6 17.67 5.79 0.95
N PHE A 7 18.95 6.18 0.93
CA PHE A 7 19.33 7.54 1.28
C PHE A 7 19.62 8.35 0.02
N ASP A 8 20.03 9.60 0.20
CA ASP A 8 20.33 10.47 -0.93
C ASP A 8 19.24 10.36 -1.99
N ASN A 9 18.01 10.10 -1.55
CA ASN A 9 16.89 9.98 -2.47
C ASN A 9 16.96 11.06 -3.56
N TYR A 10 16.57 12.27 -3.20
CA TYR A 10 16.60 13.38 -4.15
C TYR A 10 17.89 13.35 -4.96
N TYR A 11 17.85 13.94 -6.16
CA TYR A 11 19.02 13.98 -7.01
C TYR A 11 19.73 12.63 -7.02
N GLY A 12 18.95 11.56 -7.04
CA GLY A 12 19.52 10.21 -7.04
C GLY A 12 18.45 9.17 -6.72
N ALA A 13 17.20 9.50 -7.06
CA ALA A 13 16.09 8.59 -6.81
C ALA A 13 15.27 8.37 -8.08
N ASP A 14 15.28 9.37 -8.96
CA ASP A 14 14.54 9.28 -10.21
C ASP A 14 15.44 8.79 -11.34
N ASN A 15 16.74 9.08 -11.22
CA ASN A 15 17.70 8.67 -12.23
C ASN A 15 17.56 7.18 -12.53
N GLN A 16 17.08 6.43 -11.55
CA GLN A 16 16.90 4.99 -11.72
C GLN A 16 15.49 4.69 -12.20
N SER A 17 14.52 5.42 -11.67
CA SER A 17 13.13 5.22 -12.06
C SER A 17 12.93 5.47 -13.55
N GLU A 18 13.62 6.49 -14.07
CA GLU A 18 13.52 6.82 -15.48
C GLU A 18 13.52 5.55 -16.33
N CYS A 19 14.68 4.92 -16.45
CA CYS A 19 14.81 3.71 -17.23
C CYS A 19 13.61 2.78 -16.99
N GLU A 20 13.01 2.92 -15.82
CA GLU A 20 11.84 2.09 -15.48
C GLU A 20 10.56 2.74 -16.00
N TYR A 21 10.51 4.06 -15.96
CA TYR A 21 9.35 4.79 -16.42
C TYR A 21 8.95 4.33 -17.82
N THR A 22 9.93 3.94 -18.62
CA THR A 22 9.67 3.48 -19.98
C THR A 22 9.14 2.05 -19.96
N ASP A 23 9.36 1.35 -18.86
CA ASP A 23 8.89 -0.03 -18.73
C ASP A 23 7.56 -0.08 -17.98
N TRP A 24 7.53 0.50 -16.79
CA TRP A 24 6.32 0.51 -15.98
C TRP A 24 5.10 0.84 -16.84
N LYS A 25 5.23 1.88 -17.65
CA LYS A 25 4.13 2.28 -18.53
C LYS A 25 3.58 1.08 -19.29
N SER A 26 4.45 0.14 -19.60
CA SER A 26 4.04 -1.07 -20.33
C SER A 26 3.71 -2.20 -19.36
N SER A 27 4.54 -2.35 -18.33
CA SER A 27 4.33 -3.40 -17.34
C SER A 27 3.20 -3.02 -16.40
N GLY A 28 2.54 -1.90 -16.68
CA GLY A 28 1.45 -1.43 -15.84
C GLY A 28 0.14 -2.10 -16.24
N ALA A 29 0.15 -2.79 -17.38
CA ALA A 29 -1.04 -3.46 -17.88
C ALA A 29 -1.07 -4.91 -17.40
N LEU A 30 -0.73 -5.11 -16.13
CA LEU A 30 -0.71 -6.46 -15.56
C LEU A 30 -0.46 -6.40 -14.05
N ILE A 31 0.25 -5.37 -13.60
CA ILE A 31 0.56 -5.23 -12.19
C ILE A 31 -0.68 -4.83 -11.37
N PRO A 32 -1.58 -4.05 -11.92
CA PRO A 32 -2.81 -3.63 -11.18
C PRO A 32 -3.68 -4.82 -10.77
N ALA A 33 -3.92 -5.72 -11.72
CA ALA A 33 -4.74 -6.90 -11.45
C ALA A 33 -4.31 -7.55 -10.12
N ILE A 34 -3.11 -8.10 -10.11
CA ILE A 34 -2.59 -8.75 -8.91
C ILE A 34 -2.80 -7.84 -7.70
N TYR A 35 -2.31 -6.62 -7.79
CA TYR A 35 -2.45 -5.67 -6.69
C TYR A 35 -3.85 -5.75 -6.10
N MET A 36 -4.85 -5.38 -6.92
CA MET A 36 -6.24 -5.42 -6.48
C MET A 36 -6.53 -6.71 -5.72
N LEU A 37 -6.44 -7.83 -6.41
CA LEU A 37 -6.70 -9.13 -5.80
C LEU A 37 -5.88 -9.30 -4.52
N VAL A 38 -4.75 -8.61 -4.44
CA VAL A 38 -3.89 -8.70 -3.26
C VAL A 38 -3.99 -7.45 -2.41
N PHE A 39 -4.94 -6.56 -2.75
CA PHE A 39 -5.12 -5.33 -2.01
C PHE A 39 -6.48 -5.31 -1.31
N LEU A 40 -7.42 -6.07 -1.84
CA LEU A 40 -8.75 -6.15 -1.25
C LEU A 40 -8.93 -7.44 -0.46
N LEU A 41 -7.87 -8.25 -0.42
CA LEU A 41 -7.92 -9.52 0.29
C LEU A 41 -7.25 -9.41 1.66
N GLY A 42 -5.96 -9.13 1.66
CA GLY A 42 -5.20 -9.03 2.91
C GLY A 42 -4.99 -7.58 3.36
N THR A 43 -5.63 -6.64 2.65
CA THR A 43 -5.49 -5.24 3.00
C THR A 43 -6.87 -4.57 3.10
N THR A 44 -7.87 -5.36 3.44
CA THR A 44 -9.23 -4.84 3.58
C THR A 44 -9.89 -5.39 4.85
N GLY A 45 -9.77 -6.71 5.04
CA GLY A 45 -10.35 -7.35 6.22
C GLY A 45 -9.29 -7.60 7.28
N ASN A 46 -8.03 -7.32 6.92
CA ASN A 46 -6.93 -7.53 7.86
C ASN A 46 -6.72 -6.29 8.72
N GLY A 47 -6.67 -5.13 8.08
CA GLY A 47 -6.48 -3.87 8.79
C GLY A 47 -7.67 -3.57 9.69
N LEU A 48 -8.87 -3.61 9.11
CA LEU A 48 -10.08 -3.34 9.86
C LEU A 48 -10.12 -4.20 11.12
N VAL A 49 -9.92 -5.50 10.95
CA VAL A 49 -9.95 -6.42 12.07
C VAL A 49 -8.87 -6.05 13.08
N LEU A 50 -7.62 -6.31 12.73
CA LEU A 50 -6.50 -5.99 13.62
C LEU A 50 -6.69 -4.61 14.24
N TRP A 51 -7.36 -3.73 13.51
CA TRP A 51 -7.62 -2.38 13.99
C TRP A 51 -8.73 -2.38 15.02
N THR A 52 -9.83 -3.06 14.70
CA THR A 52 -10.97 -3.14 15.60
C THR A 52 -10.58 -3.83 16.90
N VAL A 53 -9.97 -5.01 16.78
CA VAL A 53 -9.55 -5.75 17.95
C VAL A 53 -8.70 -4.88 18.86
N PHE A 54 -7.68 -4.25 18.30
CA PHE A 54 -6.81 -3.38 19.08
C PHE A 54 -7.64 -2.34 19.82
N ARG A 55 -8.76 -1.96 19.24
CA ARG A 55 -9.65 -0.98 19.86
C ARG A 55 -10.52 -1.64 20.91
N LYS A 56 -10.63 -2.96 20.83
CA LYS A 56 -11.44 -3.72 21.78
C LYS A 56 -10.54 -4.40 22.82
N LYS A 57 -9.27 -4.53 22.49
CA LYS A 57 -8.30 -5.16 23.38
C LYS A 57 -7.36 -4.12 23.97
N GLY A 58 -7.38 -2.93 23.39
CA GLY A 58 -6.53 -1.84 23.85
C GLY A 58 -7.16 -1.11 25.03
N HIS A 59 -8.49 -1.06 25.03
CA HIS A 59 -9.21 -0.38 26.11
C HIS A 59 -8.87 -1.01 27.46
N HIS A 60 -8.21 -2.16 27.43
CA HIS A 60 -7.83 -2.85 28.65
C HIS A 60 -6.43 -3.43 28.53
N HIS A 61 -5.42 -2.61 28.78
CA HIS A 61 -4.04 -3.05 28.69
C HIS A 61 -3.49 -3.40 30.07
N HIS A 62 -3.04 -2.38 30.80
CA HIS A 62 -2.50 -2.58 32.14
C HIS A 62 -2.82 -1.40 33.03
N HIS A 63 -3.79 -1.58 33.92
CA HIS A 63 -4.19 -0.52 34.84
C HIS A 63 -4.42 0.77 34.07
N HIS A 64 -5.04 0.65 32.91
CA HIS A 64 -5.32 1.82 32.08
C HIS A 64 -4.14 2.78 32.09
N MET A 1 -7.58 27.81 -16.87
CA MET A 1 -6.64 26.79 -16.31
C MET A 1 -6.66 26.85 -14.80
N GLU A 2 -7.24 25.82 -14.17
CA GLU A 2 -7.32 25.77 -12.72
C GLU A 2 -7.09 24.35 -12.22
N GLU A 3 -6.47 24.23 -11.05
CA GLU A 3 -6.18 22.93 -10.47
C GLU A 3 -5.63 23.07 -9.06
N GLY A 4 -5.97 22.13 -8.19
CA GLY A 4 -5.51 22.16 -6.81
C GLY A 4 -4.07 21.67 -6.72
N GLY A 5 -3.84 20.67 -5.86
CA GLY A 5 -2.50 20.11 -5.69
C GLY A 5 -1.59 21.12 -5.01
N ASP A 6 -0.57 20.62 -4.32
CA ASP A 6 0.38 21.49 -3.63
C ASP A 6 1.77 20.84 -3.60
N PHE A 7 2.16 20.26 -4.72
CA PHE A 7 3.47 19.62 -4.82
C PHE A 7 3.99 19.67 -6.24
N ASP A 8 4.43 20.84 -6.68
CA ASP A 8 4.96 21.02 -8.03
C ASP A 8 4.09 20.26 -9.03
N ASN A 9 2.84 19.98 -8.65
CA ASN A 9 1.93 19.27 -9.53
C ASN A 9 1.75 20.01 -10.84
N TYR A 10 1.05 19.38 -11.79
CA TYR A 10 0.82 19.99 -13.09
C TYR A 10 2.07 20.72 -13.57
N TYR A 11 3.23 20.18 -13.20
CA TYR A 11 4.49 20.77 -13.60
C TYR A 11 5.65 19.89 -13.15
N GLY A 12 5.47 18.58 -13.28
CA GLY A 12 6.50 17.63 -12.88
C GLY A 12 5.88 16.30 -12.44
N ALA A 13 4.73 15.98 -13.02
CA ALA A 13 4.04 14.74 -12.68
C ALA A 13 3.72 13.95 -13.95
N ASP A 14 3.55 14.65 -15.06
CA ASP A 14 3.25 14.00 -16.33
C ASP A 14 4.52 13.79 -17.15
N ASN A 15 5.54 14.60 -16.86
CA ASN A 15 6.80 14.49 -17.58
C ASN A 15 7.39 13.10 -17.41
N GLN A 16 7.10 12.47 -16.28
CA GLN A 16 7.60 11.13 -16.00
C GLN A 16 6.51 10.08 -16.22
N SER A 17 5.53 10.43 -17.05
CA SER A 17 4.43 9.52 -17.34
C SER A 17 4.25 9.37 -18.85
N GLU A 18 4.39 10.48 -19.58
CA GLU A 18 4.24 10.46 -21.02
C GLU A 18 5.17 9.43 -21.64
N CYS A 19 6.21 9.06 -20.91
CA CYS A 19 7.18 8.08 -21.40
C CYS A 19 6.70 6.67 -21.09
N GLU A 20 5.99 6.52 -19.98
CA GLU A 20 5.49 5.20 -19.58
C GLU A 20 4.08 4.98 -20.13
N TYR A 21 3.41 6.08 -20.48
CA TYR A 21 2.06 5.99 -21.02
C TYR A 21 1.99 4.97 -22.15
N THR A 22 3.09 4.87 -22.90
CA THR A 22 3.14 3.93 -24.02
C THR A 22 3.43 2.52 -23.52
N ASP A 23 3.87 2.42 -22.27
CA ASP A 23 4.19 1.12 -21.69
C ASP A 23 3.03 0.63 -20.81
N TRP A 24 2.64 1.47 -19.85
CA TRP A 24 1.54 1.11 -18.95
C TRP A 24 0.40 0.48 -19.73
N LYS A 25 0.04 1.09 -20.87
CA LYS A 25 -1.05 0.58 -21.69
C LYS A 25 -0.89 -0.93 -21.90
N SER A 26 0.35 -1.39 -21.96
CA SER A 26 0.63 -2.80 -22.15
C SER A 26 0.94 -3.47 -20.83
N SER A 27 1.76 -2.81 -20.01
CA SER A 27 2.14 -3.35 -18.72
C SER A 27 1.22 -2.82 -17.63
N GLY A 28 -0.03 -2.55 -17.99
CA GLY A 28 -1.01 -2.05 -17.04
C GLY A 28 -2.30 -2.85 -17.11
N ALA A 29 -2.19 -4.10 -17.58
CA ALA A 29 -3.35 -4.96 -17.70
C ALA A 29 -3.07 -6.32 -17.06
N LEU A 30 -1.98 -6.39 -16.28
CA LEU A 30 -1.61 -7.63 -15.63
C LEU A 30 -1.01 -7.34 -14.25
N ILE A 31 -0.25 -6.26 -14.15
CA ILE A 31 0.37 -5.88 -12.88
C ILE A 31 -0.63 -5.26 -11.92
N PRO A 32 -1.59 -4.49 -12.41
CA PRO A 32 -2.60 -3.84 -11.54
C PRO A 32 -3.70 -4.80 -11.11
N ALA A 33 -3.87 -5.88 -11.86
CA ALA A 33 -4.89 -6.87 -11.54
C ALA A 33 -4.61 -7.53 -10.21
N ILE A 34 -3.46 -8.21 -10.12
CA ILE A 34 -3.08 -8.88 -8.89
C ILE A 34 -2.92 -7.86 -7.76
N TYR A 35 -2.20 -6.78 -8.04
CA TYR A 35 -2.00 -5.74 -7.04
C TYR A 35 -3.29 -5.46 -6.29
N MET A 36 -4.38 -5.32 -7.06
CA MET A 36 -5.69 -5.07 -6.47
C MET A 36 -6.20 -6.31 -5.74
N LEU A 37 -6.33 -7.40 -6.47
CA LEU A 37 -6.81 -8.64 -5.89
C LEU A 37 -6.08 -8.94 -4.58
N VAL A 38 -4.80 -8.61 -4.52
CA VAL A 38 -4.00 -8.84 -3.33
C VAL A 38 -4.21 -7.73 -2.30
N PHE A 39 -4.47 -6.52 -2.79
CA PHE A 39 -4.69 -5.38 -1.91
C PHE A 39 -6.01 -5.51 -1.15
N LEU A 40 -7.10 -5.57 -1.90
CA LEU A 40 -8.42 -5.69 -1.30
C LEU A 40 -8.53 -7.01 -0.52
N LEU A 41 -7.47 -7.79 -0.52
CA LEU A 41 -7.46 -9.06 0.18
C LEU A 41 -6.88 -8.90 1.59
N GLY A 42 -5.58 -8.64 1.66
CA GLY A 42 -4.91 -8.46 2.94
C GLY A 42 -4.94 -7.01 3.38
N THR A 43 -5.69 -6.18 2.65
CA THR A 43 -5.81 -4.76 2.97
C THR A 43 -7.27 -4.34 3.03
N THR A 44 -8.12 -5.25 3.48
CA THR A 44 -9.55 -4.97 3.58
C THR A 44 -10.11 -5.50 4.90
N GLY A 45 -9.84 -6.76 5.18
CA GLY A 45 -10.32 -7.39 6.41
C GLY A 45 -9.20 -7.48 7.44
N ASN A 46 -7.97 -7.22 6.99
CA ASN A 46 -6.82 -7.27 7.89
C ASN A 46 -6.73 -5.98 8.72
N GLY A 47 -6.71 -4.84 8.03
CA GLY A 47 -6.62 -3.56 8.72
C GLY A 47 -7.78 -3.39 9.69
N LEU A 48 -9.00 -3.64 9.21
CA LEU A 48 -10.18 -3.51 10.05
C LEU A 48 -10.04 -4.36 11.31
N VAL A 49 -9.70 -5.63 11.13
CA VAL A 49 -9.53 -6.53 12.26
C VAL A 49 -8.44 -6.01 13.20
N LEU A 50 -7.20 -6.08 12.75
CA LEU A 50 -6.08 -5.60 13.55
C LEU A 50 -6.40 -4.26 14.18
N TRP A 51 -7.25 -3.48 13.50
CA TRP A 51 -7.63 -2.17 14.01
C TRP A 51 -8.69 -2.30 15.10
N THR A 52 -9.67 -3.16 14.85
CA THR A 52 -10.74 -3.39 15.82
C THR A 52 -10.20 -4.12 17.05
N VAL A 53 -9.58 -5.27 16.81
CA VAL A 53 -9.01 -6.05 17.91
C VAL A 53 -8.18 -5.17 18.82
N PHE A 54 -7.30 -4.38 18.22
CA PHE A 54 -6.44 -3.48 18.98
C PHE A 54 -7.28 -2.59 19.90
N ARG A 55 -8.26 -1.91 19.31
CA ARG A 55 -9.13 -1.04 20.09
C ARG A 55 -10.02 -1.87 21.01
N LYS A 56 -10.17 -3.15 20.68
CA LYS A 56 -10.99 -4.04 21.49
C LYS A 56 -10.24 -4.44 22.75
N LYS A 57 -9.02 -4.95 22.59
CA LYS A 57 -8.22 -5.36 23.73
C LYS A 57 -7.73 -4.14 24.50
N GLY A 58 -7.75 -2.98 23.86
CA GLY A 58 -7.31 -1.74 24.49
C GLY A 58 -8.38 -1.19 25.41
N HIS A 59 -9.64 -1.43 25.07
CA HIS A 59 -10.76 -0.96 25.88
C HIS A 59 -10.55 -1.32 27.34
N HIS A 60 -9.96 -2.49 27.58
CA HIS A 60 -9.70 -2.94 28.94
C HIS A 60 -8.63 -2.08 29.60
N HIS A 61 -7.52 -2.71 29.98
CA HIS A 61 -6.42 -2.00 30.62
C HIS A 61 -5.13 -2.79 30.51
N HIS A 62 -5.25 -4.12 30.51
CA HIS A 62 -4.08 -4.98 30.41
C HIS A 62 -4.50 -6.43 30.18
N HIS A 63 -3.74 -7.14 29.34
CA HIS A 63 -4.04 -8.53 29.05
C HIS A 63 -5.54 -8.71 28.85
N HIS A 64 -6.16 -7.72 28.22
CA HIS A 64 -7.59 -7.78 27.96
C HIS A 64 -8.34 -8.30 29.18
N MET A 1 28.56 5.44 20.05
CA MET A 1 28.49 6.47 18.96
C MET A 1 27.03 6.70 18.57
N GLU A 2 26.53 7.89 18.88
CA GLU A 2 25.15 8.23 18.56
C GLU A 2 25.06 8.87 17.18
N GLU A 3 24.98 8.03 16.14
CA GLU A 3 24.89 8.54 14.77
C GLU A 3 23.83 9.63 14.67
N GLY A 4 24.02 10.54 13.72
CA GLY A 4 23.08 11.63 13.53
C GLY A 4 23.18 12.19 12.11
N GLY A 5 22.11 12.03 11.33
CA GLY A 5 22.09 12.52 9.97
C GLY A 5 21.44 11.50 9.03
N ASP A 6 22.28 10.79 8.27
CA ASP A 6 21.77 9.79 7.33
C ASP A 6 20.73 10.40 6.40
N PHE A 7 21.02 11.60 5.90
CA PHE A 7 20.11 12.29 5.00
C PHE A 7 20.58 12.14 3.55
N ASP A 8 19.75 11.51 2.73
CA ASP A 8 20.10 11.31 1.33
C ASP A 8 18.84 11.37 0.46
N ASN A 9 17.76 11.85 1.03
CA ASN A 9 16.50 11.96 0.29
C ASN A 9 16.71 12.70 -1.02
N TYR A 10 15.74 12.57 -1.92
CA TYR A 10 15.82 13.24 -3.22
C TYR A 10 17.07 12.81 -3.98
N TYR A 11 16.92 12.62 -5.29
CA TYR A 11 18.04 12.22 -6.12
C TYR A 11 18.87 11.14 -5.42
N GLY A 12 18.19 10.21 -4.76
CA GLY A 12 18.86 9.13 -4.05
C GLY A 12 17.86 8.09 -3.55
N ALA A 13 16.64 8.54 -3.26
CA ALA A 13 15.60 7.64 -2.78
C ALA A 13 14.63 7.31 -3.89
N ASP A 14 14.58 8.18 -4.90
CA ASP A 14 13.67 7.98 -6.04
C ASP A 14 14.47 7.63 -7.28
N ASN A 15 15.77 7.87 -7.24
CA ASN A 15 16.63 7.57 -8.38
C ASN A 15 16.52 6.09 -8.77
N GLN A 16 16.13 5.26 -7.81
CA GLN A 16 15.97 3.84 -8.05
C GLN A 16 14.65 3.55 -8.75
N SER A 17 13.69 4.47 -8.58
CA SER A 17 12.38 4.30 -9.20
C SER A 17 12.40 4.77 -10.65
N GLU A 18 12.87 5.99 -10.87
CA GLU A 18 12.94 6.55 -12.21
C GLU A 18 13.55 5.54 -13.17
N CYS A 19 14.34 4.62 -12.63
CA CYS A 19 14.98 3.59 -13.46
C CYS A 19 13.96 2.54 -13.89
N GLU A 20 13.00 2.27 -13.01
CA GLU A 20 11.96 1.28 -13.31
C GLU A 20 10.71 1.96 -13.84
N TYR A 21 10.64 3.28 -13.70
CA TYR A 21 9.49 4.03 -14.17
C TYR A 21 9.26 3.79 -15.66
N THR A 22 10.36 3.59 -16.39
CA THR A 22 10.26 3.34 -17.83
C THR A 22 9.77 1.92 -18.09
N ASP A 23 9.86 1.07 -17.07
CA ASP A 23 9.42 -0.31 -17.21
C ASP A 23 8.00 -0.48 -16.68
N TRP A 24 7.77 0.00 -15.47
CA TRP A 24 6.45 -0.11 -14.85
C TRP A 24 5.36 0.23 -15.87
N LYS A 25 5.49 1.38 -16.52
CA LYS A 25 4.51 1.81 -17.50
C LYS A 25 4.19 0.67 -18.47
N SER A 26 5.15 -0.23 -18.66
CA SER A 26 4.95 -1.37 -19.55
C SER A 26 4.54 -2.61 -18.77
N SER A 27 5.23 -2.86 -17.66
CA SER A 27 4.93 -4.01 -16.82
C SER A 27 3.77 -3.71 -15.88
N GLY A 28 3.08 -2.59 -16.14
CA GLY A 28 1.96 -2.20 -15.30
C GLY A 28 0.67 -2.85 -15.78
N ALA A 29 0.74 -3.52 -16.93
CA ALA A 29 -0.42 -4.19 -17.49
C ALA A 29 -0.46 -5.65 -17.03
N LEU A 30 -0.14 -5.86 -15.75
CA LEU A 30 -0.13 -7.21 -15.20
C LEU A 30 0.08 -7.18 -13.69
N ILE A 31 0.77 -6.15 -13.20
CA ILE A 31 1.03 -6.02 -11.77
C ILE A 31 -0.25 -5.69 -10.99
N PRO A 32 -1.15 -4.91 -11.54
CA PRO A 32 -2.41 -4.54 -10.84
C PRO A 32 -3.24 -5.77 -10.48
N ALA A 33 -3.03 -6.86 -11.22
CA ALA A 33 -3.77 -8.09 -10.98
C ALA A 33 -3.51 -8.60 -9.56
N ILE A 34 -2.27 -9.02 -9.31
CA ILE A 34 -1.91 -9.52 -7.99
C ILE A 34 -2.13 -8.45 -6.93
N TYR A 35 -2.03 -7.19 -7.35
CA TYR A 35 -2.21 -6.08 -6.42
C TYR A 35 -3.68 -5.98 -6.01
N MET A 36 -4.57 -6.01 -6.99
CA MET A 36 -5.99 -5.92 -6.71
C MET A 36 -6.39 -6.89 -5.60
N LEU A 37 -6.21 -8.17 -5.85
CA LEU A 37 -6.56 -9.19 -4.86
C LEU A 37 -5.94 -8.84 -3.51
N VAL A 38 -4.70 -8.36 -3.55
CA VAL A 38 -4.00 -8.00 -2.32
C VAL A 38 -4.44 -6.62 -1.85
N PHE A 39 -5.25 -5.95 -2.65
CA PHE A 39 -5.73 -4.62 -2.30
C PHE A 39 -7.16 -4.69 -1.75
N LEU A 40 -7.92 -5.68 -2.22
CA LEU A 40 -9.30 -5.83 -1.78
C LEU A 40 -9.40 -6.85 -0.66
N LEU A 41 -8.36 -7.67 -0.51
CA LEU A 41 -8.35 -8.70 0.53
C LEU A 41 -7.38 -8.31 1.65
N GLY A 42 -6.35 -7.56 1.30
CA GLY A 42 -5.36 -7.11 2.28
C GLY A 42 -5.67 -5.71 2.77
N THR A 43 -6.72 -5.11 2.23
CA THR A 43 -7.11 -3.77 2.63
C THR A 43 -8.61 -3.68 2.87
N THR A 44 -9.21 -4.82 3.24
CA THR A 44 -10.64 -4.86 3.51
C THR A 44 -10.92 -5.61 4.80
N GLY A 45 -10.32 -6.78 4.95
CA GLY A 45 -10.50 -7.59 6.16
C GLY A 45 -9.27 -7.50 7.06
N ASN A 46 -8.25 -6.79 6.60
CA ASN A 46 -7.03 -6.63 7.37
C ASN A 46 -7.07 -5.36 8.20
N GLY A 47 -7.36 -4.24 7.55
CA GLY A 47 -7.44 -2.95 8.24
C GLY A 47 -8.54 -2.96 9.28
N LEU A 48 -9.71 -3.46 8.89
CA LEU A 48 -10.85 -3.51 9.80
C LEU A 48 -10.51 -4.31 11.05
N VAL A 49 -9.91 -5.48 10.84
CA VAL A 49 -9.52 -6.34 11.96
C VAL A 49 -8.51 -5.63 12.85
N LEU A 50 -7.30 -5.47 12.34
CA LEU A 50 -6.24 -4.81 13.11
C LEU A 50 -6.78 -3.59 13.83
N TRP A 51 -7.79 -2.95 13.23
CA TRP A 51 -8.40 -1.77 13.83
C TRP A 51 -9.30 -2.16 14.99
N THR A 52 -10.20 -3.11 14.74
CA THR A 52 -11.12 -3.56 15.77
C THR A 52 -10.35 -4.21 16.92
N VAL A 53 -9.34 -4.99 16.58
CA VAL A 53 -8.53 -5.67 17.58
C VAL A 53 -7.85 -4.65 18.50
N PHE A 54 -7.26 -3.63 17.89
CA PHE A 54 -6.57 -2.59 18.66
C PHE A 54 -7.53 -1.93 19.65
N ARG A 55 -8.83 -2.16 19.45
CA ARG A 55 -9.84 -1.58 20.33
C ARG A 55 -10.51 -2.66 21.17
N LYS A 56 -10.00 -3.89 21.07
CA LYS A 56 -10.55 -5.00 21.83
C LYS A 56 -9.48 -5.61 22.73
N LYS A 57 -8.23 -5.49 22.31
CA LYS A 57 -7.12 -6.04 23.09
C LYS A 57 -6.42 -4.93 23.87
N GLY A 58 -6.40 -3.74 23.28
CA GLY A 58 -5.75 -2.60 23.93
C GLY A 58 -6.68 -1.96 24.97
N HIS A 59 -7.98 -2.05 24.72
CA HIS A 59 -8.96 -1.47 25.63
C HIS A 59 -8.85 -2.13 27.02
N HIS A 60 -8.15 -3.26 27.07
CA HIS A 60 -7.98 -3.97 28.33
C HIS A 60 -6.55 -4.48 28.46
N HIS A 61 -5.71 -3.70 29.14
CA HIS A 61 -4.32 -4.07 29.33
C HIS A 61 -4.19 -5.06 30.49
N HIS A 62 -5.30 -5.68 30.86
CA HIS A 62 -5.30 -6.64 31.96
C HIS A 62 -4.73 -6.02 33.22
N HIS A 63 -3.41 -6.00 33.31
CA HIS A 63 -2.74 -5.44 34.49
C HIS A 63 -2.49 -3.94 34.28
N HIS A 64 -3.50 -3.26 33.72
CA HIS A 64 -3.39 -1.83 33.48
C HIS A 64 -2.00 -1.47 32.96
N MET A 1 -20.86 -2.30 11.84
CA MET A 1 -19.41 -2.03 11.62
C MET A 1 -19.25 -0.87 10.64
N GLU A 2 -19.48 0.34 11.14
CA GLU A 2 -19.36 1.54 10.29
C GLU A 2 -20.20 1.39 9.04
N GLU A 3 -20.13 2.38 8.16
CA GLU A 3 -20.90 2.35 6.92
C GLU A 3 -20.50 3.52 6.02
N GLY A 4 -19.19 3.74 5.89
CA GLY A 4 -18.70 4.83 5.05
C GLY A 4 -19.22 6.18 5.55
N GLY A 5 -18.31 7.00 6.08
CA GLY A 5 -18.69 8.32 6.58
C GLY A 5 -17.75 9.39 6.03
N ASP A 6 -16.97 10.00 6.91
CA ASP A 6 -16.05 11.05 6.50
C ASP A 6 -14.83 11.08 7.43
N PHE A 7 -14.13 9.96 7.52
CA PHE A 7 -12.96 9.87 8.37
C PHE A 7 -11.79 10.63 7.75
N ASP A 8 -10.58 10.34 8.22
CA ASP A 8 -9.39 10.99 7.71
C ASP A 8 -9.07 10.50 6.30
N ASN A 9 -10.00 9.76 5.72
CA ASN A 9 -9.81 9.23 4.37
C ASN A 9 -9.25 10.29 3.45
N TYR A 10 -10.07 11.30 3.15
CA TYR A 10 -9.64 12.39 2.27
C TYR A 10 -8.62 13.27 2.98
N TYR A 11 -7.71 12.64 3.72
CA TYR A 11 -6.68 13.38 4.43
C TYR A 11 -5.57 12.44 4.88
N GLY A 12 -5.20 11.50 4.01
CA GLY A 12 -4.15 10.54 4.32
C GLY A 12 -4.13 9.40 3.31
N ALA A 13 -4.60 9.69 2.10
CA ALA A 13 -4.65 8.69 1.04
C ALA A 13 -3.98 9.21 -0.23
N ASP A 14 -3.98 10.53 -0.39
CA ASP A 14 -3.38 11.15 -1.57
C ASP A 14 -1.93 11.52 -1.28
N ASN A 15 -1.65 11.90 -0.05
CA ASN A 15 -0.29 12.29 0.34
C ASN A 15 0.71 11.27 -0.18
N GLN A 16 0.29 10.01 -0.26
CA GLN A 16 1.17 8.95 -0.75
C GLN A 16 1.11 8.88 -2.28
N SER A 17 -0.07 9.13 -2.83
CA SER A 17 -0.23 9.08 -4.28
C SER A 17 0.69 10.09 -4.96
N GLU A 18 0.69 11.32 -4.47
CA GLU A 18 1.55 12.36 -5.04
C GLU A 18 2.96 11.83 -5.25
N CYS A 19 3.69 11.66 -4.15
CA CYS A 19 5.06 11.17 -4.23
C CYS A 19 5.13 9.89 -5.05
N GLU A 20 4.03 9.12 -5.05
CA GLU A 20 3.97 7.87 -5.80
C GLU A 20 3.24 8.08 -7.12
N TYR A 21 3.13 9.34 -7.55
CA TYR A 21 2.45 9.65 -8.80
C TYR A 21 3.41 9.55 -9.97
N THR A 22 4.65 10.01 -9.76
CA THR A 22 5.66 9.97 -10.80
C THR A 22 6.06 8.53 -11.09
N ASP A 23 5.66 7.63 -10.20
CA ASP A 23 5.98 6.21 -10.36
C ASP A 23 4.74 5.42 -10.77
N TRP A 24 3.63 5.64 -10.09
CA TRP A 24 2.39 4.94 -10.39
C TRP A 24 2.20 4.80 -11.90
N LYS A 25 2.41 5.90 -12.61
CA LYS A 25 2.24 5.91 -14.07
C LYS A 25 2.92 4.68 -14.68
N SER A 26 4.04 4.28 -14.10
CA SER A 26 4.78 3.13 -14.60
C SER A 26 4.51 1.89 -13.73
N SER A 27 4.49 2.10 -12.43
CA SER A 27 4.24 1.00 -11.50
C SER A 27 2.77 0.96 -11.09
N GLY A 28 1.90 1.35 -12.01
CA GLY A 28 0.47 1.36 -11.74
C GLY A 28 -0.32 0.86 -12.95
N ALA A 29 0.31 0.00 -13.74
CA ALA A 29 -0.33 -0.55 -14.93
C ALA A 29 -0.13 -2.06 -15.00
N LEU A 30 0.40 -2.64 -13.92
CA LEU A 30 0.65 -4.08 -13.88
C LEU A 30 0.61 -4.59 -12.44
N ILE A 31 1.10 -3.78 -11.52
CA ILE A 31 1.11 -4.16 -10.12
C ILE A 31 -0.28 -4.09 -9.49
N PRO A 32 -1.10 -3.14 -9.88
CA PRO A 32 -2.48 -2.99 -9.31
C PRO A 32 -3.29 -4.27 -9.44
N ALA A 33 -2.94 -5.10 -10.43
CA ALA A 33 -3.65 -6.35 -10.66
C ALA A 33 -3.53 -7.26 -9.45
N ILE A 34 -2.32 -7.73 -9.18
CA ILE A 34 -2.08 -8.61 -8.05
C ILE A 34 -2.47 -7.92 -6.75
N TYR A 35 -2.15 -6.63 -6.66
CA TYR A 35 -2.47 -5.86 -5.46
C TYR A 35 -3.94 -6.03 -5.09
N MET A 36 -4.83 -5.71 -6.03
CA MET A 36 -6.25 -5.83 -5.79
C MET A 36 -6.59 -7.15 -5.12
N LEU A 37 -6.29 -8.25 -5.82
CA LEU A 37 -6.55 -9.59 -5.28
C LEU A 37 -6.04 -9.70 -3.86
N VAL A 38 -4.95 -8.98 -3.55
CA VAL A 38 -4.37 -9.02 -2.22
C VAL A 38 -4.87 -7.86 -1.38
N PHE A 39 -5.60 -6.94 -2.02
CA PHE A 39 -6.13 -5.78 -1.32
C PHE A 39 -7.52 -6.08 -0.76
N LEU A 40 -8.44 -6.43 -1.65
CA LEU A 40 -9.80 -6.74 -1.22
C LEU A 40 -9.84 -8.02 -0.38
N LEU A 41 -8.68 -8.68 -0.28
CA LEU A 41 -8.58 -9.91 0.50
C LEU A 41 -7.51 -9.78 1.58
N GLY A 42 -6.77 -8.67 1.56
CA GLY A 42 -5.72 -8.44 2.53
C GLY A 42 -5.71 -6.99 3.02
N THR A 43 -6.81 -6.28 2.80
CA THR A 43 -6.91 -4.90 3.24
C THR A 43 -8.37 -4.48 3.36
N THR A 44 -9.26 -5.47 3.48
CA THR A 44 -10.68 -5.21 3.62
C THR A 44 -11.24 -5.95 4.82
N GLY A 45 -10.93 -7.24 4.91
CA GLY A 45 -11.39 -8.07 6.02
C GLY A 45 -10.23 -8.44 6.93
N ASN A 46 -9.03 -8.01 6.55
CA ASN A 46 -7.84 -8.30 7.35
C ASN A 46 -7.42 -7.06 8.14
N GLY A 47 -7.23 -5.94 7.44
CA GLY A 47 -6.82 -4.71 8.10
C GLY A 47 -7.91 -4.22 9.05
N LEU A 48 -9.10 -4.00 8.52
CA LEU A 48 -10.22 -3.54 9.33
C LEU A 48 -10.30 -4.33 10.63
N VAL A 49 -10.23 -5.65 10.52
CA VAL A 49 -10.30 -6.52 11.69
C VAL A 49 -9.11 -6.25 12.62
N LEU A 50 -7.91 -6.60 12.16
CA LEU A 50 -6.71 -6.40 12.94
C LEU A 50 -6.60 -4.94 13.38
N TRP A 51 -7.30 -4.05 12.68
CA TRP A 51 -7.27 -2.63 13.01
C TRP A 51 -8.29 -2.33 14.10
N THR A 52 -9.48 -2.90 13.96
CA THR A 52 -10.53 -2.68 14.95
C THR A 52 -10.20 -3.39 16.26
N VAL A 53 -9.83 -4.66 16.17
CA VAL A 53 -9.49 -5.43 17.35
C VAL A 53 -8.38 -4.74 18.13
N PHE A 54 -7.37 -4.25 17.41
CA PHE A 54 -6.26 -3.56 18.06
C PHE A 54 -6.75 -2.33 18.81
N ARG A 55 -7.97 -1.90 18.50
CA ARG A 55 -8.55 -0.73 19.14
C ARG A 55 -9.60 -1.15 20.18
N LYS A 56 -9.89 -2.45 20.22
CA LYS A 56 -10.88 -2.97 21.16
C LYS A 56 -10.20 -3.76 22.27
N LYS A 57 -9.03 -4.33 21.95
CA LYS A 57 -8.29 -5.13 22.92
C LYS A 57 -7.12 -4.32 23.48
N GLY A 58 -6.60 -3.40 22.67
CA GLY A 58 -5.47 -2.58 23.09
C GLY A 58 -5.95 -1.39 23.90
N HIS A 59 -7.17 -0.93 23.62
CA HIS A 59 -7.73 0.21 24.34
C HIS A 59 -7.76 -0.07 25.84
N HIS A 60 -8.24 -1.25 26.20
CA HIS A 60 -8.33 -1.61 27.62
C HIS A 60 -7.00 -2.18 28.11
N HIS A 61 -6.90 -3.51 28.14
CA HIS A 61 -5.69 -4.16 28.58
C HIS A 61 -5.29 -3.70 29.99
N HIS A 62 -4.69 -2.52 30.07
CA HIS A 62 -4.27 -1.98 31.37
C HIS A 62 -5.24 -0.92 31.85
N HIS A 63 -5.58 -0.99 33.14
CA HIS A 63 -6.51 -0.02 33.71
C HIS A 63 -7.73 0.14 32.83
N HIS A 64 -8.17 -0.97 32.25
CA HIS A 64 -9.34 -0.96 31.37
C HIS A 64 -9.33 0.28 30.48
N MET A 1 6.28 32.26 -19.43
CA MET A 1 5.88 30.93 -19.96
C MET A 1 5.20 30.12 -18.85
N GLU A 2 5.96 29.22 -18.24
CA GLU A 2 5.43 28.39 -17.17
C GLU A 2 5.27 29.21 -15.89
N GLU A 3 4.14 29.02 -15.20
CA GLU A 3 3.88 29.75 -13.97
C GLU A 3 2.61 29.22 -13.30
N GLY A 4 2.77 28.36 -12.31
CA GLY A 4 1.64 27.79 -11.60
C GLY A 4 2.09 26.68 -10.66
N GLY A 5 3.01 25.85 -11.12
CA GLY A 5 3.51 24.75 -10.31
C GLY A 5 4.89 25.07 -9.74
N ASP A 6 5.13 26.36 -9.50
CA ASP A 6 6.42 26.78 -8.96
C ASP A 6 7.57 26.26 -9.82
N PHE A 7 7.40 26.32 -11.13
CA PHE A 7 8.42 25.85 -12.05
C PHE A 7 8.89 24.46 -11.66
N ASP A 8 7.94 23.54 -11.53
CA ASP A 8 8.28 22.16 -11.15
C ASP A 8 7.20 21.20 -11.64
N ASN A 9 6.88 21.27 -12.92
CA ASN A 9 5.86 20.40 -13.51
C ASN A 9 4.59 20.43 -12.67
N TYR A 10 3.57 19.70 -13.12
CA TYR A 10 2.31 19.64 -12.40
C TYR A 10 2.55 19.39 -10.91
N TYR A 11 2.71 20.47 -10.16
CA TYR A 11 2.95 20.37 -8.72
C TYR A 11 3.99 19.29 -8.46
N GLY A 12 5.01 19.23 -9.30
CA GLY A 12 6.07 18.23 -9.15
C GLY A 12 5.48 16.86 -8.85
N ALA A 13 4.49 16.45 -9.66
CA ALA A 13 3.85 15.15 -9.47
C ALA A 13 3.86 14.37 -10.78
N ASP A 14 3.85 15.08 -11.90
CA ASP A 14 3.85 14.43 -13.20
C ASP A 14 5.28 14.21 -13.69
N ASN A 15 6.19 15.07 -13.24
CA ASN A 15 7.58 14.95 -13.63
C ASN A 15 8.12 13.56 -13.33
N GLN A 16 7.48 12.88 -12.38
CA GLN A 16 7.89 11.54 -12.01
C GLN A 16 6.97 10.49 -12.63
N SER A 17 5.81 10.95 -13.09
CA SER A 17 4.84 10.05 -13.72
C SER A 17 5.19 9.82 -15.18
N GLU A 18 5.66 10.87 -15.85
CA GLU A 18 6.03 10.77 -17.26
C GLU A 18 7.05 9.66 -17.47
N CYS A 19 8.26 9.88 -16.93
CA CYS A 19 9.33 8.89 -17.07
C CYS A 19 8.79 7.48 -16.85
N GLU A 20 7.74 7.37 -16.03
CA GLU A 20 7.14 6.08 -15.74
C GLU A 20 6.00 5.79 -16.71
N TYR A 21 5.38 6.85 -17.23
CA TYR A 21 4.28 6.70 -18.16
C TYR A 21 4.67 5.76 -19.30
N THR A 22 5.95 5.75 -19.63
CA THR A 22 6.44 4.89 -20.71
C THR A 22 6.67 3.47 -20.20
N ASP A 23 6.73 3.32 -18.88
CA ASP A 23 6.94 2.01 -18.29
C ASP A 23 5.61 1.40 -17.83
N TRP A 24 4.87 2.15 -17.03
CA TRP A 24 3.57 1.69 -16.52
C TRP A 24 2.77 1.06 -17.65
N LYS A 25 2.78 1.70 -18.82
CA LYS A 25 2.04 1.19 -19.96
C LYS A 25 2.32 -0.29 -20.18
N SER A 26 3.54 -0.71 -19.83
CA SER A 26 3.92 -2.11 -19.99
C SER A 26 3.88 -2.84 -18.65
N SER A 27 4.37 -2.17 -17.61
CA SER A 27 4.38 -2.77 -16.28
C SER A 27 3.12 -2.39 -15.51
N GLY A 28 2.04 -2.17 -16.24
CA GLY A 28 0.76 -1.80 -15.62
C GLY A 28 -0.37 -2.69 -16.10
N ALA A 29 -0.02 -3.90 -16.53
CA ALA A 29 -1.00 -4.85 -17.03
C ALA A 29 -0.76 -6.23 -16.44
N LEU A 30 0.01 -6.28 -15.35
CA LEU A 30 0.31 -7.56 -14.71
C LEU A 30 0.46 -7.37 -13.19
N ILE A 31 1.05 -6.24 -12.80
CA ILE A 31 1.25 -5.95 -11.39
C ILE A 31 -0.07 -5.61 -10.70
N PRO A 32 -0.98 -4.93 -11.37
CA PRO A 32 -2.29 -4.54 -10.76
C PRO A 32 -3.10 -5.76 -10.32
N ALA A 33 -2.88 -6.88 -11.00
CA ALA A 33 -3.60 -8.10 -10.67
C ALA A 33 -3.35 -8.49 -9.21
N ILE A 34 -2.13 -8.92 -8.91
CA ILE A 34 -1.78 -9.30 -7.56
C ILE A 34 -2.15 -8.21 -6.58
N TYR A 35 -1.87 -6.96 -6.95
CA TYR A 35 -2.18 -5.83 -6.10
C TYR A 35 -3.67 -5.80 -5.78
N MET A 36 -4.48 -5.64 -6.81
CA MET A 36 -5.93 -5.60 -6.64
C MET A 36 -6.39 -6.70 -5.67
N LEU A 37 -6.07 -7.94 -6.01
CA LEU A 37 -6.44 -9.07 -5.17
C LEU A 37 -6.04 -8.80 -3.73
N VAL A 38 -4.83 -8.28 -3.55
CA VAL A 38 -4.32 -7.99 -2.21
C VAL A 38 -4.77 -6.60 -1.75
N PHE A 39 -5.53 -5.91 -2.61
CA PHE A 39 -6.01 -4.58 -2.27
C PHE A 39 -7.45 -4.64 -1.77
N LEU A 40 -8.21 -5.59 -2.30
CA LEU A 40 -9.60 -5.75 -1.89
C LEU A 40 -9.71 -6.70 -0.71
N LEU A 41 -8.74 -7.59 -0.57
CA LEU A 41 -8.74 -8.56 0.52
C LEU A 41 -7.70 -8.17 1.57
N GLY A 42 -6.63 -7.53 1.12
CA GLY A 42 -5.58 -7.11 2.03
C GLY A 42 -5.83 -5.71 2.57
N THR A 43 -6.94 -5.10 2.16
CA THR A 43 -7.29 -3.76 2.61
C THR A 43 -8.76 -3.69 3.01
N THR A 44 -9.37 -4.85 3.24
CA THR A 44 -10.77 -4.92 3.65
C THR A 44 -10.94 -5.79 4.89
N GLY A 45 -10.27 -6.93 4.90
CA GLY A 45 -10.35 -7.83 6.04
C GLY A 45 -9.09 -7.74 6.90
N ASN A 46 -8.16 -6.90 6.48
CA ASN A 46 -6.92 -6.72 7.22
C ASN A 46 -6.97 -5.47 8.09
N GLY A 47 -7.39 -4.36 7.48
CA GLY A 47 -7.50 -3.10 8.21
C GLY A 47 -8.60 -3.17 9.26
N LEU A 48 -9.78 -3.58 8.84
CA LEU A 48 -10.92 -3.68 9.76
C LEU A 48 -10.53 -4.48 11.00
N VAL A 49 -9.92 -5.64 10.78
CA VAL A 49 -9.51 -6.50 11.89
C VAL A 49 -8.52 -5.76 12.78
N LEU A 50 -7.30 -5.56 12.28
CA LEU A 50 -6.27 -4.86 13.05
C LEU A 50 -6.87 -3.66 13.77
N TRP A 51 -7.89 -3.05 13.17
CA TRP A 51 -8.54 -1.89 13.77
C TRP A 51 -9.46 -2.33 14.91
N THR A 52 -10.33 -3.29 14.63
CA THR A 52 -11.27 -3.79 15.63
C THR A 52 -10.51 -4.35 16.83
N VAL A 53 -9.48 -5.16 16.55
CA VAL A 53 -8.68 -5.76 17.62
C VAL A 53 -8.00 -4.68 18.44
N PHE A 54 -7.31 -3.76 17.77
CA PHE A 54 -6.60 -2.69 18.46
C PHE A 54 -7.54 -1.99 19.44
N ARG A 55 -8.83 -2.31 19.35
CA ARG A 55 -9.82 -1.69 20.23
C ARG A 55 -10.32 -2.70 21.26
N LYS A 56 -10.12 -3.99 20.98
CA LYS A 56 -10.55 -5.04 21.89
C LYS A 56 -9.38 -5.54 22.73
N LYS A 57 -8.19 -5.43 22.18
CA LYS A 57 -6.99 -5.87 22.88
C LYS A 57 -6.24 -4.68 23.46
N GLY A 58 -6.41 -3.52 22.83
CA GLY A 58 -5.75 -2.31 23.30
C GLY A 58 -6.47 -1.71 24.50
N HIS A 59 -7.78 -1.94 24.56
CA HIS A 59 -8.59 -1.42 25.66
C HIS A 59 -8.08 -1.97 27.00
N HIS A 60 -7.22 -2.98 26.93
CA HIS A 60 -6.67 -3.58 28.13
C HIS A 60 -5.19 -3.90 27.94
N HIS A 61 -4.33 -2.97 28.37
CA HIS A 61 -2.89 -3.18 28.24
C HIS A 61 -2.33 -3.86 29.48
N HIS A 62 -3.08 -4.84 30.00
CA HIS A 62 -2.64 -5.57 31.18
C HIS A 62 -2.70 -4.67 32.41
N HIS A 63 -3.32 -5.17 33.47
CA HIS A 63 -3.43 -4.40 34.71
C HIS A 63 -3.99 -3.01 34.42
N HIS A 64 -5.17 -2.97 33.80
CA HIS A 64 -5.79 -1.70 33.46
C HIS A 64 -5.63 -0.70 34.60
N MET A 1 -10.19 -0.54 9.06
CA MET A 1 -10.56 0.87 8.78
C MET A 1 -9.30 1.72 8.70
N GLU A 2 -8.92 2.07 7.48
CA GLU A 2 -7.72 2.90 7.28
C GLU A 2 -7.98 3.95 6.21
N GLU A 3 -9.15 4.56 6.25
CA GLU A 3 -9.51 5.60 5.29
C GLU A 3 -8.56 6.78 5.39
N GLY A 4 -7.33 6.58 4.89
CA GLY A 4 -6.33 7.65 4.93
C GLY A 4 -5.71 7.76 6.32
N GLY A 5 -4.83 6.83 6.65
CA GLY A 5 -4.17 6.85 7.95
C GLY A 5 -2.78 6.23 7.87
N ASP A 6 -2.15 6.36 6.72
CA ASP A 6 -0.82 5.80 6.52
C ASP A 6 -0.08 6.55 5.41
N PHE A 7 0.04 7.86 5.56
CA PHE A 7 0.72 8.69 4.57
C PHE A 7 2.19 8.84 4.92
N ASP A 8 3.05 8.30 4.06
CA ASP A 8 4.49 8.37 4.29
C ASP A 8 5.21 8.72 2.99
N ASN A 9 4.56 9.53 2.15
CA ASN A 9 5.15 9.93 0.88
C ASN A 9 6.51 10.61 1.10
N TYR A 10 7.04 11.20 0.05
CA TYR A 10 8.33 11.88 0.14
C TYR A 10 9.39 10.96 0.75
N TYR A 11 10.29 10.47 -0.09
CA TYR A 11 11.35 9.58 0.36
C TYR A 11 10.76 8.32 0.97
N GLY A 12 9.99 7.59 0.16
CA GLY A 12 9.37 6.35 0.63
C GLY A 12 8.30 5.87 -0.35
N ALA A 13 7.78 6.81 -1.13
CA ALA A 13 6.75 6.48 -2.13
C ALA A 13 7.35 6.53 -3.53
N ASP A 14 8.43 7.27 -3.67
CA ASP A 14 9.09 7.40 -4.97
C ASP A 14 10.35 6.53 -5.00
N ASN A 15 10.83 6.14 -3.82
CA ASN A 15 12.01 5.31 -3.72
C ASN A 15 11.76 3.93 -4.33
N GLN A 16 10.52 3.48 -4.28
CA GLN A 16 10.15 2.18 -4.82
C GLN A 16 9.56 2.34 -6.22
N SER A 17 9.66 3.54 -6.77
CA SER A 17 9.13 3.82 -8.11
C SER A 17 10.24 4.34 -9.01
N GLU A 18 10.94 5.38 -8.55
CA GLU A 18 12.02 5.97 -9.34
C GLU A 18 13.07 4.92 -9.69
N CYS A 19 13.16 3.89 -8.85
CA CYS A 19 14.12 2.82 -9.07
C CYS A 19 13.55 1.77 -10.01
N GLU A 20 12.24 1.52 -9.92
CA GLU A 20 11.60 0.55 -10.77
C GLU A 20 11.01 1.22 -12.01
N TYR A 21 11.14 2.55 -12.06
CA TYR A 21 10.62 3.32 -13.18
C TYR A 21 11.05 2.69 -14.50
N THR A 22 12.21 2.06 -14.50
CA THR A 22 12.73 1.42 -15.71
C THR A 22 12.04 0.08 -15.95
N ASP A 23 11.49 -0.49 -14.89
CA ASP A 23 10.80 -1.78 -14.99
C ASP A 23 9.28 -1.58 -15.01
N TRP A 24 8.76 -0.94 -13.97
CA TRP A 24 7.32 -0.70 -13.86
C TRP A 24 6.74 -0.31 -15.21
N LYS A 25 7.45 0.56 -15.93
CA LYS A 25 6.99 1.01 -17.24
C LYS A 25 6.60 -0.17 -18.11
N SER A 26 7.36 -1.26 -18.00
CA SER A 26 7.08 -2.46 -18.79
C SER A 26 6.30 -3.48 -17.97
N SER A 27 6.69 -3.65 -16.71
CA SER A 27 6.02 -4.61 -15.83
C SER A 27 5.08 -3.88 -14.86
N GLY A 28 4.26 -2.98 -15.40
CA GLY A 28 3.32 -2.24 -14.57
C GLY A 28 1.96 -2.16 -15.24
N ALA A 29 1.84 -2.83 -16.39
CA ALA A 29 0.58 -2.84 -17.14
C ALA A 29 -0.09 -4.20 -17.02
N LEU A 30 0.07 -4.84 -15.87
CA LEU A 30 -0.53 -6.15 -15.66
C LEU A 30 -0.35 -6.60 -14.21
N ILE A 31 0.73 -6.15 -13.58
CA ILE A 31 1.00 -6.52 -12.19
C ILE A 31 0.06 -5.78 -11.21
N PRO A 32 -0.34 -4.57 -11.51
CA PRO A 32 -1.25 -3.81 -10.60
C PRO A 32 -2.59 -4.51 -10.40
N ALA A 33 -2.94 -5.40 -11.33
CA ALA A 33 -4.19 -6.13 -11.25
C ALA A 33 -4.24 -6.98 -9.98
N ILE A 34 -3.41 -8.02 -9.94
CA ILE A 34 -3.37 -8.89 -8.77
C ILE A 34 -3.05 -8.09 -7.53
N TYR A 35 -2.02 -7.25 -7.62
CA TYR A 35 -1.62 -6.42 -6.50
C TYR A 35 -2.85 -5.84 -5.80
N MET A 36 -3.67 -5.15 -6.57
CA MET A 36 -4.88 -4.54 -6.03
C MET A 36 -5.83 -5.62 -5.52
N LEU A 37 -6.10 -6.61 -6.37
CA LEU A 37 -6.98 -7.70 -6.00
C LEU A 37 -6.58 -8.29 -4.65
N VAL A 38 -5.27 -8.40 -4.43
CA VAL A 38 -4.76 -8.95 -3.18
C VAL A 38 -4.69 -7.87 -2.10
N PHE A 39 -4.69 -6.61 -2.52
CA PHE A 39 -4.62 -5.51 -1.56
C PHE A 39 -5.99 -5.27 -0.93
N LEU A 40 -6.99 -4.97 -1.75
CA LEU A 40 -8.33 -4.72 -1.25
C LEU A 40 -8.92 -5.97 -0.61
N LEU A 41 -8.24 -7.10 -0.77
CA LEU A 41 -8.70 -8.36 -0.19
C LEU A 41 -8.30 -8.41 1.27
N GLY A 42 -7.00 -8.34 1.52
CA GLY A 42 -6.49 -8.38 2.89
C GLY A 42 -6.86 -7.13 3.65
N THR A 43 -6.51 -5.97 3.10
CA THR A 43 -6.82 -4.71 3.75
C THR A 43 -8.29 -4.67 4.19
N THR A 44 -9.06 -5.63 3.70
CA THR A 44 -10.48 -5.71 4.06
C THR A 44 -10.74 -6.90 4.97
N GLY A 45 -9.89 -7.92 4.85
CA GLY A 45 -10.03 -9.13 5.66
C GLY A 45 -8.84 -9.28 6.61
N ASN A 46 -8.10 -8.20 6.81
CA ASN A 46 -6.95 -8.22 7.69
C ASN A 46 -6.87 -6.93 8.50
N GLY A 47 -7.06 -5.80 7.83
CA GLY A 47 -7.02 -4.51 8.51
C GLY A 47 -8.20 -4.35 9.46
N LEU A 48 -9.40 -4.61 8.94
CA LEU A 48 -10.61 -4.48 9.75
C LEU A 48 -10.42 -5.19 11.09
N VAL A 49 -10.01 -6.45 11.04
CA VAL A 49 -9.80 -7.22 12.26
C VAL A 49 -8.73 -6.56 13.13
N LEU A 50 -7.49 -6.59 12.65
CA LEU A 50 -6.39 -5.99 13.39
C LEU A 50 -6.75 -4.57 13.83
N TRP A 51 -7.66 -3.94 13.09
CA TRP A 51 -8.09 -2.59 13.41
C TRP A 51 -9.10 -2.60 14.55
N THR A 52 -10.01 -3.57 14.52
CA THR A 52 -11.03 -3.68 15.55
C THR A 52 -10.39 -4.12 16.87
N VAL A 53 -9.59 -5.18 16.82
CA VAL A 53 -8.93 -5.68 18.01
C VAL A 53 -8.15 -4.56 18.70
N PHE A 54 -7.40 -3.79 17.93
CA PHE A 54 -6.62 -2.71 18.48
C PHE A 54 -7.51 -1.76 19.28
N ARG A 55 -8.80 -1.79 18.99
CA ARG A 55 -9.76 -0.94 19.68
C ARG A 55 -10.42 -1.69 20.82
N LYS A 56 -10.14 -2.99 20.93
CA LYS A 56 -10.71 -3.82 21.97
C LYS A 56 -9.64 -4.26 22.95
N LYS A 57 -8.38 -4.20 22.50
CA LYS A 57 -7.26 -4.61 23.34
C LYS A 57 -6.59 -3.38 23.95
N GLY A 58 -6.76 -2.24 23.29
CA GLY A 58 -6.17 -0.99 23.77
C GLY A 58 -6.95 -0.43 24.95
N HIS A 59 -8.25 -0.74 24.98
CA HIS A 59 -9.11 -0.25 26.06
C HIS A 59 -8.56 -0.69 27.42
N HIS A 60 -7.68 -1.69 27.41
CA HIS A 60 -7.09 -2.18 28.64
C HIS A 60 -5.72 -1.54 28.87
N HIS A 61 -5.70 -0.21 28.96
CA HIS A 61 -4.45 0.50 29.18
C HIS A 61 -4.64 1.62 30.19
N HIS A 62 -5.60 1.43 31.09
CA HIS A 62 -5.89 2.43 32.12
C HIS A 62 -6.43 3.70 31.49
N HIS A 63 -7.74 3.91 31.64
CA HIS A 63 -8.37 5.10 31.09
C HIS A 63 -7.98 5.28 29.62
N HIS A 64 -7.94 4.17 28.89
CA HIS A 64 -7.57 4.21 27.49
C HIS A 64 -6.42 5.17 27.25
N MET A 1 -16.88 -2.83 7.23
CA MET A 1 -16.22 -3.58 6.14
C MET A 1 -14.83 -3.00 5.89
N GLU A 2 -14.68 -1.71 6.14
CA GLU A 2 -13.41 -1.04 5.95
C GLU A 2 -13.47 0.40 6.41
N GLU A 3 -13.62 0.59 7.72
CA GLU A 3 -13.71 1.93 8.30
C GLU A 3 -12.51 2.19 9.22
N GLY A 4 -12.04 3.43 9.22
CA GLY A 4 -10.92 3.80 10.06
C GLY A 4 -10.16 4.99 9.48
N GLY A 5 -9.86 5.97 10.32
CA GLY A 5 -9.14 7.16 9.87
C GLY A 5 -7.89 6.78 9.10
N ASP A 6 -6.89 6.27 9.81
CA ASP A 6 -5.64 5.87 9.18
C ASP A 6 -5.21 6.90 8.15
N PHE A 7 -5.46 8.16 8.47
CA PHE A 7 -5.10 9.25 7.58
C PHE A 7 -3.66 9.71 7.82
N ASP A 8 -2.88 9.75 6.75
CA ASP A 8 -1.48 10.16 6.86
C ASP A 8 -0.94 10.60 5.50
N ASN A 9 -1.20 9.79 4.47
CA ASN A 9 -0.77 10.09 3.12
C ASN A 9 0.57 10.83 3.11
N TYR A 10 0.51 12.16 3.16
CA TYR A 10 1.72 12.97 3.16
C TYR A 10 2.81 12.34 4.03
N TYR A 11 4.03 12.33 3.53
CA TYR A 11 5.15 11.76 4.26
C TYR A 11 4.78 10.38 4.78
N GLY A 12 4.10 9.60 3.96
CA GLY A 12 3.69 8.25 4.34
C GLY A 12 3.00 7.53 3.20
N ALA A 13 3.00 8.17 2.05
CA ALA A 13 2.37 7.60 0.85
C ALA A 13 3.37 7.51 -0.29
N ASP A 14 4.41 8.34 -0.22
CA ASP A 14 5.44 8.35 -1.26
C ASP A 14 6.69 7.60 -0.78
N ASN A 15 6.76 7.38 0.53
CA ASN A 15 7.90 6.67 1.10
C ASN A 15 7.89 5.21 0.68
N GLN A 16 6.71 4.68 0.41
CA GLN A 16 6.59 3.28 -0.01
C GLN A 16 6.63 3.17 -1.53
N SER A 17 6.13 4.18 -2.22
CA SER A 17 6.11 4.19 -3.68
C SER A 17 7.48 4.58 -4.22
N GLU A 18 8.14 5.51 -3.54
CA GLU A 18 9.45 5.97 -3.96
C GLU A 18 10.30 4.79 -4.42
N CYS A 19 10.73 3.98 -3.46
CA CYS A 19 11.55 2.81 -3.77
C CYS A 19 11.02 2.08 -5.01
N GLU A 20 9.69 2.05 -5.14
CA GLU A 20 9.06 1.38 -6.28
C GLU A 20 8.48 2.39 -7.24
N TYR A 21 9.14 3.54 -7.38
CA TYR A 21 8.67 4.58 -8.28
C TYR A 21 9.42 4.52 -9.60
N THR A 22 10.74 4.35 -9.52
CA THR A 22 11.56 4.27 -10.72
C THR A 22 11.22 3.00 -11.51
N ASP A 23 10.46 2.11 -10.88
CA ASP A 23 10.07 0.87 -11.52
C ASP A 23 8.61 0.92 -11.96
N TRP A 24 7.73 1.27 -11.02
CA TRP A 24 6.31 1.36 -11.33
C TRP A 24 6.07 1.99 -12.70
N LYS A 25 6.83 3.05 -12.99
CA LYS A 25 6.69 3.72 -14.27
C LYS A 25 6.68 2.73 -15.42
N SER A 26 7.47 1.67 -15.29
CA SER A 26 7.55 0.64 -16.32
C SER A 26 6.97 -0.68 -15.81
N SER A 27 6.78 -0.76 -14.49
CA SER A 27 6.23 -1.97 -13.87
C SER A 27 4.83 -1.70 -13.33
N GLY A 28 4.19 -0.65 -13.83
CA GLY A 28 2.85 -0.30 -13.38
C GLY A 28 1.80 -1.08 -14.17
N ALA A 29 2.23 -1.75 -15.23
CA ALA A 29 1.32 -2.53 -16.05
C ALA A 29 1.27 -3.98 -15.58
N LEU A 30 1.24 -4.15 -14.26
CA LEU A 30 1.20 -5.49 -13.67
C LEU A 30 1.02 -5.41 -12.16
N ILE A 31 1.49 -4.33 -11.56
CA ILE A 31 1.38 -4.17 -10.11
C ILE A 31 -0.07 -3.88 -9.67
N PRO A 32 -0.85 -3.18 -10.47
CA PRO A 32 -2.27 -2.88 -10.11
C PRO A 32 -3.08 -4.14 -9.91
N ALA A 33 -2.92 -5.10 -10.81
CA ALA A 33 -3.65 -6.36 -10.71
C ALA A 33 -3.44 -7.00 -9.35
N ILE A 34 -2.20 -7.37 -9.05
CA ILE A 34 -1.88 -7.98 -7.77
C ILE A 34 -2.40 -7.13 -6.62
N TYR A 35 -2.05 -5.86 -6.63
CA TYR A 35 -2.50 -4.95 -5.58
C TYR A 35 -3.97 -5.21 -5.25
N MET A 36 -4.82 -5.15 -6.27
CA MET A 36 -6.24 -5.39 -6.08
C MET A 36 -6.47 -6.71 -5.36
N LEU A 37 -6.14 -7.82 -6.03
CA LEU A 37 -6.32 -9.14 -5.46
C LEU A 37 -5.66 -9.24 -4.08
N VAL A 38 -4.78 -8.28 -3.78
CA VAL A 38 -4.07 -8.28 -2.51
C VAL A 38 -4.44 -7.05 -1.68
N PHE A 39 -5.45 -6.31 -2.15
CA PHE A 39 -5.89 -5.10 -1.44
C PHE A 39 -7.37 -5.19 -1.10
N LEU A 40 -8.08 -6.11 -1.75
CA LEU A 40 -9.52 -6.28 -1.50
C LEU A 40 -9.78 -7.64 -0.86
N LEU A 41 -8.72 -8.41 -0.64
CA LEU A 41 -8.87 -9.73 -0.03
C LEU A 41 -8.34 -9.73 1.40
N GLY A 42 -7.07 -9.38 1.56
CA GLY A 42 -6.45 -9.36 2.89
C GLY A 42 -6.49 -7.97 3.50
N THR A 43 -7.13 -7.02 2.82
CA THR A 43 -7.22 -5.65 3.32
C THR A 43 -8.66 -5.15 3.23
N THR A 44 -9.61 -6.06 3.37
CA THR A 44 -11.02 -5.70 3.32
C THR A 44 -11.78 -6.32 4.49
N GLY A 45 -11.46 -7.58 4.78
CA GLY A 45 -12.11 -8.27 5.89
C GLY A 45 -11.06 -8.89 6.82
N ASN A 46 -9.83 -8.41 6.71
CA ASN A 46 -8.73 -8.90 7.54
C ASN A 46 -8.09 -7.76 8.32
N GLY A 47 -7.67 -6.72 7.60
CA GLY A 47 -7.04 -5.57 8.23
C GLY A 47 -7.99 -4.89 9.19
N LEU A 48 -9.20 -4.62 8.72
CA LEU A 48 -10.21 -3.95 9.55
C LEU A 48 -10.34 -4.67 10.89
N VAL A 49 -10.53 -5.98 10.85
CA VAL A 49 -10.65 -6.77 12.07
C VAL A 49 -9.40 -6.62 12.93
N LEU A 50 -8.30 -7.21 12.47
CA LEU A 50 -7.05 -7.14 13.21
C LEU A 50 -6.77 -5.71 13.65
N TRP A 51 -7.30 -4.75 12.90
CA TRP A 51 -7.10 -3.34 13.22
C TRP A 51 -8.04 -2.91 14.35
N THR A 52 -9.30 -3.31 14.24
CA THR A 52 -10.29 -2.97 15.26
C THR A 52 -9.95 -3.66 16.58
N VAL A 53 -9.75 -4.98 16.51
CA VAL A 53 -9.43 -5.74 17.71
C VAL A 53 -8.24 -5.11 18.43
N PHE A 54 -7.14 -4.92 17.71
CA PHE A 54 -5.95 -4.32 18.29
C PHE A 54 -6.30 -3.06 19.06
N ARG A 55 -7.13 -2.21 18.45
CA ARG A 55 -7.54 -0.97 19.08
C ARG A 55 -8.61 -1.23 20.13
N LYS A 56 -9.36 -2.31 19.95
CA LYS A 56 -10.41 -2.67 20.88
C LYS A 56 -9.83 -2.99 22.26
N LYS A 57 -8.91 -3.96 22.29
CA LYS A 57 -8.28 -4.34 23.55
C LYS A 57 -7.10 -3.43 23.87
N GLY A 58 -6.68 -2.66 22.87
CA GLY A 58 -5.57 -1.74 23.06
C GLY A 58 -6.02 -0.45 23.73
N HIS A 59 -7.27 -0.07 23.49
CA HIS A 59 -7.81 1.15 24.08
C HIS A 59 -7.69 1.11 25.60
N HIS A 60 -7.45 -0.08 26.14
CA HIS A 60 -7.30 -0.24 27.59
C HIS A 60 -5.83 -0.07 28.00
N HIS A 61 -5.26 -1.13 28.54
CA HIS A 61 -3.85 -1.10 28.96
C HIS A 61 -3.25 -2.50 28.96
N HIS A 62 -3.76 -3.36 29.84
CA HIS A 62 -3.26 -4.73 29.92
C HIS A 62 -4.24 -5.61 30.68
N HIS A 63 -4.52 -5.24 31.93
CA HIS A 63 -5.45 -6.01 32.75
C HIS A 63 -6.81 -5.31 32.82
N HIS A 64 -7.26 -4.80 31.67
CA HIS A 64 -8.54 -4.11 31.62
C HIS A 64 -8.69 -3.16 32.79
N MET A 1 36.55 -4.71 7.09
CA MET A 1 35.71 -3.67 7.74
C MET A 1 34.27 -3.83 7.27
N GLU A 2 33.45 -2.82 7.55
CA GLU A 2 32.05 -2.86 7.14
C GLU A 2 31.85 -2.11 5.83
N GLU A 3 30.59 -1.88 5.46
CA GLU A 3 30.28 -1.17 4.23
C GLU A 3 30.93 0.21 4.23
N GLY A 4 30.86 0.90 3.10
CA GLY A 4 31.44 2.23 2.98
C GLY A 4 30.90 2.96 1.76
N GLY A 5 29.65 3.40 1.84
CA GLY A 5 29.02 4.10 0.73
C GLY A 5 28.07 5.18 1.23
N ASP A 6 27.33 5.79 0.32
CA ASP A 6 26.37 6.83 0.68
C ASP A 6 25.33 7.02 -0.41
N PHE A 7 24.68 5.93 -0.79
CA PHE A 7 23.65 5.98 -1.83
C PHE A 7 24.26 6.48 -3.15
N ASP A 8 24.31 5.59 -4.13
CA ASP A 8 24.87 5.96 -5.44
C ASP A 8 23.92 6.88 -6.19
N ASN A 9 22.62 6.66 -6.01
CA ASN A 9 21.62 7.49 -6.66
C ASN A 9 22.01 7.75 -8.12
N TYR A 10 21.46 8.81 -8.70
CA TYR A 10 21.76 9.16 -10.08
C TYR A 10 21.65 7.94 -10.98
N TYR A 11 22.39 7.95 -12.07
CA TYR A 11 22.38 6.84 -13.02
C TYR A 11 22.80 5.54 -12.33
N GLY A 12 21.90 5.00 -11.53
CA GLY A 12 22.18 3.76 -10.82
C GLY A 12 20.97 3.33 -10.00
N ALA A 13 20.19 4.31 -9.54
CA ALA A 13 19.01 4.03 -8.75
C ALA A 13 17.76 4.27 -9.59
N ASP A 14 17.89 5.07 -10.63
CA ASP A 14 16.76 5.38 -11.51
C ASP A 14 16.92 4.66 -12.85
N ASN A 15 18.14 4.21 -13.14
CA ASN A 15 18.40 3.51 -14.39
C ASN A 15 17.50 2.29 -14.53
N GLN A 16 17.09 1.74 -13.39
CA GLN A 16 16.22 0.56 -13.38
C GLN A 16 14.76 0.98 -13.47
N SER A 17 14.51 2.29 -13.39
CA SER A 17 13.14 2.80 -13.45
C SER A 17 12.77 3.12 -14.89
N GLU A 18 13.51 4.04 -15.51
CA GLU A 18 13.25 4.42 -16.89
C GLU A 18 13.00 3.20 -17.76
N CYS A 19 13.92 2.24 -17.71
CA CYS A 19 13.80 1.02 -18.49
C CYS A 19 12.47 0.33 -18.20
N GLU A 20 11.98 0.50 -16.98
CA GLU A 20 10.71 -0.11 -16.58
C GLU A 20 9.55 0.86 -16.85
N TYR A 21 9.88 2.10 -17.15
CA TYR A 21 8.85 3.11 -17.42
C TYR A 21 8.23 2.87 -18.79
N THR A 22 9.05 2.93 -19.83
CA THR A 22 8.56 2.73 -21.18
C THR A 22 7.82 1.40 -21.29
N ASP A 23 8.02 0.53 -20.30
CA ASP A 23 7.37 -0.77 -20.29
C ASP A 23 6.13 -0.74 -19.40
N TRP A 24 6.30 -0.20 -18.19
CA TRP A 24 5.19 -0.13 -17.24
C TRP A 24 3.92 0.35 -17.94
N LYS A 25 4.04 1.44 -18.70
CA LYS A 25 2.91 1.99 -19.42
C LYS A 25 2.15 0.89 -20.17
N SER A 26 2.87 -0.15 -20.55
CA SER A 26 2.25 -1.26 -21.27
C SER A 26 1.97 -2.42 -20.32
N SER A 27 2.92 -2.69 -19.42
CA SER A 27 2.76 -3.78 -18.46
C SER A 27 1.83 -3.35 -17.32
N GLY A 28 1.24 -2.17 -17.45
CA GLY A 28 0.35 -1.65 -16.43
C GLY A 28 -1.09 -2.11 -16.69
N ALA A 29 -1.26 -2.93 -17.72
CA ALA A 29 -2.59 -3.44 -18.07
C ALA A 29 -2.71 -4.91 -17.68
N LEU A 30 -2.13 -5.27 -16.55
CA LEU A 30 -2.18 -6.66 -16.08
C LEU A 30 -1.55 -6.78 -14.69
N ILE A 31 -0.58 -5.91 -14.40
CA ILE A 31 0.09 -5.96 -13.11
C ILE A 31 -0.79 -5.38 -11.99
N PRO A 32 -1.62 -4.40 -12.27
CA PRO A 32 -2.50 -3.79 -11.23
C PRO A 32 -3.42 -4.83 -10.58
N ALA A 33 -3.92 -5.77 -11.39
CA ALA A 33 -4.81 -6.80 -10.89
C ALA A 33 -4.29 -7.37 -9.58
N ILE A 34 -3.20 -8.13 -9.66
CA ILE A 34 -2.61 -8.73 -8.47
C ILE A 34 -2.54 -7.70 -7.35
N TYR A 35 -1.88 -6.58 -7.63
CA TYR A 35 -1.74 -5.52 -6.64
C TYR A 35 -3.05 -5.32 -5.89
N MET A 36 -4.15 -5.21 -6.63
CA MET A 36 -5.45 -5.02 -6.03
C MET A 36 -5.90 -6.28 -5.30
N LEU A 37 -6.10 -7.35 -6.07
CA LEU A 37 -6.53 -8.62 -5.49
C LEU A 37 -5.70 -8.96 -4.25
N VAL A 38 -4.58 -8.26 -4.09
CA VAL A 38 -3.70 -8.50 -2.94
C VAL A 38 -3.85 -7.39 -1.91
N PHE A 39 -4.35 -6.24 -2.35
CA PHE A 39 -4.53 -5.10 -1.45
C PHE A 39 -5.96 -5.05 -0.93
N LEU A 40 -6.84 -5.84 -1.54
CA LEU A 40 -8.24 -5.88 -1.12
C LEU A 40 -8.51 -7.15 -0.31
N LEU A 41 -7.51 -8.02 -0.25
CA LEU A 41 -7.65 -9.27 0.49
C LEU A 41 -7.01 -9.16 1.87
N GLY A 42 -5.80 -8.60 1.91
CA GLY A 42 -5.08 -8.46 3.18
C GLY A 42 -5.23 -7.04 3.75
N THR A 43 -6.01 -6.20 3.06
CA THR A 43 -6.21 -4.83 3.52
C THR A 43 -7.70 -4.48 3.52
N THR A 44 -8.54 -5.49 3.68
CA THR A 44 -9.99 -5.29 3.70
C THR A 44 -10.61 -6.00 4.90
N GLY A 45 -10.25 -7.27 5.08
CA GLY A 45 -10.77 -8.06 6.19
C GLY A 45 -9.70 -8.30 7.24
N ASN A 46 -8.48 -7.87 6.95
CA ASN A 46 -7.37 -8.04 7.87
C ASN A 46 -7.07 -6.74 8.61
N GLY A 47 -6.82 -5.68 7.84
CA GLY A 47 -6.51 -4.38 8.43
C GLY A 47 -7.66 -3.91 9.32
N LEU A 48 -8.88 -4.06 8.82
CA LEU A 48 -10.06 -3.64 9.59
C LEU A 48 -10.10 -4.36 10.93
N VAL A 49 -9.92 -5.68 10.89
CA VAL A 49 -9.94 -6.48 12.11
C VAL A 49 -8.83 -6.04 13.06
N LEU A 50 -7.59 -6.33 12.69
CA LEU A 50 -6.45 -5.96 13.52
C LEU A 50 -6.61 -4.54 14.06
N TRP A 51 -7.30 -3.70 13.28
CA TRP A 51 -7.52 -2.32 13.69
C TRP A 51 -8.60 -2.24 14.75
N THR A 52 -9.75 -2.87 14.49
CA THR A 52 -10.85 -2.86 15.44
C THR A 52 -10.45 -3.58 16.72
N VAL A 53 -9.76 -4.70 16.58
CA VAL A 53 -9.32 -5.46 17.73
C VAL A 53 -8.41 -4.63 18.64
N PHE A 54 -7.46 -3.93 18.02
CA PHE A 54 -6.54 -3.09 18.77
C PHE A 54 -7.30 -2.03 19.57
N ARG A 55 -8.57 -1.84 19.22
CA ARG A 55 -9.40 -0.85 19.90
C ARG A 55 -10.47 -1.53 20.74
N LYS A 56 -10.41 -2.86 20.82
CA LYS A 56 -11.38 -3.62 21.60
C LYS A 56 -10.67 -4.43 22.68
N LYS A 57 -9.41 -4.78 22.42
CA LYS A 57 -8.64 -5.55 23.37
C LYS A 57 -7.69 -4.64 24.16
N GLY A 58 -7.18 -3.62 23.49
CA GLY A 58 -6.27 -2.68 24.13
C GLY A 58 -7.03 -1.65 24.95
N HIS A 59 -8.25 -1.34 24.51
CA HIS A 59 -9.08 -0.36 25.21
C HIS A 59 -9.29 -0.77 26.65
N HIS A 60 -9.12 -2.06 26.92
CA HIS A 60 -9.29 -2.58 28.27
C HIS A 60 -8.57 -1.71 29.29
N HIS A 61 -7.36 -1.29 28.94
CA HIS A 61 -6.57 -0.44 29.82
C HIS A 61 -5.86 0.65 29.02
N HIS A 62 -4.82 1.23 29.62
CA HIS A 62 -4.06 2.28 28.95
C HIS A 62 -2.81 1.72 28.30
N HIS A 63 -1.94 1.13 29.10
CA HIS A 63 -0.70 0.54 28.59
C HIS A 63 -0.84 -0.97 28.47
N HIS A 64 -1.99 -1.43 28.00
CA HIS A 64 -2.23 -2.86 27.85
C HIS A 64 -1.71 -3.62 29.07
N MET A 1 24.77 -17.82 -13.66
CA MET A 1 23.71 -17.04 -12.96
C MET A 1 24.26 -15.68 -12.54
N GLU A 2 23.37 -14.79 -12.12
CA GLU A 2 23.79 -13.46 -11.70
C GLU A 2 23.85 -13.39 -10.17
N GLU A 3 24.84 -12.65 -9.66
CA GLU A 3 25.01 -12.51 -8.23
C GLU A 3 26.12 -11.52 -7.91
N GLY A 4 26.18 -11.08 -6.66
CA GLY A 4 27.20 -10.12 -6.24
C GLY A 4 26.62 -8.71 -6.17
N GLY A 5 26.99 -7.98 -5.12
CA GLY A 5 26.51 -6.62 -4.95
C GLY A 5 26.57 -5.84 -6.26
N ASP A 6 25.94 -4.68 -6.28
CA ASP A 6 25.92 -3.84 -7.48
C ASP A 6 25.51 -2.42 -7.14
N PHE A 7 26.23 -1.80 -6.20
CA PHE A 7 25.95 -0.44 -5.79
C PHE A 7 26.63 0.56 -6.73
N ASP A 8 26.54 0.29 -8.02
CA ASP A 8 27.17 1.17 -9.01
C ASP A 8 26.11 2.07 -9.66
N ASN A 9 25.21 2.61 -8.85
CA ASN A 9 24.16 3.47 -9.35
C ASN A 9 24.75 4.59 -10.22
N TYR A 10 23.88 5.39 -10.82
CA TYR A 10 24.32 6.48 -11.67
C TYR A 10 25.17 5.96 -12.83
N TYR A 11 24.82 6.36 -14.05
CA TYR A 11 25.56 5.93 -15.22
C TYR A 11 25.72 4.41 -15.23
N GLY A 12 24.65 3.72 -14.84
CA GLY A 12 24.67 2.26 -14.78
C GLY A 12 23.55 1.73 -13.89
N ALA A 13 22.50 2.53 -13.75
CA ALA A 13 21.36 2.14 -12.92
C ALA A 13 20.06 2.27 -13.70
N ASP A 14 20.05 3.17 -14.68
CA ASP A 14 18.85 3.37 -15.50
C ASP A 14 18.93 2.53 -16.77
N ASN A 15 20.15 2.19 -17.18
CA ASN A 15 20.34 1.38 -18.38
C ASN A 15 19.60 0.05 -18.25
N GLN A 16 19.40 -0.39 -17.01
CA GLN A 16 18.71 -1.66 -16.77
C GLN A 16 17.21 -1.42 -16.60
N SER A 17 16.85 -0.22 -16.17
CA SER A 17 15.44 0.12 -15.97
C SER A 17 14.75 0.35 -17.31
N GLU A 18 15.36 1.18 -18.15
CA GLU A 18 14.79 1.46 -19.46
C GLU A 18 14.39 0.18 -20.17
N CYS A 19 15.08 -0.91 -19.85
CA CYS A 19 14.79 -2.20 -20.46
C CYS A 19 13.45 -2.74 -19.98
N GLU A 20 13.10 -2.38 -18.74
CA GLU A 20 11.83 -2.84 -18.18
C GLU A 20 10.72 -1.83 -18.44
N TYR A 21 11.11 -0.60 -18.80
CA TYR A 21 10.15 0.44 -19.08
C TYR A 21 9.39 0.15 -20.36
N THR A 22 10.12 -0.20 -21.41
CA THR A 22 9.52 -0.51 -22.70
C THR A 22 8.54 -1.68 -22.56
N ASP A 23 8.65 -2.40 -21.45
CA ASP A 23 7.78 -3.54 -21.20
C ASP A 23 6.67 -3.18 -20.23
N TRP A 24 7.04 -2.54 -19.13
CA TRP A 24 6.07 -2.14 -18.12
C TRP A 24 4.85 -1.51 -18.78
N LYS A 25 5.09 -0.68 -19.78
CA LYS A 25 3.99 -0.01 -20.48
C LYS A 25 2.93 -1.03 -20.90
N SER A 26 3.38 -2.22 -21.28
CA SER A 26 2.46 -3.27 -21.70
C SER A 26 2.13 -4.19 -20.53
N SER A 27 3.15 -4.56 -19.76
CA SER A 27 2.96 -5.45 -18.62
C SER A 27 2.21 -4.72 -17.51
N GLY A 28 2.07 -3.41 -17.66
CA GLY A 28 1.36 -2.61 -16.66
C GLY A 28 -0.15 -2.68 -16.87
N ALA A 29 -0.57 -3.51 -17.82
CA ALA A 29 -1.99 -3.64 -18.12
C ALA A 29 -2.54 -4.93 -17.50
N LEU A 30 -1.65 -5.71 -16.89
CA LEU A 30 -2.06 -6.96 -16.25
C LEU A 30 -1.49 -7.07 -14.84
N ILE A 31 -0.69 -6.08 -14.46
CA ILE A 31 -0.09 -6.07 -13.13
C ILE A 31 -1.07 -5.57 -12.07
N PRO A 32 -1.96 -4.65 -12.39
CA PRO A 32 -2.94 -4.12 -11.41
C PRO A 32 -3.82 -5.22 -10.81
N ALA A 33 -4.01 -6.29 -11.58
CA ALA A 33 -4.83 -7.41 -11.12
C ALA A 33 -4.28 -7.97 -9.81
N ILE A 34 -3.09 -8.57 -9.88
CA ILE A 34 -2.46 -9.15 -8.70
C ILE A 34 -2.42 -8.12 -7.57
N TYR A 35 -2.07 -6.88 -7.91
CA TYR A 35 -1.99 -5.81 -6.92
C TYR A 35 -3.32 -5.68 -6.19
N MET A 36 -4.39 -5.42 -6.94
CA MET A 36 -5.71 -5.27 -6.35
C MET A 36 -6.13 -6.55 -5.63
N LEU A 37 -6.14 -7.66 -6.37
CA LEU A 37 -6.53 -8.94 -5.80
C LEU A 37 -5.79 -9.20 -4.49
N VAL A 38 -4.61 -8.59 -4.36
CA VAL A 38 -3.81 -8.76 -3.15
C VAL A 38 -4.04 -7.61 -2.18
N PHE A 39 -4.52 -6.49 -2.71
CA PHE A 39 -4.79 -5.31 -1.89
C PHE A 39 -6.12 -5.46 -1.16
N LEU A 40 -7.19 -5.64 -1.92
CA LEU A 40 -8.51 -5.79 -1.34
C LEU A 40 -8.60 -7.07 -0.52
N LEU A 41 -7.48 -7.79 -0.44
CA LEU A 41 -7.44 -9.04 0.30
C LEU A 41 -6.82 -8.82 1.69
N GLY A 42 -5.54 -8.48 1.70
CA GLY A 42 -4.83 -8.24 2.96
C GLY A 42 -4.87 -6.76 3.34
N THR A 43 -5.71 -6.00 2.65
CA THR A 43 -5.83 -4.57 2.92
C THR A 43 -7.30 -4.16 2.97
N THR A 44 -8.16 -5.08 3.40
CA THR A 44 -9.59 -4.81 3.50
C THR A 44 -10.15 -5.32 4.82
N GLY A 45 -9.84 -6.57 5.15
CA GLY A 45 -10.31 -7.16 6.39
C GLY A 45 -9.19 -7.21 7.42
N ASN A 46 -7.96 -6.97 6.97
CA ASN A 46 -6.81 -7.00 7.86
C ASN A 46 -6.72 -5.69 8.65
N GLY A 47 -6.70 -4.57 7.92
CA GLY A 47 -6.61 -3.26 8.56
C GLY A 47 -7.77 -3.03 9.51
N LEU A 48 -8.99 -3.33 9.05
CA LEU A 48 -10.17 -3.17 9.88
C LEU A 48 -10.07 -4.00 11.15
N VAL A 49 -9.65 -5.26 10.99
CA VAL A 49 -9.50 -6.14 12.14
C VAL A 49 -8.43 -5.63 13.09
N LEU A 50 -7.17 -5.69 12.64
CA LEU A 50 -6.07 -5.21 13.46
C LEU A 50 -6.43 -3.92 14.16
N TRP A 51 -7.24 -3.10 13.47
CA TRP A 51 -7.66 -1.83 14.05
C TRP A 51 -8.64 -2.09 15.19
N THR A 52 -9.76 -2.72 14.87
CA THR A 52 -10.76 -3.04 15.87
C THR A 52 -10.13 -3.78 17.05
N VAL A 53 -9.39 -4.84 16.73
CA VAL A 53 -8.74 -5.64 17.76
C VAL A 53 -7.99 -4.74 18.74
N PHE A 54 -7.26 -3.77 18.20
CA PHE A 54 -6.50 -2.85 19.04
C PHE A 54 -7.40 -2.19 20.07
N ARG A 55 -8.67 -1.98 19.71
CA ARG A 55 -9.61 -1.36 20.63
C ARG A 55 -10.33 -2.44 21.42
N LYS A 56 -10.49 -3.61 20.80
CA LYS A 56 -11.16 -4.73 21.44
C LYS A 56 -10.42 -5.12 22.71
N LYS A 57 -9.14 -5.46 22.56
CA LYS A 57 -8.33 -5.85 23.71
C LYS A 57 -7.82 -4.61 24.44
N GLY A 58 -7.72 -3.50 23.71
CA GLY A 58 -7.25 -2.26 24.31
C GLY A 58 -8.30 -1.66 25.23
N HIS A 59 -9.57 -1.99 24.96
CA HIS A 59 -10.66 -1.48 25.78
C HIS A 59 -10.38 -1.72 27.26
N HIS A 60 -9.60 -2.75 27.55
CA HIS A 60 -9.26 -3.08 28.93
C HIS A 60 -8.59 -1.89 29.61
N HIS A 61 -8.03 -0.99 28.81
CA HIS A 61 -7.35 0.18 29.35
C HIS A 61 -8.31 1.36 29.45
N HIS A 62 -9.60 1.06 29.39
CA HIS A 62 -10.63 2.10 29.48
C HIS A 62 -10.39 3.18 28.42
N HIS A 63 -9.51 4.12 28.74
CA HIS A 63 -9.20 5.20 27.81
C HIS A 63 -8.07 4.78 26.86
N HIS A 64 -8.12 3.54 26.40
CA HIS A 64 -7.10 3.02 25.49
C HIS A 64 -5.71 3.48 25.93
N MET A 1 22.99 27.35 -23.62
CA MET A 1 21.70 26.62 -23.50
C MET A 1 21.77 25.33 -24.30
N GLU A 2 22.51 24.35 -23.79
CA GLU A 2 22.65 23.07 -24.45
C GLU A 2 22.97 23.28 -25.94
N GLU A 3 22.82 22.21 -26.72
CA GLU A 3 23.09 22.29 -28.15
C GLU A 3 22.28 23.41 -28.79
N GLY A 4 22.73 23.86 -29.96
CA GLY A 4 22.04 24.93 -30.67
C GLY A 4 20.78 24.42 -31.35
N GLY A 5 20.06 23.52 -30.67
CA GLY A 5 18.84 22.95 -31.23
C GLY A 5 17.96 22.39 -30.12
N ASP A 6 16.73 22.02 -30.48
CA ASP A 6 15.79 21.47 -29.51
C ASP A 6 14.98 20.33 -30.14
N PHE A 7 15.66 19.47 -30.88
CA PHE A 7 14.99 18.34 -31.52
C PHE A 7 13.82 18.83 -32.37
N ASP A 8 13.30 17.95 -33.21
CA ASP A 8 12.18 18.30 -34.09
C ASP A 8 10.89 18.38 -33.28
N ASN A 9 10.92 17.82 -32.07
CA ASN A 9 9.73 17.83 -31.21
C ASN A 9 8.49 17.43 -32.00
N TYR A 10 7.32 17.54 -31.37
CA TYR A 10 6.07 17.20 -32.02
C TYR A 10 6.23 15.91 -32.82
N TYR A 11 5.88 14.78 -32.21
CA TYR A 11 5.98 13.50 -32.88
C TYR A 11 7.43 13.01 -32.89
N GLY A 12 8.10 13.18 -31.75
CA GLY A 12 9.49 12.75 -31.63
C GLY A 12 10.02 13.00 -30.22
N ALA A 13 9.45 13.99 -29.56
CA ALA A 13 9.87 14.32 -28.20
C ALA A 13 9.01 13.59 -27.18
N ASP A 14 7.78 13.27 -27.58
CA ASP A 14 6.86 12.56 -26.70
C ASP A 14 6.62 11.14 -27.20
N ASN A 15 7.05 10.87 -28.42
CA ASN A 15 6.88 9.56 -29.02
C ASN A 15 7.53 8.49 -28.14
N GLN A 16 8.36 8.94 -27.19
CA GLN A 16 9.03 8.01 -26.29
C GLN A 16 8.24 7.82 -25.00
N SER A 17 7.21 8.66 -24.82
CA SER A 17 6.38 8.57 -23.64
C SER A 17 5.10 7.79 -23.93
N GLU A 18 4.40 8.18 -24.99
CA GLU A 18 3.17 7.51 -25.38
C GLU A 18 3.36 5.99 -25.40
N CYS A 19 4.63 5.56 -25.35
CA CYS A 19 4.94 4.14 -25.37
C CYS A 19 4.89 3.56 -23.95
N GLU A 20 5.31 4.36 -22.98
CA GLU A 20 5.32 3.92 -21.59
C GLU A 20 4.03 4.33 -20.89
N TYR A 21 3.54 5.52 -21.22
CA TYR A 21 2.30 6.02 -20.61
C TYR A 21 1.19 4.98 -20.73
N THR A 22 1.20 4.22 -21.82
CA THR A 22 0.19 3.19 -22.02
C THR A 22 0.56 1.91 -21.29
N ASP A 23 1.53 2.01 -20.38
CA ASP A 23 1.96 0.86 -19.61
C ASP A 23 2.15 1.23 -18.14
N TRP A 24 2.49 2.50 -17.90
CA TRP A 24 2.69 2.96 -16.54
C TRP A 24 1.35 3.09 -15.83
N LYS A 25 0.43 3.83 -16.43
CA LYS A 25 -0.89 4.03 -15.85
C LYS A 25 -1.46 2.68 -15.40
N SER A 26 -1.20 1.64 -16.19
CA SER A 26 -1.68 0.31 -15.87
C SER A 26 -0.56 -0.52 -15.25
N SER A 27 0.66 0.02 -15.29
CA SER A 27 1.80 -0.67 -14.73
C SER A 27 1.89 -2.08 -15.30
N GLY A 28 1.83 -2.16 -16.62
CA GLY A 28 1.90 -3.44 -17.30
C GLY A 28 0.58 -4.19 -17.20
N ALA A 29 -0.37 -3.61 -16.47
CA ALA A 29 -1.66 -4.27 -16.30
C ALA A 29 -1.46 -5.63 -15.65
N LEU A 30 -0.27 -5.82 -15.07
CA LEU A 30 0.06 -7.08 -14.43
C LEU A 30 0.34 -6.87 -12.93
N ILE A 31 1.00 -5.78 -12.58
CA ILE A 31 1.30 -5.48 -11.19
C ILE A 31 0.04 -5.04 -10.42
N PRO A 32 -0.87 -4.34 -11.06
CA PRO A 32 -2.12 -3.87 -10.39
C PRO A 32 -2.99 -5.03 -9.92
N ALA A 33 -2.94 -6.14 -10.65
CA ALA A 33 -3.74 -7.31 -10.30
C ALA A 33 -3.43 -7.75 -8.87
N ILE A 34 -2.24 -8.30 -8.66
CA ILE A 34 -1.84 -8.76 -7.33
C ILE A 34 -2.13 -7.68 -6.29
N TYR A 35 -1.75 -6.44 -6.61
CA TYR A 35 -1.98 -5.33 -5.69
C TYR A 35 -3.43 -5.27 -5.26
N MET A 36 -4.32 -5.04 -6.22
CA MET A 36 -5.74 -4.96 -5.93
C MET A 36 -6.23 -6.23 -5.26
N LEU A 37 -5.99 -7.37 -5.92
CA LEU A 37 -6.41 -8.65 -5.37
C LEU A 37 -5.99 -8.78 -3.91
N VAL A 38 -4.89 -8.13 -3.55
CA VAL A 38 -4.40 -8.17 -2.18
C VAL A 38 -4.86 -6.95 -1.40
N PHE A 39 -5.43 -5.98 -2.11
CA PHE A 39 -5.92 -4.76 -1.47
C PHE A 39 -7.36 -4.92 -1.02
N LEU A 40 -8.24 -5.24 -1.96
CA LEU A 40 -9.65 -5.43 -1.64
C LEU A 40 -9.86 -6.69 -0.80
N LEU A 41 -8.76 -7.38 -0.49
CA LEU A 41 -8.83 -8.60 0.31
C LEU A 41 -7.92 -8.48 1.53
N GLY A 42 -6.85 -7.69 1.40
CA GLY A 42 -5.92 -7.51 2.50
C GLY A 42 -6.21 -6.20 3.24
N THR A 43 -7.24 -5.49 2.79
CA THR A 43 -7.61 -4.23 3.42
C THR A 43 -9.13 -4.15 3.61
N THR A 44 -9.78 -5.31 3.54
CA THR A 44 -11.22 -5.37 3.70
C THR A 44 -11.59 -6.41 4.75
N GLY A 45 -10.98 -7.58 4.65
CA GLY A 45 -11.23 -8.66 5.61
C GLY A 45 -9.99 -8.93 6.45
N ASN A 46 -9.08 -7.98 6.48
CA ASN A 46 -7.85 -8.12 7.25
C ASN A 46 -7.58 -6.84 8.05
N GLY A 47 -7.36 -5.73 7.34
CA GLY A 47 -7.09 -4.46 8.00
C GLY A 47 -8.17 -4.14 9.03
N LEU A 48 -9.42 -4.40 8.68
CA LEU A 48 -10.53 -4.14 9.58
C LEU A 48 -10.32 -4.86 10.90
N VAL A 49 -10.09 -6.18 10.81
CA VAL A 49 -9.87 -6.97 12.01
C VAL A 49 -8.68 -6.44 12.80
N LEU A 50 -7.52 -6.44 12.18
CA LEU A 50 -6.30 -5.96 12.82
C LEU A 50 -6.50 -4.54 13.34
N TRP A 51 -7.44 -3.82 12.73
CA TRP A 51 -7.73 -2.45 13.13
C TRP A 51 -8.65 -2.42 14.34
N THR A 52 -9.69 -3.25 14.29
CA THR A 52 -10.66 -3.31 15.39
C THR A 52 -10.03 -3.99 16.61
N VAL A 53 -9.40 -5.13 16.37
CA VAL A 53 -8.76 -5.88 17.45
C VAL A 53 -7.76 -4.99 18.19
N PHE A 54 -7.09 -4.11 17.46
CA PHE A 54 -6.12 -3.21 18.07
C PHE A 54 -6.81 -2.17 18.94
N ARG A 55 -8.11 -2.00 18.73
CA ARG A 55 -8.89 -1.03 19.50
C ARG A 55 -9.79 -1.74 20.51
N LYS A 56 -9.80 -3.07 20.45
CA LYS A 56 -10.63 -3.86 21.36
C LYS A 56 -9.76 -4.49 22.45
N LYS A 57 -8.51 -4.75 22.11
CA LYS A 57 -7.58 -5.36 23.06
C LYS A 57 -6.64 -4.31 23.64
N GLY A 58 -6.42 -3.23 22.89
CA GLY A 58 -5.55 -2.16 23.34
C GLY A 58 -6.30 -1.20 24.25
N HIS A 59 -7.58 -1.02 23.99
CA HIS A 59 -8.40 -0.13 24.79
C HIS A 59 -8.44 -0.59 26.24
N HIS A 60 -7.97 -1.81 26.48
CA HIS A 60 -7.96 -2.37 27.83
C HIS A 60 -6.71 -3.20 28.06
N HIS A 61 -5.57 -2.51 28.20
CA HIS A 61 -4.31 -3.21 28.43
C HIS A 61 -3.92 -3.15 29.90
N HIS A 62 -4.46 -2.16 30.61
CA HIS A 62 -4.16 -2.00 32.03
C HIS A 62 -5.01 -0.89 32.63
N HIS A 63 -4.40 0.28 32.84
CA HIS A 63 -5.10 1.41 33.41
C HIS A 63 -5.50 2.39 32.32
N HIS A 64 -6.01 1.87 31.20
CA HIS A 64 -6.44 2.71 30.10
C HIS A 64 -5.30 3.64 29.66
N MET A 1 -15.60 -16.88 11.47
CA MET A 1 -14.19 -16.42 11.34
C MET A 1 -14.13 -14.92 11.63
N GLU A 2 -13.16 -14.52 12.46
CA GLU A 2 -13.00 -13.11 12.81
C GLU A 2 -14.31 -12.56 13.38
N GLU A 3 -14.34 -11.25 13.62
CA GLU A 3 -15.52 -10.61 14.16
C GLU A 3 -15.38 -9.09 14.09
N GLY A 4 -16.40 -8.43 13.55
CA GLY A 4 -16.38 -6.97 13.44
C GLY A 4 -16.87 -6.32 14.72
N GLY A 5 -17.93 -5.52 14.62
CA GLY A 5 -18.49 -4.85 15.78
C GLY A 5 -18.80 -3.40 15.45
N ASP A 6 -17.89 -2.74 14.72
CA ASP A 6 -18.09 -1.35 14.34
C ASP A 6 -17.37 -1.05 13.04
N PHE A 7 -17.53 -1.93 12.05
CA PHE A 7 -16.90 -1.76 10.75
C PHE A 7 -16.97 -0.30 10.31
N ASP A 8 -15.90 0.44 10.59
CA ASP A 8 -15.85 1.85 10.21
C ASP A 8 -15.81 1.99 8.69
N ASN A 9 -14.83 1.35 8.07
CA ASN A 9 -14.69 1.40 6.62
C ASN A 9 -14.67 2.85 6.13
N TYR A 10 -14.29 3.02 4.86
CA TYR A 10 -14.23 4.35 4.25
C TYR A 10 -13.73 5.38 5.27
N TYR A 11 -12.88 4.93 6.17
CA TYR A 11 -12.31 5.81 7.20
C TYR A 11 -11.27 5.06 8.01
N GLY A 12 -10.47 4.25 7.33
CA GLY A 12 -9.43 3.49 8.00
C GLY A 12 -9.01 2.28 7.15
N ALA A 13 -9.23 2.39 5.84
CA ALA A 13 -8.89 1.33 4.92
C ALA A 13 -7.85 1.81 3.90
N ASP A 14 -7.91 3.10 3.58
CA ASP A 14 -6.97 3.68 2.63
C ASP A 14 -5.81 4.35 3.36
N ASN A 15 -6.06 4.80 4.58
CA ASN A 15 -5.02 5.45 5.37
C ASN A 15 -3.73 4.65 5.32
N GLN A 16 -3.85 3.37 5.01
CA GLN A 16 -2.68 2.50 4.93
C GLN A 16 -2.12 2.49 3.51
N SER A 17 -2.98 2.76 2.53
CA SER A 17 -2.57 2.78 1.14
C SER A 17 -1.70 4.00 0.85
N GLU A 18 -2.10 5.15 1.39
CA GLU A 18 -1.35 6.38 1.19
C GLU A 18 0.12 6.17 1.51
N CYS A 19 0.42 5.07 2.19
CA CYS A 19 1.79 4.76 2.57
C CYS A 19 2.62 4.40 1.33
N GLU A 20 1.95 3.90 0.30
CA GLU A 20 2.63 3.53 -0.94
C GLU A 20 2.64 4.71 -1.91
N TYR A 21 1.94 5.77 -1.54
CA TYR A 21 1.87 6.96 -2.38
C TYR A 21 3.27 7.38 -2.82
N THR A 22 4.26 7.08 -2.01
CA THR A 22 5.64 7.44 -2.33
C THR A 22 6.24 6.44 -3.30
N ASP A 23 5.66 5.25 -3.36
CA ASP A 23 6.14 4.21 -4.26
C ASP A 23 5.21 4.04 -5.46
N TRP A 24 3.94 3.75 -5.17
CA TRP A 24 2.95 3.58 -6.23
C TRP A 24 3.16 4.57 -7.37
N LYS A 25 3.63 5.76 -7.03
CA LYS A 25 3.87 6.78 -8.04
C LYS A 25 4.69 6.22 -9.19
N SER A 26 5.70 5.43 -8.84
CA SER A 26 6.58 4.83 -9.85
C SER A 26 6.37 3.32 -9.91
N SER A 27 6.12 2.72 -8.75
CA SER A 27 5.92 1.28 -8.67
C SER A 27 4.45 0.96 -8.39
N GLY A 28 3.55 1.59 -9.14
CA GLY A 28 2.12 1.37 -8.97
C GLY A 28 1.46 1.04 -10.29
N ALA A 29 2.23 1.11 -11.38
CA ALA A 29 1.70 0.83 -12.70
C ALA A 29 1.75 -0.68 -12.98
N LEU A 30 1.71 -1.47 -11.91
CA LEU A 30 1.76 -2.93 -12.05
C LEU A 30 1.41 -3.62 -10.74
N ILE A 31 1.70 -2.96 -9.62
CA ILE A 31 1.42 -3.55 -8.31
C ILE A 31 -0.09 -3.67 -8.05
N PRO A 32 -0.91 -2.71 -8.43
CA PRO A 32 -2.38 -2.78 -8.19
C PRO A 32 -2.96 -4.15 -8.54
N ALA A 33 -2.30 -4.85 -9.46
CA ALA A 33 -2.75 -6.17 -9.87
C ALA A 33 -2.73 -7.13 -8.69
N ILE A 34 -1.52 -7.41 -8.19
CA ILE A 34 -1.37 -8.31 -7.05
C ILE A 34 -1.99 -7.70 -5.80
N TYR A 35 -2.05 -6.38 -5.77
CA TYR A 35 -2.62 -5.68 -4.63
C TYR A 35 -4.14 -5.91 -4.57
N MET A 36 -4.83 -5.56 -5.65
CA MET A 36 -6.27 -5.74 -5.71
C MET A 36 -6.67 -7.08 -5.10
N LEU A 37 -6.19 -8.17 -5.70
CA LEU A 37 -6.49 -9.50 -5.21
C LEU A 37 -6.20 -9.60 -3.72
N VAL A 38 -5.11 -8.96 -3.29
CA VAL A 38 -4.73 -8.98 -1.88
C VAL A 38 -5.39 -7.82 -1.14
N PHE A 39 -6.22 -7.06 -1.86
CA PHE A 39 -6.90 -5.92 -1.26
C PHE A 39 -8.32 -6.31 -0.85
N LEU A 40 -9.09 -6.82 -1.81
CA LEU A 40 -10.46 -7.23 -1.53
C LEU A 40 -10.49 -8.51 -0.71
N LEU A 41 -9.31 -9.09 -0.49
CA LEU A 41 -9.20 -10.33 0.27
C LEU A 41 -8.24 -10.14 1.44
N GLY A 42 -7.50 -9.04 1.43
CA GLY A 42 -6.54 -8.74 2.49
C GLY A 42 -6.80 -7.37 3.10
N THR A 43 -7.73 -6.62 2.50
CA THR A 43 -8.04 -5.29 2.99
C THR A 43 -9.55 -5.07 3.00
N THR A 44 -10.30 -6.14 3.23
CA THR A 44 -11.75 -6.08 3.28
C THR A 44 -12.27 -6.72 4.56
N GLY A 45 -11.76 -7.91 4.85
CA GLY A 45 -12.16 -8.64 6.06
C GLY A 45 -10.93 -9.06 6.85
N ASN A 46 -9.79 -8.45 6.52
CA ASN A 46 -8.54 -8.77 7.20
C ASN A 46 -7.92 -7.51 7.80
N GLY A 47 -7.64 -6.53 6.95
CA GLY A 47 -7.05 -5.27 7.40
C GLY A 47 -7.98 -4.54 8.35
N LEU A 48 -9.24 -4.38 7.93
CA LEU A 48 -10.23 -3.69 8.75
C LEU A 48 -10.27 -4.30 10.15
N VAL A 49 -10.38 -5.62 10.21
CA VAL A 49 -10.42 -6.31 11.50
C VAL A 49 -9.15 -6.06 12.28
N LEU A 50 -8.05 -6.65 11.82
CA LEU A 50 -6.76 -6.48 12.49
C LEU A 50 -6.55 -5.02 12.88
N TRP A 51 -7.17 -4.12 12.12
CA TRP A 51 -7.04 -2.69 12.40
C TRP A 51 -7.99 -2.28 13.53
N THR A 52 -9.24 -2.70 13.44
CA THR A 52 -10.22 -2.37 14.46
C THR A 52 -9.87 -3.03 15.77
N VAL A 53 -9.47 -4.30 15.71
CA VAL A 53 -9.11 -5.04 16.91
C VAL A 53 -7.95 -4.36 17.63
N PHE A 54 -6.92 -3.99 16.87
CA PHE A 54 -5.76 -3.33 17.46
C PHE A 54 -6.18 -2.07 18.21
N ARG A 55 -7.40 -1.61 17.94
CA ARG A 55 -7.92 -0.41 18.60
C ARG A 55 -8.99 -0.76 19.61
N LYS A 56 -9.21 -2.07 19.82
CA LYS A 56 -10.21 -2.53 20.78
C LYS A 56 -9.55 -3.42 21.83
N LYS A 57 -8.44 -4.04 21.47
CA LYS A 57 -7.72 -4.91 22.40
C LYS A 57 -6.49 -4.20 22.96
N GLY A 58 -5.99 -3.22 22.22
CA GLY A 58 -4.82 -2.47 22.65
C GLY A 58 -5.19 -1.43 23.69
N HIS A 59 -6.42 -0.93 23.60
CA HIS A 59 -6.89 0.08 24.54
C HIS A 59 -6.94 -0.49 25.96
N HIS A 60 -6.77 -1.79 26.07
CA HIS A 60 -6.80 -2.45 27.37
C HIS A 60 -5.87 -3.67 27.38
N HIS A 61 -4.57 -3.43 27.26
CA HIS A 61 -3.60 -4.51 27.25
C HIS A 61 -2.21 -3.99 27.61
N HIS A 62 -1.52 -4.71 28.49
CA HIS A 62 -0.19 -4.32 28.92
C HIS A 62 -0.20 -2.93 29.54
N HIS A 63 0.35 -2.82 30.74
CA HIS A 63 0.38 -1.53 31.43
C HIS A 63 -1.00 -0.90 31.40
N HIS A 64 -2.00 -1.67 31.80
CA HIS A 64 -3.38 -1.20 31.82
C HIS A 64 -3.44 0.26 32.28
N MET A 1 -11.79 14.13 8.03
CA MET A 1 -12.92 14.65 7.23
C MET A 1 -12.42 15.74 6.29
N GLU A 2 -12.36 16.97 6.79
CA GLU A 2 -11.88 18.09 5.99
C GLU A 2 -12.44 18.01 4.57
N GLU A 3 -11.83 18.74 3.65
CA GLU A 3 -12.28 18.75 2.26
C GLU A 3 -11.39 19.66 1.41
N GLY A 4 -11.68 19.70 0.12
CA GLY A 4 -10.90 20.54 -0.80
C GLY A 4 -10.78 19.87 -2.16
N GLY A 5 -10.96 20.66 -3.22
CA GLY A 5 -10.85 20.14 -4.57
C GLY A 5 -9.48 19.51 -4.82
N ASP A 6 -8.74 20.09 -5.76
CA ASP A 6 -7.41 19.59 -6.09
C ASP A 6 -6.60 20.66 -6.80
N PHE A 7 -6.38 21.79 -6.12
CA PHE A 7 -5.62 22.89 -6.70
C PHE A 7 -6.09 23.18 -8.13
N ASP A 8 -5.30 23.96 -8.85
CA ASP A 8 -5.65 24.31 -10.23
C ASP A 8 -5.85 23.05 -11.07
N ASN A 9 -5.48 21.91 -10.50
CA ASN A 9 -5.63 20.63 -11.20
C ASN A 9 -5.22 20.78 -12.67
N TYR A 10 -6.20 21.03 -13.52
CA TYR A 10 -5.93 21.20 -14.94
C TYR A 10 -4.70 22.07 -15.16
N TYR A 11 -3.87 21.70 -16.14
CA TYR A 11 -2.67 22.45 -16.43
C TYR A 11 -1.73 22.44 -15.22
N GLY A 12 -1.67 21.30 -14.56
CA GLY A 12 -0.81 21.16 -13.39
C GLY A 12 -1.21 19.95 -12.55
N ALA A 13 -1.82 18.97 -13.21
CA ALA A 13 -2.25 17.75 -12.53
C ALA A 13 -1.63 16.53 -13.19
N ASP A 14 -1.37 16.63 -14.50
CA ASP A 14 -0.77 15.52 -15.23
C ASP A 14 0.71 15.78 -15.45
N ASN A 15 1.11 17.05 -15.42
CA ASN A 15 2.50 17.41 -15.63
C ASN A 15 3.41 16.56 -14.73
N GLN A 16 2.83 16.00 -13.69
CA GLN A 16 3.59 15.16 -12.76
C GLN A 16 3.49 13.69 -13.15
N SER A 17 2.39 13.34 -13.82
CA SER A 17 2.17 11.96 -14.25
C SER A 17 3.14 11.60 -15.38
N GLU A 18 3.35 12.53 -16.31
CA GLU A 18 4.25 12.30 -17.42
C GLU A 18 5.51 11.57 -16.96
N CYS A 19 5.83 11.72 -15.68
CA CYS A 19 7.01 11.07 -15.11
C CYS A 19 6.71 9.62 -14.76
N GLU A 20 5.50 9.39 -14.26
CA GLU A 20 5.10 8.04 -13.87
C GLU A 20 4.26 7.39 -14.98
N TYR A 21 4.09 8.11 -16.08
CA TYR A 21 3.31 7.59 -17.20
C TYR A 21 4.10 6.55 -17.98
N THR A 22 5.18 6.99 -18.61
CA THR A 22 6.02 6.08 -19.38
C THR A 22 6.37 4.84 -18.56
N ASP A 23 6.26 4.95 -17.25
CA ASP A 23 6.55 3.84 -16.36
C ASP A 23 5.30 3.04 -16.07
N TRP A 24 4.23 3.73 -15.71
CA TRP A 24 2.95 3.07 -15.40
C TRP A 24 2.64 2.02 -16.45
N LYS A 25 2.70 2.42 -17.72
CA LYS A 25 2.41 1.49 -18.81
C LYS A 25 3.15 0.18 -18.61
N SER A 26 4.25 0.23 -17.87
CA SER A 26 5.03 -0.98 -17.60
C SER A 26 4.74 -1.50 -16.20
N SER A 27 4.72 -0.60 -15.23
CA SER A 27 4.45 -0.99 -13.85
C SER A 27 2.95 -0.99 -13.57
N GLY A 28 2.16 -1.12 -14.63
CA GLY A 28 0.71 -1.14 -14.50
C GLY A 28 0.11 -2.32 -15.25
N ALA A 29 0.84 -3.43 -15.27
CA ALA A 29 0.37 -4.63 -15.95
C ALA A 29 0.71 -5.88 -15.14
N LEU A 30 1.27 -5.67 -13.96
CA LEU A 30 1.64 -6.80 -13.10
C LEU A 30 1.44 -6.44 -11.63
N ILE A 31 1.70 -5.18 -11.29
CA ILE A 31 1.54 -4.73 -9.91
C ILE A 31 0.06 -4.57 -9.55
N PRO A 32 -0.77 -4.14 -10.47
CA PRO A 32 -2.23 -3.94 -10.20
C PRO A 32 -2.90 -5.24 -9.76
N ALA A 33 -2.47 -6.35 -10.33
CA ALA A 33 -3.05 -7.65 -10.00
C ALA A 33 -2.99 -7.89 -8.50
N ILE A 34 -1.78 -8.09 -7.98
CA ILE A 34 -1.60 -8.33 -6.55
C ILE A 34 -2.32 -7.27 -5.74
N TYR A 35 -2.05 -6.01 -6.06
CA TYR A 35 -2.68 -4.91 -5.34
C TYR A 35 -4.16 -5.21 -5.09
N MET A 36 -4.89 -5.44 -6.18
CA MET A 36 -6.31 -5.73 -6.08
C MET A 36 -6.55 -6.86 -5.07
N LEU A 37 -6.00 -8.03 -5.35
CA LEU A 37 -6.17 -9.17 -4.47
C LEU A 37 -5.70 -8.84 -3.06
N VAL A 38 -5.00 -7.72 -2.92
CA VAL A 38 -4.50 -7.29 -1.62
C VAL A 38 -5.13 -5.95 -1.22
N PHE A 39 -6.06 -5.47 -2.04
CA PHE A 39 -6.74 -4.20 -1.77
C PHE A 39 -8.24 -4.42 -1.58
N LEU A 40 -8.72 -5.60 -1.96
CA LEU A 40 -10.14 -5.91 -1.84
C LEU A 40 -10.34 -7.16 -0.98
N LEU A 41 -9.27 -7.93 -0.82
CA LEU A 41 -9.34 -9.16 -0.01
C LEU A 41 -8.49 -8.97 1.24
N GLY A 42 -7.28 -8.45 1.08
CA GLY A 42 -6.40 -8.23 2.21
C GLY A 42 -6.66 -6.88 2.86
N THR A 43 -7.62 -6.13 2.33
CA THR A 43 -7.95 -4.81 2.87
C THR A 43 -9.46 -4.69 3.05
N THR A 44 -10.15 -5.82 3.10
CA THR A 44 -11.60 -5.83 3.27
C THR A 44 -11.99 -6.70 4.46
N GLY A 45 -11.27 -7.79 4.65
CA GLY A 45 -11.55 -8.71 5.75
C GLY A 45 -10.28 -9.03 6.51
N ASN A 46 -9.29 -8.15 6.41
CA ASN A 46 -8.01 -8.36 7.09
C ASN A 46 -7.55 -7.06 7.76
N GLY A 47 -7.69 -5.96 7.04
CA GLY A 47 -7.28 -4.66 7.58
C GLY A 47 -8.27 -4.18 8.63
N LEU A 48 -9.55 -4.34 8.34
CA LEU A 48 -10.60 -3.91 9.27
C LEU A 48 -10.39 -4.58 10.63
N VAL A 49 -10.21 -5.89 10.61
CA VAL A 49 -10.01 -6.63 11.85
C VAL A 49 -8.75 -6.15 12.57
N LEU A 50 -7.59 -6.47 12.02
CA LEU A 50 -6.32 -6.05 12.61
C LEU A 50 -6.41 -4.61 13.10
N TRP A 51 -7.29 -3.83 12.47
CA TRP A 51 -7.46 -2.44 12.85
C TRP A 51 -8.40 -2.31 14.04
N THR A 52 -9.54 -2.99 13.96
CA THR A 52 -10.52 -2.95 15.04
C THR A 52 -9.96 -3.62 16.29
N VAL A 53 -9.33 -4.77 16.11
CA VAL A 53 -8.76 -5.49 17.24
C VAL A 53 -7.73 -4.64 17.97
N PHE A 54 -6.82 -4.03 17.22
CA PHE A 54 -5.79 -3.19 17.81
C PHE A 54 -6.42 -2.10 18.66
N ARG A 55 -7.72 -1.86 18.47
CA ARG A 55 -8.43 -0.84 19.23
C ARG A 55 -9.29 -1.48 20.31
N LYS A 56 -9.42 -2.80 20.26
CA LYS A 56 -10.21 -3.52 21.25
C LYS A 56 -9.30 -4.25 22.23
N LYS A 57 -8.08 -4.55 21.78
CA LYS A 57 -7.11 -5.23 22.62
C LYS A 57 -6.17 -4.21 23.25
N GLY A 58 -6.10 -3.03 22.63
CA GLY A 58 -5.25 -1.97 23.14
C GLY A 58 -5.65 -1.61 24.57
N HIS A 59 -6.95 -1.45 24.76
CA HIS A 59 -7.48 -1.11 26.06
C HIS A 59 -9.00 -1.33 26.09
N HIS A 60 -9.48 -2.17 25.18
CA HIS A 60 -10.90 -2.47 25.11
C HIS A 60 -11.71 -1.20 25.32
N HIS A 61 -11.11 -0.06 24.99
CA HIS A 61 -11.78 1.23 25.15
C HIS A 61 -12.28 1.74 23.81
N HIS A 62 -12.06 3.03 23.55
CA HIS A 62 -12.50 3.63 22.29
C HIS A 62 -11.33 3.76 21.33
N HIS A 63 -10.52 4.79 21.54
CA HIS A 63 -9.36 5.03 20.67
C HIS A 63 -8.08 4.53 21.34
N HIS A 64 -8.15 3.35 21.94
CA HIS A 64 -7.01 2.77 22.62
C HIS A 64 -6.26 3.84 23.41
N MET A 1 -16.40 9.23 29.38
CA MET A 1 -16.12 7.93 28.70
C MET A 1 -15.87 8.18 27.22
N GLU A 2 -14.65 8.59 26.90
CA GLU A 2 -14.29 8.86 25.51
C GLU A 2 -13.97 7.56 24.77
N GLU A 3 -14.54 7.41 23.59
CA GLU A 3 -14.31 6.21 22.78
C GLU A 3 -14.92 6.36 21.40
N GLY A 4 -14.52 7.41 20.69
CA GLY A 4 -15.04 7.66 19.34
C GLY A 4 -14.29 8.79 18.67
N GLY A 5 -13.03 8.55 18.34
CA GLY A 5 -12.20 9.56 17.68
C GLY A 5 -12.35 9.48 16.18
N ASP A 6 -11.74 8.47 15.58
CA ASP A 6 -11.81 8.28 14.13
C ASP A 6 -11.18 9.48 13.41
N PHE A 7 -9.94 9.79 13.77
CA PHE A 7 -9.24 10.91 13.15
C PHE A 7 -7.73 10.76 13.34
N ASP A 8 -7.09 10.05 12.42
CA ASP A 8 -5.65 9.83 12.49
C ASP A 8 -5.06 9.66 11.09
N ASN A 9 -5.84 10.02 10.08
CA ASN A 9 -5.39 9.89 8.70
C ASN A 9 -4.14 10.73 8.47
N TYR A 10 -4.33 11.97 8.03
CA TYR A 10 -3.21 12.86 7.77
C TYR A 10 -2.16 12.73 8.88
N TYR A 11 -0.89 12.63 8.48
CA TYR A 11 0.19 12.50 9.44
C TYR A 11 0.09 11.17 10.19
N GLY A 12 -0.23 10.11 9.46
CA GLY A 12 -0.36 8.78 10.05
C GLY A 12 -0.80 7.76 9.01
N ALA A 13 -1.41 8.25 7.94
CA ALA A 13 -1.87 7.36 6.88
C ALA A 13 -0.82 7.25 5.79
N ASP A 14 0.00 8.30 5.65
CA ASP A 14 1.05 8.30 4.65
C ASP A 14 2.41 8.09 5.30
N ASN A 15 2.45 8.26 6.63
CA ASN A 15 3.69 8.08 7.37
C ASN A 15 4.26 6.68 7.14
N GLN A 16 3.40 5.76 6.71
CA GLN A 16 3.82 4.39 6.46
C GLN A 16 4.04 4.17 4.97
N SER A 17 3.80 5.20 4.17
CA SER A 17 3.98 5.10 2.73
C SER A 17 5.32 5.68 2.31
N GLU A 18 5.72 6.77 2.97
CA GLU A 18 7.00 7.41 2.65
C GLU A 18 8.10 6.38 2.55
N CYS A 19 7.86 5.20 3.11
CA CYS A 19 8.85 4.13 3.08
C CYS A 19 8.90 3.49 1.69
N GLU A 20 7.73 3.29 1.09
CA GLU A 20 7.66 2.68 -0.23
C GLU A 20 7.53 3.76 -1.30
N TYR A 21 7.35 5.01 -0.88
CA TYR A 21 7.21 6.11 -1.81
C TYR A 21 8.40 6.15 -2.77
N THR A 22 9.55 5.71 -2.29
CA THR A 22 10.76 5.70 -3.12
C THR A 22 10.80 4.45 -4.00
N ASP A 23 9.73 3.66 -3.94
CA ASP A 23 9.66 2.44 -4.73
C ASP A 23 8.38 2.43 -5.57
N TRP A 24 7.24 2.59 -4.90
CA TRP A 24 5.96 2.61 -5.59
C TRP A 24 6.05 3.40 -6.90
N LYS A 25 6.82 4.47 -6.87
CA LYS A 25 6.99 5.31 -8.06
C LYS A 25 7.25 4.44 -9.28
N SER A 26 8.04 3.40 -9.09
CA SER A 26 8.37 2.49 -10.19
C SER A 26 7.71 1.13 -9.98
N SER A 27 7.62 0.70 -8.73
CA SER A 27 7.01 -0.59 -8.42
C SER A 27 5.55 -0.39 -8.01
N GLY A 28 4.91 0.63 -8.57
CA GLY A 28 3.52 0.91 -8.26
C GLY A 28 2.72 1.20 -9.52
N ALA A 29 3.16 0.61 -10.64
CA ALA A 29 2.48 0.81 -11.92
C ALA A 29 2.20 -0.53 -12.59
N LEU A 30 2.39 -1.61 -11.85
CA LEU A 30 2.15 -2.95 -12.40
C LEU A 30 1.78 -3.94 -11.29
N ILE A 31 2.39 -3.78 -10.12
CA ILE A 31 2.12 -4.65 -9.00
C ILE A 31 0.78 -4.34 -8.33
N PRO A 32 0.38 -3.08 -8.28
CA PRO A 32 -0.90 -2.68 -7.63
C PRO A 32 -2.10 -3.44 -8.19
N ALA A 33 -1.95 -3.95 -9.41
CA ALA A 33 -3.03 -4.69 -10.05
C ALA A 33 -3.37 -5.93 -9.24
N ILE A 34 -2.46 -6.89 -9.22
CA ILE A 34 -2.66 -8.12 -8.47
C ILE A 34 -2.88 -7.81 -6.99
N TYR A 35 -2.17 -6.80 -6.51
CA TYR A 35 -2.29 -6.40 -5.12
C TYR A 35 -3.72 -6.01 -4.78
N MET A 36 -4.21 -4.97 -5.45
CA MET A 36 -5.58 -4.51 -5.22
C MET A 36 -6.53 -5.68 -5.06
N LEU A 37 -6.50 -6.61 -6.02
CA LEU A 37 -7.36 -7.78 -5.96
C LEU A 37 -7.12 -8.58 -4.69
N VAL A 38 -5.86 -8.61 -4.25
CA VAL A 38 -5.50 -9.34 -3.04
C VAL A 38 -5.48 -8.40 -1.83
N PHE A 39 -5.79 -7.13 -2.08
CA PHE A 39 -5.80 -6.15 -1.01
C PHE A 39 -7.22 -5.98 -0.47
N LEU A 40 -8.14 -5.59 -1.34
CA LEU A 40 -9.53 -5.40 -0.93
C LEU A 40 -10.14 -6.73 -0.53
N LEU A 41 -9.42 -7.82 -0.79
CA LEU A 41 -9.91 -9.15 -0.45
C LEU A 41 -9.67 -9.42 1.03
N GLY A 42 -8.40 -9.37 1.41
CA GLY A 42 -8.03 -9.61 2.80
C GLY A 42 -8.27 -8.36 3.65
N THR A 43 -7.78 -7.22 3.16
CA THR A 43 -7.95 -5.96 3.89
C THR A 43 -9.41 -5.74 4.26
N THR A 44 -10.28 -6.62 3.77
CA THR A 44 -11.71 -6.51 4.07
C THR A 44 -12.14 -7.60 5.03
N GLY A 45 -11.45 -8.73 4.98
CA GLY A 45 -11.75 -9.86 5.86
C GLY A 45 -10.52 -10.31 6.63
N ASN A 46 -9.57 -9.39 6.81
CA ASN A 46 -8.35 -9.70 7.53
C ASN A 46 -7.76 -8.45 8.17
N GLY A 47 -7.59 -7.40 7.36
CA GLY A 47 -7.03 -6.15 7.85
C GLY A 47 -8.03 -5.47 8.79
N LEU A 48 -9.31 -5.52 8.44
CA LEU A 48 -10.34 -4.91 9.26
C LEU A 48 -10.29 -5.46 10.67
N VAL A 49 -10.37 -6.78 10.81
CA VAL A 49 -10.32 -7.41 12.12
C VAL A 49 -9.03 -7.05 12.83
N LEU A 50 -7.90 -7.49 12.27
CA LEU A 50 -6.61 -7.21 12.87
C LEU A 50 -6.50 -5.73 13.22
N TRP A 51 -7.18 -4.89 12.45
CA TRP A 51 -7.17 -3.45 12.69
C TRP A 51 -8.11 -3.10 13.84
N THR A 52 -9.29 -3.71 13.83
CA THR A 52 -10.27 -3.45 14.87
C THR A 52 -9.77 -3.96 16.21
N VAL A 53 -9.28 -5.20 16.22
CA VAL A 53 -8.77 -5.79 17.45
C VAL A 53 -7.69 -4.90 18.06
N PHE A 54 -6.78 -4.44 17.21
CA PHE A 54 -5.69 -3.58 17.68
C PHE A 54 -6.25 -2.26 18.20
N ARG A 55 -7.39 -1.86 17.67
CA ARG A 55 -8.03 -0.61 18.08
C ARG A 55 -8.87 -0.83 19.34
N LYS A 56 -9.08 -2.10 19.68
CA LYS A 56 -9.89 -2.44 20.85
C LYS A 56 -8.98 -2.79 22.04
N LYS A 57 -7.83 -3.38 21.73
CA LYS A 57 -6.89 -3.77 22.78
C LYS A 57 -5.91 -2.64 23.07
N GLY A 58 -5.88 -1.65 22.17
CA GLY A 58 -4.98 -0.51 22.33
C GLY A 58 -5.65 0.61 23.11
N HIS A 59 -6.83 1.02 22.65
CA HIS A 59 -7.57 2.08 23.31
C HIS A 59 -8.15 1.59 24.64
N HIS A 60 -7.74 0.39 25.04
CA HIS A 60 -8.23 -0.19 26.29
C HIS A 60 -7.97 0.77 27.45
N HIS A 61 -6.77 1.34 27.48
CA HIS A 61 -6.41 2.27 28.55
C HIS A 61 -5.50 3.38 28.00
N HIS A 62 -4.74 4.00 28.90
CA HIS A 62 -3.84 5.07 28.49
C HIS A 62 -2.44 4.51 28.23
N HIS A 63 -1.80 4.02 29.28
CA HIS A 63 -0.46 3.47 29.14
C HIS A 63 -0.52 1.94 29.02
N HIS A 64 -1.49 1.45 28.25
CA HIS A 64 -1.66 0.02 28.05
C HIS A 64 -1.59 -0.71 29.39
N MET A 1 -14.20 16.06 -5.62
CA MET A 1 -13.91 16.28 -4.18
C MET A 1 -12.67 17.15 -4.03
N GLU A 2 -11.52 16.56 -4.33
CA GLU A 2 -10.26 17.28 -4.23
C GLU A 2 -10.05 18.15 -5.47
N GLU A 3 -10.89 19.16 -5.63
CA GLU A 3 -10.78 20.06 -6.78
C GLU A 3 -11.00 19.29 -8.08
N GLY A 4 -11.51 19.99 -9.09
CA GLY A 4 -11.77 19.37 -10.38
C GLY A 4 -12.00 20.43 -11.46
N GLY A 5 -11.19 20.38 -12.51
CA GLY A 5 -11.31 21.34 -13.60
C GLY A 5 -10.99 20.68 -14.94
N ASP A 6 -10.32 21.42 -15.81
CA ASP A 6 -9.97 20.90 -17.13
C ASP A 6 -9.33 21.99 -17.98
N PHE A 7 -8.08 22.34 -17.65
CA PHE A 7 -7.37 23.38 -18.39
C PHE A 7 -6.56 22.75 -19.52
N ASP A 8 -6.79 23.23 -20.74
CA ASP A 8 -6.08 22.72 -21.91
C ASP A 8 -5.99 21.20 -21.85
N ASN A 9 -6.91 20.58 -21.11
CA ASN A 9 -6.92 19.13 -20.98
C ASN A 9 -6.81 18.47 -22.35
N TYR A 10 -7.82 18.68 -23.19
CA TYR A 10 -7.82 18.10 -24.52
C TYR A 10 -6.78 18.78 -25.41
N TYR A 11 -5.62 19.07 -24.84
CA TYR A 11 -4.55 19.73 -25.58
C TYR A 11 -3.25 19.71 -24.77
N GLY A 12 -3.02 18.60 -24.08
CA GLY A 12 -1.82 18.45 -23.28
C GLY A 12 -2.07 17.56 -22.07
N ALA A 13 -3.04 16.65 -22.22
CA ALA A 13 -3.38 15.73 -21.15
C ALA A 13 -2.91 14.31 -21.48
N ASP A 14 -3.00 13.95 -22.75
CA ASP A 14 -2.58 12.63 -23.20
C ASP A 14 -1.09 12.64 -23.58
N ASN A 15 -0.60 13.81 -23.97
CA ASN A 15 0.80 13.95 -24.35
C ASN A 15 1.71 13.40 -23.26
N GLN A 16 1.15 13.22 -22.07
CA GLN A 16 1.93 12.71 -20.94
C GLN A 16 1.65 11.23 -20.74
N SER A 17 0.59 10.74 -21.36
CA SER A 17 0.21 9.33 -21.24
C SER A 17 0.72 8.53 -22.44
N GLU A 18 0.88 9.21 -23.57
CA GLU A 18 1.36 8.56 -24.78
C GLU A 18 2.70 7.89 -24.53
N CYS A 19 3.26 8.12 -23.34
CA CYS A 19 4.55 7.53 -22.99
C CYS A 19 4.36 6.31 -22.10
N GLU A 20 3.36 6.37 -21.23
CA GLU A 20 3.07 5.26 -20.31
C GLU A 20 2.12 4.26 -20.97
N TYR A 21 1.31 4.75 -21.90
CA TYR A 21 0.36 3.89 -22.59
C TYR A 21 1.05 2.63 -23.11
N THR A 22 2.30 2.78 -23.54
CA THR A 22 3.05 1.65 -24.06
C THR A 22 3.52 0.75 -22.92
N ASP A 23 3.52 1.30 -21.70
CA ASP A 23 3.94 0.53 -20.54
C ASP A 23 2.75 -0.10 -19.84
N TRP A 24 1.75 0.73 -19.52
CA TRP A 24 0.56 0.24 -18.84
C TRP A 24 0.05 -1.04 -19.51
N LYS A 25 -0.12 -0.98 -20.83
CA LYS A 25 -0.60 -2.13 -21.58
C LYS A 25 0.20 -3.38 -21.22
N SER A 26 1.41 -3.17 -20.72
CA SER A 26 2.27 -4.29 -20.33
C SER A 26 2.22 -4.50 -18.83
N SER A 27 2.36 -3.43 -18.07
CA SER A 27 2.33 -3.51 -16.62
C SER A 27 0.89 -3.46 -16.10
N GLY A 28 -0.07 -3.63 -17.02
CA GLY A 28 -1.48 -3.59 -16.66
C GLY A 28 -2.18 -4.88 -17.09
N ALA A 29 -1.46 -5.99 -16.99
CA ALA A 29 -2.02 -7.28 -17.37
C ALA A 29 -1.50 -8.39 -16.46
N LEU A 30 -0.62 -8.02 -15.53
CA LEU A 30 -0.06 -8.99 -14.61
C LEU A 30 0.04 -8.41 -13.20
N ILE A 31 0.32 -7.12 -13.12
CA ILE A 31 0.43 -6.46 -11.83
C ILE A 31 -0.95 -6.23 -11.19
N PRO A 32 -1.97 -5.97 -11.97
CA PRO A 32 -3.34 -5.74 -11.43
C PRO A 32 -3.87 -6.95 -10.68
N ALA A 33 -3.33 -8.11 -11.00
CA ALA A 33 -3.76 -9.35 -10.36
C ALA A 33 -3.53 -9.28 -8.85
N ILE A 34 -2.26 -9.30 -8.45
CA ILE A 34 -1.93 -9.23 -7.02
C ILE A 34 -2.53 -7.97 -6.40
N TYR A 35 -2.31 -6.84 -7.06
CA TYR A 35 -2.83 -5.56 -6.57
C TYR A 35 -4.24 -5.74 -6.01
N MET A 36 -5.08 -6.42 -6.79
CA MET A 36 -6.47 -6.64 -6.36
C MET A 36 -6.51 -7.36 -5.03
N LEU A 37 -5.86 -8.52 -4.95
CA LEU A 37 -5.84 -9.29 -3.71
C LEU A 37 -5.19 -8.49 -2.59
N VAL A 38 -4.16 -7.73 -2.93
CA VAL A 38 -3.48 -6.91 -1.93
C VAL A 38 -4.27 -5.64 -1.65
N PHE A 39 -5.30 -5.40 -2.46
CA PHE A 39 -6.13 -4.21 -2.29
C PHE A 39 -7.41 -4.56 -1.56
N LEU A 40 -8.14 -5.55 -2.07
CA LEU A 40 -9.39 -5.96 -1.45
C LEU A 40 -9.13 -7.00 -0.35
N LEU A 41 -7.99 -7.68 -0.44
CA LEU A 41 -7.62 -8.69 0.54
C LEU A 41 -6.37 -8.26 1.29
N GLY A 42 -6.13 -6.96 1.32
CA GLY A 42 -4.95 -6.43 2.00
C GLY A 42 -5.20 -5.00 2.49
N THR A 43 -6.00 -4.24 1.74
CA THR A 43 -6.30 -2.86 2.11
C THR A 43 -7.80 -2.67 2.34
N THR A 44 -8.44 -3.70 2.89
CA THR A 44 -9.87 -3.62 3.16
C THR A 44 -10.20 -4.29 4.48
N GLY A 45 -9.88 -5.58 4.59
CA GLY A 45 -10.13 -6.32 5.82
C GLY A 45 -8.97 -6.16 6.80
N ASN A 46 -7.84 -5.67 6.29
CA ASN A 46 -6.67 -5.47 7.13
C ASN A 46 -6.92 -4.35 8.14
N GLY A 47 -7.28 -3.18 7.63
CA GLY A 47 -7.54 -2.03 8.50
C GLY A 47 -8.65 -2.35 9.48
N LEU A 48 -9.79 -2.83 8.97
CA LEU A 48 -10.91 -3.16 9.82
C LEU A 48 -10.45 -4.05 10.98
N VAL A 49 -9.66 -5.07 10.66
CA VAL A 49 -9.16 -5.98 11.68
C VAL A 49 -8.28 -5.23 12.67
N LEU A 50 -7.23 -4.59 12.18
CA LEU A 50 -6.33 -3.84 13.04
C LEU A 50 -7.08 -2.72 13.75
N TRP A 51 -8.31 -2.47 13.31
CA TRP A 51 -9.12 -1.42 13.91
C TRP A 51 -10.12 -2.02 14.90
N THR A 52 -10.65 -3.18 14.57
CA THR A 52 -11.60 -3.84 15.45
C THR A 52 -10.85 -4.58 16.55
N VAL A 53 -9.77 -5.25 16.17
CA VAL A 53 -8.96 -5.99 17.13
C VAL A 53 -8.27 -5.02 18.09
N PHE A 54 -7.94 -3.84 17.59
CA PHE A 54 -7.29 -2.82 18.40
C PHE A 54 -8.15 -2.48 19.61
N ARG A 55 -9.45 -2.72 19.49
CA ARG A 55 -10.37 -2.41 20.58
C ARG A 55 -10.60 -3.65 21.46
N LYS A 56 -10.35 -4.82 20.90
CA LYS A 56 -10.53 -6.07 21.64
C LYS A 56 -9.23 -6.47 22.33
N LYS A 57 -8.11 -6.06 21.74
CA LYS A 57 -6.80 -6.39 22.30
C LYS A 57 -6.20 -5.16 23.00
N GLY A 58 -6.85 -4.02 22.83
CA GLY A 58 -6.38 -2.78 23.44
C GLY A 58 -6.97 -2.61 24.84
N HIS A 59 -8.18 -3.10 25.02
CA HIS A 59 -8.84 -3.00 26.32
C HIS A 59 -7.97 -3.59 27.42
N HIS A 60 -7.51 -4.82 27.20
CA HIS A 60 -6.65 -5.48 28.18
C HIS A 60 -5.24 -4.92 28.14
N HIS A 61 -5.12 -3.62 28.39
CA HIS A 61 -3.81 -2.97 28.38
C HIS A 61 -2.96 -3.46 29.53
N HIS A 62 -3.58 -3.63 30.70
CA HIS A 62 -2.86 -4.10 31.88
C HIS A 62 -3.84 -4.51 32.97
N HIS A 63 -4.57 -3.53 33.50
CA HIS A 63 -5.54 -3.79 34.55
C HIS A 63 -6.96 -3.85 33.98
N HIS A 64 -7.10 -4.50 32.84
CA HIS A 64 -8.40 -4.61 32.19
C HIS A 64 -9.09 -3.26 32.11
N MET A 1 -16.06 -15.18 6.92
CA MET A 1 -14.70 -15.79 6.86
C MET A 1 -13.79 -14.89 6.03
N GLU A 2 -12.75 -14.35 6.69
CA GLU A 2 -11.81 -13.48 6.02
C GLU A 2 -12.55 -12.43 5.19
N GLU A 3 -13.02 -11.38 5.85
CA GLU A 3 -13.74 -10.32 5.16
C GLU A 3 -14.15 -9.23 6.14
N GLY A 4 -14.62 -8.10 5.61
CA GLY A 4 -15.03 -6.98 6.44
C GLY A 4 -15.59 -5.84 5.59
N GLY A 5 -15.10 -4.63 5.86
CA GLY A 5 -15.56 -3.46 5.11
C GLY A 5 -14.49 -2.99 4.13
N ASP A 6 -14.09 -1.72 4.25
CA ASP A 6 -13.09 -1.17 3.37
C ASP A 6 -12.70 0.24 3.82
N PHE A 7 -12.06 0.33 4.98
CA PHE A 7 -11.65 1.62 5.52
C PHE A 7 -10.26 1.51 6.15
N ASP A 8 -9.26 1.25 5.33
CA ASP A 8 -7.89 1.12 5.83
C ASP A 8 -6.88 1.35 4.71
N ASN A 9 -7.34 1.99 3.64
CA ASN A 9 -6.46 2.26 2.50
C ASN A 9 -5.30 3.15 2.92
N TYR A 10 -5.59 4.40 3.22
CA TYR A 10 -4.57 5.34 3.63
C TYR A 10 -4.05 5.01 5.03
N TYR A 11 -3.89 3.72 5.29
CA TYR A 11 -3.40 3.27 6.59
C TYR A 11 -3.06 1.78 6.53
N GLY A 12 -2.45 1.36 5.43
CA GLY A 12 -2.07 -0.04 5.26
C GLY A 12 -2.01 -0.42 3.79
N ALA A 13 -1.67 0.55 2.96
CA ALA A 13 -1.57 0.32 1.51
C ALA A 13 -0.23 0.80 0.97
N ASP A 14 0.34 1.81 1.63
CA ASP A 14 1.62 2.36 1.20
C ASP A 14 2.77 1.53 1.77
N ASN A 15 2.61 1.07 3.00
CA ASN A 15 3.63 0.27 3.65
C ASN A 15 4.05 -0.90 2.76
N GLN A 16 3.10 -1.44 2.02
CA GLN A 16 3.37 -2.56 1.11
C GLN A 16 3.62 -2.06 -0.30
N SER A 17 3.66 -0.74 -0.45
CA SER A 17 3.90 -0.15 -1.77
C SER A 17 5.33 0.36 -1.89
N GLU A 18 5.80 1.06 -0.87
CA GLU A 18 7.16 1.59 -0.87
C GLU A 18 8.13 0.58 -1.48
N CYS A 19 8.19 -0.60 -0.89
CA CYS A 19 9.07 -1.65 -1.37
C CYS A 19 8.83 -1.93 -2.85
N GLU A 20 7.59 -1.71 -3.29
CA GLU A 20 7.23 -1.94 -4.68
C GLU A 20 6.97 -0.62 -5.41
N TYR A 21 7.41 0.48 -4.81
CA TYR A 21 7.21 1.80 -5.41
C TYR A 21 8.23 2.02 -6.53
N THR A 22 9.50 1.85 -6.21
CA THR A 22 10.56 2.03 -7.18
C THR A 22 10.33 1.13 -8.39
N ASP A 23 9.44 0.16 -8.23
CA ASP A 23 9.13 -0.77 -9.31
C ASP A 23 7.79 -0.42 -9.96
N TRP A 24 6.75 -0.29 -9.14
CA TRP A 24 5.42 0.03 -9.63
C TRP A 24 5.49 1.05 -10.77
N LYS A 25 6.35 2.04 -10.61
CA LYS A 25 6.50 3.08 -11.63
C LYS A 25 6.54 2.46 -13.02
N SER A 26 7.20 1.31 -13.13
CA SER A 26 7.31 0.62 -14.41
C SER A 26 6.51 -0.68 -14.40
N SER A 27 6.50 -1.35 -13.26
CA SER A 27 5.76 -2.61 -13.13
C SER A 27 4.34 -2.35 -12.63
N GLY A 28 3.91 -1.10 -12.74
CA GLY A 28 2.56 -0.73 -12.30
C GLY A 28 1.52 -1.11 -13.35
N ALA A 29 1.98 -1.62 -14.47
CA ALA A 29 1.08 -2.03 -15.55
C ALA A 29 0.69 -3.49 -15.40
N LEU A 30 1.33 -4.19 -14.47
CA LEU A 30 1.05 -5.60 -14.25
C LEU A 30 0.84 -5.90 -12.76
N ILE A 31 1.24 -4.96 -11.90
CA ILE A 31 1.09 -5.14 -10.47
C ILE A 31 -0.34 -4.87 -10.00
N PRO A 32 -1.05 -3.95 -10.61
CA PRO A 32 -2.45 -3.63 -10.20
C PRO A 32 -3.35 -4.86 -10.17
N ALA A 33 -2.91 -5.92 -10.85
CA ALA A 33 -3.67 -7.16 -10.89
C ALA A 33 -3.68 -7.82 -9.52
N ILE A 34 -2.50 -8.21 -9.05
CA ILE A 34 -2.38 -8.84 -7.75
C ILE A 34 -2.81 -7.86 -6.66
N TYR A 35 -2.33 -6.63 -6.76
CA TYR A 35 -2.66 -5.60 -5.78
C TYR A 35 -4.15 -5.69 -5.44
N MET A 36 -4.98 -5.67 -6.47
CA MET A 36 -6.42 -5.74 -6.28
C MET A 36 -6.76 -6.87 -5.30
N LEU A 37 -6.47 -8.09 -5.70
CA LEU A 37 -6.75 -9.25 -4.85
C LEU A 37 -6.16 -9.03 -3.46
N VAL A 38 -4.94 -8.49 -3.41
CA VAL A 38 -4.28 -8.24 -2.13
C VAL A 38 -4.79 -6.95 -1.49
N PHE A 39 -5.68 -6.25 -2.21
CA PHE A 39 -6.24 -5.01 -1.69
C PHE A 39 -7.67 -5.21 -1.22
N LEU A 40 -8.39 -6.11 -1.89
CA LEU A 40 -9.77 -6.38 -1.53
C LEU A 40 -9.85 -7.58 -0.58
N LEU A 41 -8.70 -8.19 -0.30
CA LEU A 41 -8.65 -9.34 0.61
C LEU A 41 -7.68 -9.06 1.75
N GLY A 42 -6.66 -8.26 1.47
CA GLY A 42 -5.66 -7.92 2.49
C GLY A 42 -5.97 -6.58 3.13
N THR A 43 -7.02 -5.92 2.64
CA THR A 43 -7.42 -4.62 3.17
C THR A 43 -8.93 -4.57 3.38
N THR A 44 -9.55 -5.73 3.49
CA THR A 44 -10.99 -5.82 3.69
C THR A 44 -11.31 -6.61 4.96
N GLY A 45 -10.53 -7.65 5.22
CA GLY A 45 -10.72 -8.48 6.40
C GLY A 45 -9.40 -8.72 7.12
N ASN A 46 -8.41 -7.88 6.83
CA ASN A 46 -7.10 -8.00 7.45
C ASN A 46 -6.69 -6.67 8.10
N GLY A 47 -6.87 -5.58 7.37
CA GLY A 47 -6.52 -4.26 7.89
C GLY A 47 -7.58 -3.77 8.87
N LEU A 48 -8.84 -3.86 8.47
CA LEU A 48 -9.94 -3.43 9.31
C LEU A 48 -9.94 -4.20 10.63
N VAL A 49 -9.68 -5.51 10.54
CA VAL A 49 -9.65 -6.35 11.74
C VAL A 49 -8.48 -5.95 12.64
N LEU A 50 -7.27 -6.10 12.13
CA LEU A 50 -6.08 -5.76 12.90
C LEU A 50 -6.18 -4.35 13.47
N TRP A 51 -6.98 -3.51 12.80
CA TRP A 51 -7.15 -2.13 13.23
C TRP A 51 -8.25 -2.05 14.30
N THR A 52 -9.39 -2.67 14.01
CA THR A 52 -10.51 -2.65 14.95
C THR A 52 -10.14 -3.38 16.24
N VAL A 53 -9.42 -4.49 16.10
CA VAL A 53 -9.01 -5.28 17.25
C VAL A 53 -8.08 -4.46 18.15
N PHE A 54 -7.11 -3.79 17.55
CA PHE A 54 -6.16 -2.99 18.30
C PHE A 54 -6.89 -1.97 19.17
N ARG A 55 -8.15 -1.71 18.84
CA ARG A 55 -8.95 -0.74 19.58
C ARG A 55 -10.00 -1.44 20.44
N LYS A 56 -9.97 -2.78 20.42
CA LYS A 56 -10.92 -3.56 21.22
C LYS A 56 -10.17 -4.43 22.22
N LYS A 57 -8.93 -4.76 21.89
CA LYS A 57 -8.11 -5.59 22.77
C LYS A 57 -7.10 -4.74 23.53
N GLY A 58 -6.72 -3.61 22.93
CA GLY A 58 -5.77 -2.70 23.57
C GLY A 58 -6.47 -1.83 24.60
N HIS A 59 -7.71 -1.46 24.32
CA HIS A 59 -8.48 -0.63 25.23
C HIS A 59 -8.93 -1.43 26.44
N HIS A 60 -8.79 -2.75 26.36
CA HIS A 60 -9.19 -3.63 27.45
C HIS A 60 -8.46 -4.96 27.37
N HIS A 61 -7.31 -5.04 28.06
CA HIS A 61 -6.51 -6.25 28.06
C HIS A 61 -7.29 -7.41 28.69
N HIS A 62 -7.32 -7.45 30.02
CA HIS A 62 -8.03 -8.50 30.73
C HIS A 62 -8.70 -7.95 31.98
N HIS A 63 -7.93 -7.82 33.06
CA HIS A 63 -8.46 -7.31 34.31
C HIS A 63 -8.39 -5.78 34.35
N HIS A 64 -8.68 -5.16 33.21
CA HIS A 64 -8.65 -3.70 33.11
C HIS A 64 -7.44 -3.15 33.85
N MET A 1 -12.60 -7.23 1.68
CA MET A 1 -13.70 -7.23 0.67
C MET A 1 -14.57 -5.99 0.88
N GLU A 2 -15.24 -5.93 2.03
CA GLU A 2 -16.11 -4.80 2.35
C GLU A 2 -15.32 -3.71 3.07
N GLU A 3 -15.72 -2.47 2.85
CA GLU A 3 -15.06 -1.33 3.48
C GLU A 3 -13.56 -1.37 3.19
N GLY A 4 -12.81 -0.49 3.85
CA GLY A 4 -11.37 -0.42 3.66
C GLY A 4 -10.64 -0.31 5.00
N GLY A 5 -9.68 0.60 5.07
CA GLY A 5 -8.92 0.80 6.29
C GLY A 5 -7.83 1.85 6.10
N ASP A 6 -6.80 1.49 5.33
CA ASP A 6 -5.70 2.42 5.07
C ASP A 6 -4.94 2.71 6.35
N PHE A 7 -4.41 1.67 6.99
CA PHE A 7 -3.65 1.83 8.22
C PHE A 7 -2.39 0.97 8.21
N ASP A 8 -1.70 0.97 7.06
CA ASP A 8 -0.49 0.18 6.92
C ASP A 8 0.58 0.98 6.18
N ASN A 9 0.29 2.26 5.94
CA ASN A 9 1.23 3.12 5.24
C ASN A 9 2.56 3.18 5.97
N TYR A 10 3.43 4.09 5.55
CA TYR A 10 4.73 4.24 6.18
C TYR A 10 5.38 2.88 6.44
N TYR A 11 6.26 2.47 5.53
CA TYR A 11 6.94 1.19 5.67
C TYR A 11 5.96 0.03 5.42
N GLY A 12 5.09 0.22 4.43
CA GLY A 12 4.10 -0.79 4.09
C GLY A 12 3.38 -0.43 2.80
N ALA A 13 3.40 0.85 2.47
CA ALA A 13 2.74 1.32 1.25
C ALA A 13 3.77 1.58 0.15
N ASP A 14 5.01 1.85 0.57
CA ASP A 14 6.08 2.10 -0.37
C ASP A 14 6.98 0.87 -0.49
N ASN A 15 6.89 0.00 0.50
CA ASN A 15 7.70 -1.21 0.51
C ASN A 15 7.34 -2.10 -0.68
N GLN A 16 6.07 -2.07 -1.08
CA GLN A 16 5.61 -2.88 -2.20
C GLN A 16 5.66 -2.06 -3.49
N SER A 17 6.39 -0.96 -3.45
CA SER A 17 6.52 -0.08 -4.63
C SER A 17 7.97 -0.04 -5.11
N GLU A 18 8.87 0.29 -4.20
CA GLU A 18 10.29 0.37 -4.55
C GLU A 18 10.81 -1.00 -4.98
N CYS A 19 10.44 -2.03 -4.23
CA CYS A 19 10.87 -3.39 -4.54
C CYS A 19 10.19 -3.90 -5.80
N GLU A 20 8.95 -3.48 -6.01
CA GLU A 20 8.19 -3.90 -7.19
C GLU A 20 8.15 -2.80 -8.24
N TYR A 21 8.98 -1.79 -8.05
CA TYR A 21 9.04 -0.67 -8.99
C TYR A 21 9.80 -1.08 -10.24
N THR A 22 10.98 -1.65 -10.06
CA THR A 22 11.81 -2.08 -11.18
C THR A 22 11.08 -3.14 -12.00
N ASP A 23 10.16 -3.86 -11.35
CA ASP A 23 9.40 -4.90 -12.03
C ASP A 23 8.10 -4.33 -12.61
N TRP A 24 7.40 -3.54 -11.80
CA TRP A 24 6.14 -2.94 -12.24
C TRP A 24 6.26 -2.41 -13.67
N LYS A 25 7.28 -1.58 -13.90
CA LYS A 25 7.49 -1.00 -15.22
C LYS A 25 7.27 -2.05 -16.31
N SER A 26 7.48 -3.31 -15.95
CA SER A 26 7.30 -4.40 -16.90
C SER A 26 6.03 -5.19 -16.60
N SER A 27 5.78 -5.45 -15.32
CA SER A 27 4.59 -6.18 -14.91
C SER A 27 3.37 -5.27 -14.96
N GLY A 28 3.58 -4.03 -15.35
CA GLY A 28 2.48 -3.07 -15.44
C GLY A 28 1.37 -3.60 -16.34
N ALA A 29 1.62 -4.74 -16.97
CA ALA A 29 0.63 -5.35 -17.86
C ALA A 29 -0.14 -6.45 -17.14
N LEU A 30 0.16 -6.65 -15.86
CA LEU A 30 -0.52 -7.68 -15.08
C LEU A 30 -0.41 -7.39 -13.59
N ILE A 31 -0.08 -6.15 -13.25
CA ILE A 31 0.06 -5.75 -11.84
C ILE A 31 -1.32 -5.55 -11.19
N PRO A 32 -2.31 -5.07 -11.91
CA PRO A 32 -3.67 -4.84 -11.33
C PRO A 32 -4.27 -6.12 -10.75
N ALA A 33 -3.87 -7.26 -11.30
CA ALA A 33 -4.37 -8.55 -10.82
C ALA A 33 -4.02 -8.75 -9.35
N ILE A 34 -2.72 -8.85 -9.07
CA ILE A 34 -2.27 -9.04 -7.70
C ILE A 34 -2.79 -7.94 -6.79
N TYR A 35 -2.63 -6.70 -7.24
CA TYR A 35 -3.09 -5.55 -6.48
C TYR A 35 -4.47 -5.82 -5.88
N MET A 36 -5.41 -6.21 -6.73
CA MET A 36 -6.77 -6.49 -6.28
C MET A 36 -6.75 -7.43 -5.08
N LEU A 37 -6.31 -8.67 -5.30
CA LEU A 37 -6.26 -9.66 -4.24
C LEU A 37 -5.47 -9.13 -3.04
N VAL A 38 -4.60 -8.16 -3.29
CA VAL A 38 -3.79 -7.58 -2.21
C VAL A 38 -4.28 -6.18 -1.85
N PHE A 39 -5.43 -5.79 -2.40
CA PHE A 39 -5.99 -4.48 -2.13
C PHE A 39 -7.38 -4.58 -1.52
N LEU A 40 -8.06 -5.69 -1.78
CA LEU A 40 -9.40 -5.91 -1.24
C LEU A 40 -9.38 -7.00 -0.16
N LEU A 41 -8.20 -7.56 0.07
CA LEU A 41 -8.05 -8.61 1.08
C LEU A 41 -6.87 -8.27 1.98
N GLY A 42 -5.83 -7.71 1.39
CA GLY A 42 -4.65 -7.34 2.17
C GLY A 42 -4.70 -5.87 2.58
N THR A 43 -5.72 -5.16 2.10
CA THR A 43 -5.88 -3.75 2.44
C THR A 43 -7.33 -3.42 2.74
N THR A 44 -8.07 -4.42 3.21
CA THR A 44 -9.47 -4.23 3.54
C THR A 44 -9.81 -4.92 4.85
N GLY A 45 -9.47 -6.20 4.95
CA GLY A 45 -9.73 -6.97 6.16
C GLY A 45 -8.51 -6.98 7.07
N ASN A 46 -7.40 -6.45 6.56
CA ASN A 46 -6.16 -6.40 7.33
C ASN A 46 -6.15 -5.18 8.26
N GLY A 47 -6.41 -4.01 7.69
CA GLY A 47 -6.43 -2.78 8.47
C GLY A 47 -7.62 -2.75 9.41
N LEU A 48 -8.80 -3.05 8.87
CA LEU A 48 -10.01 -3.06 9.68
C LEU A 48 -9.84 -3.97 10.89
N VAL A 49 -9.37 -5.19 10.66
CA VAL A 49 -9.15 -6.13 11.74
C VAL A 49 -8.12 -5.60 12.73
N LEU A 50 -6.87 -5.53 12.30
CA LEU A 50 -5.80 -5.03 13.15
C LEU A 50 -6.23 -3.73 13.84
N TRP A 51 -7.20 -3.05 13.24
CA TRP A 51 -7.69 -1.80 13.81
C TRP A 51 -8.76 -2.06 14.86
N THR A 52 -9.70 -2.95 14.52
CA THR A 52 -10.78 -3.28 15.44
C THR A 52 -10.24 -4.09 16.62
N VAL A 53 -9.39 -5.07 16.33
CA VAL A 53 -8.81 -5.91 17.38
C VAL A 53 -8.04 -5.06 18.38
N PHE A 54 -7.35 -4.05 17.88
CA PHE A 54 -6.56 -3.17 18.74
C PHE A 54 -7.48 -2.36 19.66
N ARG A 55 -8.76 -2.33 19.31
CA ARG A 55 -9.74 -1.58 20.10
C ARG A 55 -10.68 -2.53 20.84
N LYS A 56 -10.47 -3.84 20.67
CA LYS A 56 -11.30 -4.82 21.34
C LYS A 56 -10.48 -5.60 22.36
N LYS A 57 -9.19 -5.74 22.09
CA LYS A 57 -8.30 -6.47 22.99
C LYS A 57 -7.55 -5.50 23.89
N GLY A 58 -7.31 -4.29 23.39
CA GLY A 58 -6.60 -3.27 24.16
C GLY A 58 -7.57 -2.42 24.96
N HIS A 59 -8.72 -2.12 24.37
CA HIS A 59 -9.72 -1.30 25.05
C HIS A 59 -10.41 -2.10 26.14
N HIS A 60 -10.38 -3.42 26.02
CA HIS A 60 -11.01 -4.28 27.01
C HIS A 60 -10.14 -4.39 28.26
N HIS A 61 -9.55 -3.28 28.66
CA HIS A 61 -8.69 -3.25 29.83
C HIS A 61 -9.49 -3.59 31.09
N HIS A 62 -10.47 -2.74 31.40
CA HIS A 62 -11.30 -2.96 32.58
C HIS A 62 -12.67 -2.30 32.40
N HIS A 63 -12.66 -0.97 32.34
CA HIS A 63 -13.91 -0.22 32.17
C HIS A 63 -14.08 0.21 30.71
N HIS A 64 -13.77 -0.70 29.78
CA HIS A 64 -13.89 -0.41 28.36
C HIS A 64 -13.31 0.97 28.05
N MET A 1 25.45 -0.81 -14.97
CA MET A 1 26.35 -1.03 -13.80
C MET A 1 25.90 -0.13 -12.65
N GLU A 2 26.57 -0.28 -11.51
CA GLU A 2 26.22 0.52 -10.34
C GLU A 2 27.21 1.68 -10.17
N GLU A 3 27.01 2.74 -10.95
CA GLU A 3 27.88 3.90 -10.88
C GLU A 3 27.90 4.47 -9.46
N GLY A 4 28.67 5.54 -9.28
CA GLY A 4 28.77 6.18 -7.98
C GLY A 4 27.82 7.37 -7.88
N GLY A 5 28.14 8.43 -8.62
CA GLY A 5 27.31 9.64 -8.62
C GLY A 5 25.94 9.36 -9.23
N ASP A 6 24.90 9.71 -8.49
CA ASP A 6 23.53 9.49 -8.98
C ASP A 6 22.56 10.40 -8.23
N PHE A 7 22.88 11.69 -8.17
CA PHE A 7 22.02 12.65 -7.50
C PHE A 7 20.59 12.56 -8.02
N ASP A 8 19.72 11.90 -7.25
CA ASP A 8 18.33 11.74 -7.64
C ASP A 8 17.41 11.97 -6.46
N ASN A 9 18.00 12.32 -5.32
CA ASN A 9 17.21 12.57 -4.11
C ASN A 9 16.12 11.52 -3.96
N TYR A 10 14.89 11.98 -3.74
CA TYR A 10 13.77 11.06 -3.57
C TYR A 10 14.16 9.89 -2.67
N TYR A 11 14.95 10.19 -1.63
CA TYR A 11 15.38 9.17 -0.70
C TYR A 11 15.82 7.91 -1.45
N GLY A 12 16.56 8.10 -2.54
CA GLY A 12 17.03 6.96 -3.33
C GLY A 12 15.90 5.97 -3.58
N ALA A 13 14.88 6.41 -4.31
CA ALA A 13 13.75 5.54 -4.61
C ALA A 13 13.33 5.70 -6.08
N ASP A 14 13.46 6.91 -6.60
CA ASP A 14 13.11 7.17 -7.99
C ASP A 14 14.23 6.76 -8.92
N ASN A 15 15.47 6.95 -8.47
CA ASN A 15 16.63 6.61 -9.28
C ASN A 15 16.51 5.18 -9.80
N GLN A 16 15.80 4.34 -9.04
CA GLN A 16 15.62 2.95 -9.44
C GLN A 16 14.30 2.77 -10.19
N SER A 17 13.48 3.82 -10.20
CA SER A 17 12.20 3.77 -10.88
C SER A 17 12.36 4.19 -12.34
N GLU A 18 13.01 5.32 -12.56
CA GLU A 18 13.22 5.81 -13.92
C GLU A 18 13.61 4.67 -14.85
N CYS A 19 14.21 3.62 -14.29
CA CYS A 19 14.61 2.47 -15.08
C CYS A 19 13.40 1.61 -15.43
N GLU A 20 12.49 1.44 -14.48
CA GLU A 20 11.30 0.64 -14.71
C GLU A 20 10.12 1.54 -15.08
N TYR A 21 10.37 2.85 -15.12
CA TYR A 21 9.32 3.80 -15.46
C TYR A 21 8.93 3.67 -16.93
N THR A 22 9.91 3.31 -17.75
CA THR A 22 9.66 3.15 -19.19
C THR A 22 8.99 1.80 -19.47
N ASP A 23 9.05 0.90 -18.50
CA ASP A 23 8.44 -0.42 -18.66
C ASP A 23 7.06 -0.45 -18.01
N TRP A 24 7.00 -0.10 -16.73
CA TRP A 24 5.73 -0.09 -16.00
C TRP A 24 4.63 0.52 -16.86
N LYS A 25 4.94 1.62 -17.52
CA LYS A 25 3.97 2.30 -18.38
C LYS A 25 3.31 1.30 -19.32
N SER A 26 4.08 0.31 -19.76
CA SER A 26 3.56 -0.71 -20.67
C SER A 26 3.13 -1.95 -19.90
N SER A 27 3.87 -2.26 -18.84
CA SER A 27 3.56 -3.44 -18.02
C SER A 27 2.62 -3.06 -16.89
N GLY A 28 2.00 -1.89 -17.00
CA GLY A 28 1.07 -1.43 -15.98
C GLY A 28 -0.33 -1.98 -16.22
N ALA A 29 -0.52 -2.59 -17.40
CA ALA A 29 -1.81 -3.16 -17.75
C ALA A 29 -1.86 -4.63 -17.38
N LEU A 30 -1.36 -4.95 -16.19
CA LEU A 30 -1.35 -6.33 -15.72
C LEU A 30 -0.89 -6.41 -14.26
N ILE A 31 -0.06 -5.45 -13.84
CA ILE A 31 0.44 -5.43 -12.48
C ILE A 31 -0.64 -5.02 -11.46
N PRO A 32 -1.55 -4.14 -11.84
CA PRO A 32 -2.63 -3.70 -10.91
C PRO A 32 -3.49 -4.86 -10.41
N ALA A 33 -3.66 -5.87 -11.26
CA ALA A 33 -4.45 -7.05 -10.91
C ALA A 33 -3.95 -7.64 -9.59
N ILE A 34 -2.74 -8.19 -9.61
CA ILE A 34 -2.16 -8.79 -8.42
C ILE A 34 -2.24 -7.82 -7.25
N TYR A 35 -1.93 -6.56 -7.51
CA TYR A 35 -1.98 -5.54 -6.47
C TYR A 35 -3.36 -5.50 -5.82
N MET A 36 -4.39 -5.30 -6.64
CA MET A 36 -5.75 -5.24 -6.14
C MET A 36 -6.15 -6.56 -5.50
N LEU A 37 -6.08 -7.64 -6.27
CA LEU A 37 -6.44 -8.95 -5.77
C LEU A 37 -5.76 -9.22 -4.43
N VAL A 38 -4.63 -8.57 -4.21
CA VAL A 38 -3.89 -8.75 -2.95
C VAL A 38 -4.26 -7.65 -1.95
N PHE A 39 -4.72 -6.51 -2.47
CA PHE A 39 -5.11 -5.40 -1.61
C PHE A 39 -6.47 -5.66 -0.98
N LEU A 40 -7.47 -5.86 -1.82
CA LEU A 40 -8.82 -6.11 -1.33
C LEU A 40 -8.87 -7.42 -0.56
N LEU A 41 -7.73 -8.08 -0.45
CA LEU A 41 -7.66 -9.36 0.27
C LEU A 41 -7.12 -9.15 1.68
N GLY A 42 -5.86 -8.74 1.78
CA GLY A 42 -5.24 -8.52 3.08
C GLY A 42 -5.40 -7.06 3.52
N THR A 43 -6.25 -6.32 2.81
CA THR A 43 -6.49 -4.92 3.14
C THR A 43 -7.97 -4.61 3.10
N THR A 44 -8.79 -5.59 3.46
CA THR A 44 -10.24 -5.41 3.46
C THR A 44 -10.83 -5.98 4.75
N GLY A 45 -10.48 -7.24 5.03
CA GLY A 45 -10.99 -7.90 6.24
C GLY A 45 -9.86 -8.09 7.26
N ASN A 46 -8.67 -7.60 6.91
CA ASN A 46 -7.52 -7.72 7.80
C ASN A 46 -7.26 -6.40 8.50
N GLY A 47 -6.96 -5.37 7.72
CA GLY A 47 -6.68 -4.04 8.28
C GLY A 47 -7.80 -3.62 9.22
N LEU A 48 -9.04 -3.85 8.80
CA LEU A 48 -10.20 -3.49 9.62
C LEU A 48 -10.15 -4.20 10.96
N VAL A 49 -9.97 -5.52 10.92
CA VAL A 49 -9.90 -6.32 12.14
C VAL A 49 -8.74 -5.85 13.01
N LEU A 50 -7.52 -6.09 12.54
CA LEU A 50 -6.33 -5.68 13.28
C LEU A 50 -6.48 -4.26 13.81
N TRP A 51 -7.30 -3.46 13.12
CA TRP A 51 -7.51 -2.08 13.53
C TRP A 51 -8.58 -2.00 14.62
N THR A 52 -9.68 -2.71 14.42
CA THR A 52 -10.76 -2.71 15.40
C THR A 52 -10.32 -3.41 16.68
N VAL A 53 -9.68 -4.56 16.53
CA VAL A 53 -9.21 -5.32 17.68
C VAL A 53 -8.26 -4.48 18.53
N PHE A 54 -7.30 -3.84 17.88
CA PHE A 54 -6.32 -3.01 18.59
C PHE A 54 -7.04 -1.95 19.43
N ARG A 55 -8.29 -1.70 19.11
CA ARG A 55 -9.08 -0.70 19.82
C ARG A 55 -10.02 -1.39 20.81
N LYS A 56 -10.13 -2.71 20.72
CA LYS A 56 -10.99 -3.46 21.63
C LYS A 56 -10.14 -4.22 22.63
N LYS A 57 -8.89 -4.49 22.26
CA LYS A 57 -7.99 -5.21 23.15
C LYS A 57 -7.23 -4.22 24.03
N GLY A 58 -7.07 -3.01 23.52
CA GLY A 58 -6.39 -1.96 24.28
C GLY A 58 -6.93 -1.93 25.69
N HIS A 59 -8.26 -1.86 25.78
CA HIS A 59 -8.92 -1.81 27.07
C HIS A 59 -10.43 -2.02 26.88
N HIS A 60 -10.80 -2.60 25.75
CA HIS A 60 -12.21 -2.87 25.45
C HIS A 60 -13.06 -1.68 25.89
N HIS A 61 -12.49 -0.48 25.80
CA HIS A 61 -13.22 0.72 26.19
C HIS A 61 -14.58 0.77 25.52
N HIS A 62 -15.43 1.68 25.97
CA HIS A 62 -16.77 1.82 25.41
C HIS A 62 -16.68 2.30 23.96
N HIS A 63 -16.46 3.60 23.79
CA HIS A 63 -16.36 4.17 22.45
C HIS A 63 -14.91 4.19 22.00
N HIS A 64 -14.18 3.13 22.32
CA HIS A 64 -12.78 3.03 21.94
C HIS A 64 -12.07 4.36 22.14
N MET A 1 10.12 3.46 7.31
CA MET A 1 10.89 2.18 7.31
C MET A 1 9.91 1.01 7.30
N GLU A 2 9.29 0.77 6.15
CA GLU A 2 8.33 -0.33 6.03
C GLU A 2 8.04 -0.61 4.56
N GLU A 3 9.02 -1.18 3.87
CA GLU A 3 8.85 -1.51 2.46
C GLU A 3 10.04 -2.31 1.94
N GLY A 4 10.49 -3.28 2.74
CA GLY A 4 11.61 -4.10 2.36
C GLY A 4 12.90 -3.62 3.03
N GLY A 5 13.56 -2.66 2.39
CA GLY A 5 14.81 -2.11 2.92
C GLY A 5 15.73 -3.23 3.41
N ASP A 6 16.75 -2.86 4.17
CA ASP A 6 17.69 -3.84 4.70
C ASP A 6 18.27 -3.37 6.03
N PHE A 7 17.40 -2.91 6.92
CA PHE A 7 17.82 -2.44 8.22
C PHE A 7 19.10 -1.60 8.10
N ASP A 8 19.13 -0.73 7.10
CA ASP A 8 20.28 0.13 6.88
C ASP A 8 19.88 1.42 6.18
N ASN A 9 18.74 1.97 6.60
CA ASN A 9 18.25 3.21 6.01
C ASN A 9 19.39 4.22 5.83
N TYR A 10 19.13 5.29 5.10
CA TYR A 10 20.13 6.31 4.87
C TYR A 10 21.36 5.72 4.19
N TYR A 11 21.97 6.49 3.29
CA TYR A 11 23.16 6.03 2.59
C TYR A 11 23.00 4.57 2.17
N GLY A 12 21.80 4.21 1.75
CA GLY A 12 21.52 2.84 1.32
C GLY A 12 20.03 2.56 1.32
N ALA A 13 19.24 3.60 1.07
CA ALA A 13 17.78 3.47 1.04
C ALA A 13 17.22 4.06 -0.25
N ASP A 14 17.93 5.04 -0.80
CA ASP A 14 17.48 5.69 -2.04
C ASP A 14 18.05 4.96 -3.25
N ASN A 15 19.24 4.39 -3.10
CA ASN A 15 19.86 3.65 -4.20
C ASN A 15 18.90 2.63 -4.78
N GLN A 16 17.98 2.15 -3.95
CA GLN A 16 17.01 1.16 -4.41
C GLN A 16 15.75 1.85 -4.92
N SER A 17 15.90 3.09 -5.36
CA SER A 17 14.76 3.84 -5.87
C SER A 17 15.15 4.60 -7.15
N GLU A 18 16.28 5.30 -7.09
CA GLU A 18 16.75 6.05 -8.25
C GLU A 18 16.96 5.13 -9.44
N CYS A 19 17.12 3.84 -9.17
CA CYS A 19 17.32 2.86 -10.23
C CYS A 19 16.03 2.11 -10.53
N GLU A 20 15.19 1.96 -9.51
CA GLU A 20 13.92 1.25 -9.67
C GLU A 20 12.84 2.22 -10.12
N TYR A 21 13.09 3.51 -9.97
CA TYR A 21 12.12 4.52 -10.37
C TYR A 21 11.97 4.56 -11.89
N THR A 22 13.07 4.36 -12.59
CA THR A 22 13.05 4.37 -14.05
C THR A 22 12.38 3.11 -14.58
N ASP A 23 12.30 2.09 -13.73
CA ASP A 23 11.68 0.83 -14.13
C ASP A 23 10.23 0.77 -13.68
N TRP A 24 10.00 0.96 -12.37
CA TRP A 24 8.65 0.94 -11.83
C TRP A 24 7.69 1.68 -12.75
N LYS A 25 8.14 2.81 -13.29
CA LYS A 25 7.31 3.60 -14.19
C LYS A 25 6.74 2.73 -15.30
N SER A 26 7.54 1.79 -15.78
CA SER A 26 7.11 0.90 -16.84
C SER A 26 6.62 -0.44 -16.27
N SER A 27 7.19 -0.84 -15.14
CA SER A 27 6.80 -2.09 -14.51
C SER A 27 5.71 -1.84 -13.47
N GLY A 28 5.13 -0.66 -13.50
CA GLY A 28 4.07 -0.31 -12.56
C GLY A 28 2.71 -0.79 -13.05
N ALA A 29 2.71 -1.43 -14.22
CA ALA A 29 1.47 -1.93 -14.81
C ALA A 29 1.36 -3.44 -14.62
N LEU A 30 1.74 -3.92 -13.44
CA LEU A 30 1.68 -5.35 -13.15
C LEU A 30 1.66 -5.59 -11.63
N ILE A 31 2.34 -4.72 -10.89
CA ILE A 31 2.39 -4.87 -9.43
C ILE A 31 1.04 -4.53 -8.80
N PRO A 32 0.32 -3.56 -9.31
CA PRO A 32 -1.00 -3.15 -8.75
C PRO A 32 -2.01 -4.29 -8.78
N ALA A 33 -1.92 -5.13 -9.81
CA ALA A 33 -2.84 -6.25 -9.94
C ALA A 33 -2.87 -7.08 -8.67
N ILE A 34 -1.78 -7.77 -8.38
CA ILE A 34 -1.70 -8.60 -7.19
C ILE A 34 -2.10 -7.79 -5.97
N TYR A 35 -1.54 -6.59 -5.85
CA TYR A 35 -1.83 -5.72 -4.72
C TYR A 35 -3.33 -5.54 -4.58
N MET A 36 -3.95 -4.93 -5.58
CA MET A 36 -5.40 -4.70 -5.56
C MET A 36 -6.14 -5.99 -5.25
N LEU A 37 -5.91 -7.01 -6.07
CA LEU A 37 -6.58 -8.29 -5.86
C LEU A 37 -6.45 -8.73 -4.41
N VAL A 38 -5.33 -8.37 -3.79
CA VAL A 38 -5.09 -8.76 -2.39
C VAL A 38 -5.47 -7.62 -1.45
N PHE A 39 -5.87 -6.49 -2.03
CA PHE A 39 -6.26 -5.33 -1.22
C PHE A 39 -7.76 -5.37 -0.93
N LEU A 40 -8.54 -5.73 -1.94
CA LEU A 40 -9.99 -5.79 -1.77
C LEU A 40 -10.38 -6.97 -0.89
N LEU A 41 -9.48 -7.93 -0.75
CA LEU A 41 -9.73 -9.11 0.09
C LEU A 41 -8.84 -9.10 1.32
N GLY A 42 -7.88 -8.18 1.33
CA GLY A 42 -6.95 -8.07 2.46
C GLY A 42 -7.24 -6.82 3.27
N THR A 43 -8.27 -6.08 2.87
CA THR A 43 -8.65 -4.85 3.57
C THR A 43 -10.14 -4.85 3.87
N THR A 44 -10.81 -5.96 3.59
CA THR A 44 -12.24 -6.08 3.82
C THR A 44 -12.52 -7.19 4.83
N GLY A 45 -11.77 -8.28 4.72
CA GLY A 45 -11.94 -9.42 5.62
C GLY A 45 -10.70 -9.61 6.49
N ASN A 46 -9.80 -8.64 6.44
CA ASN A 46 -8.57 -8.70 7.23
C ASN A 46 -8.31 -7.37 7.92
N GLY A 47 -8.36 -6.29 7.14
CA GLY A 47 -8.12 -4.96 7.70
C GLY A 47 -9.13 -4.64 8.79
N LEU A 48 -10.42 -4.84 8.50
CA LEU A 48 -11.47 -4.57 9.46
C LEU A 48 -11.14 -5.21 10.81
N VAL A 49 -10.82 -6.51 10.78
CA VAL A 49 -10.48 -7.23 11.99
C VAL A 49 -9.26 -6.62 12.65
N LEU A 50 -8.11 -6.77 12.01
CA LEU A 50 -6.86 -6.22 12.54
C LEU A 50 -7.05 -4.76 12.93
N TRP A 51 -8.06 -4.12 12.35
CA TRP A 51 -8.33 -2.72 12.65
C TRP A 51 -9.20 -2.60 13.90
N THR A 52 -10.22 -3.46 13.98
CA THR A 52 -11.12 -3.45 15.14
C THR A 52 -10.38 -3.93 16.39
N VAL A 53 -9.60 -4.98 16.24
CA VAL A 53 -8.84 -5.52 17.37
C VAL A 53 -7.81 -4.52 17.85
N PHE A 54 -7.02 -3.99 16.93
CA PHE A 54 -5.99 -3.02 17.28
C PHE A 54 -6.58 -1.91 18.15
N ARG A 55 -7.91 -1.86 18.21
CA ARG A 55 -8.58 -0.85 19.01
C ARG A 55 -9.11 -1.46 20.32
N LYS A 56 -9.29 -2.78 20.32
CA LYS A 56 -9.77 -3.47 21.51
C LYS A 56 -8.61 -3.99 22.34
N LYS A 57 -7.50 -4.30 21.68
CA LYS A 57 -6.32 -4.81 22.37
C LYS A 57 -5.29 -3.70 22.54
N GLY A 58 -5.50 -2.59 21.86
CA GLY A 58 -4.58 -1.46 21.95
C GLY A 58 -4.90 -0.58 23.16
N HIS A 59 -6.18 -0.49 23.48
CA HIS A 59 -6.62 0.32 24.62
C HIS A 59 -5.94 -0.16 25.91
N HIS A 60 -5.28 -1.31 25.83
CA HIS A 60 -4.59 -1.87 26.99
C HIS A 60 -3.30 -2.56 26.56
N HIS A 61 -2.20 -1.82 26.58
CA HIS A 61 -0.91 -2.38 26.19
C HIS A 61 -0.10 -2.76 27.44
N HIS A 62 -0.69 -3.60 28.28
CA HIS A 62 -0.01 -4.02 29.50
C HIS A 62 0.33 -2.83 30.38
N HIS A 63 -0.25 -2.80 31.57
CA HIS A 63 0.00 -1.70 32.51
C HIS A 63 -0.18 -0.36 31.80
N HIS A 64 -1.20 -0.28 30.97
CA HIS A 64 -1.48 0.95 30.23
C HIS A 64 -0.20 1.57 29.69
#